data_6FLH
# 
_entry.id   6FLH 
# 
_audit_conform.dict_name       mmcif_pdbx.dic 
_audit_conform.dict_version    5.383 
_audit_conform.dict_location   http://mmcif.pdb.org/dictionaries/ascii/mmcif_pdbx.dic 
# 
loop_
_database_2.database_id 
_database_2.database_code 
_database_2.pdbx_database_accession 
_database_2.pdbx_DOI 
PDB   6FLH         pdb_00006flh 10.2210/pdb6flh/pdb 
WWPDB D_1200008542 ?            ?                   
# 
loop_
_pdbx_audit_revision_history.ordinal 
_pdbx_audit_revision_history.data_content_type 
_pdbx_audit_revision_history.major_revision 
_pdbx_audit_revision_history.minor_revision 
_pdbx_audit_revision_history.revision_date 
1 'Structure model' 1 0 2018-11-07 
2 'Structure model' 1 1 2019-04-24 
3 'Structure model' 1 2 2019-10-16 
4 'Structure model' 1 3 2024-01-17 
# 
_pdbx_audit_revision_details.ordinal             1 
_pdbx_audit_revision_details.revision_ordinal    1 
_pdbx_audit_revision_details.data_content_type   'Structure model' 
_pdbx_audit_revision_details.provider            repository 
_pdbx_audit_revision_details.type                'Initial release' 
_pdbx_audit_revision_details.description         ? 
_pdbx_audit_revision_details.details             ? 
# 
loop_
_pdbx_audit_revision_group.ordinal 
_pdbx_audit_revision_group.revision_ordinal 
_pdbx_audit_revision_group.data_content_type 
_pdbx_audit_revision_group.group 
1 2 'Structure model' Advisory                 
2 2 'Structure model' 'Data collection'        
3 2 'Structure model' 'Database references'    
4 3 'Structure model' 'Data collection'        
5 4 'Structure model' 'Data collection'        
6 4 'Structure model' 'Database references'    
7 4 'Structure model' 'Refinement description' 
# 
loop_
_pdbx_audit_revision_category.ordinal 
_pdbx_audit_revision_category.revision_ordinal 
_pdbx_audit_revision_category.data_content_type 
_pdbx_audit_revision_category.category 
1 2 'Structure model' citation                      
2 2 'Structure model' pdbx_database_proc            
3 2 'Structure model' pdbx_validate_close_contact   
4 3 'Structure model' reflns_shell                  
5 4 'Structure model' chem_comp_atom                
6 4 'Structure model' chem_comp_bond                
7 4 'Structure model' database_2                    
8 4 'Structure model' pdbx_initial_refinement_model 
# 
loop_
_pdbx_audit_revision_item.ordinal 
_pdbx_audit_revision_item.revision_ordinal 
_pdbx_audit_revision_item.data_content_type 
_pdbx_audit_revision_item.item 
1 2 'Structure model' '_citation.journal_abbrev'            
2 2 'Structure model' '_citation.journal_volume'            
3 2 'Structure model' '_citation.page_first'                
4 2 'Structure model' '_citation.page_last'                 
5 2 'Structure model' '_citation.title'                     
6 3 'Structure model' '_reflns_shell.d_res_high'            
7 3 'Structure model' '_reflns_shell.d_res_low'             
8 4 'Structure model' '_database_2.pdbx_DOI'                
9 4 'Structure model' '_database_2.pdbx_database_accession' 
# 
_pdbx_database_status.status_code                     REL 
_pdbx_database_status.status_code_sf                  REL 
_pdbx_database_status.status_code_mr                  ? 
_pdbx_database_status.entry_id                        6FLH 
_pdbx_database_status.recvd_initial_deposition_date   2018-01-25 
_pdbx_database_status.SG_entry                        N 
_pdbx_database_status.deposit_site                    PDBE 
_pdbx_database_status.process_site                    PDBE 
_pdbx_database_status.status_code_cs                  ? 
_pdbx_database_status.methods_development_category    ? 
_pdbx_database_status.pdb_format_compatible           Y 
_pdbx_database_status.status_code_nmr_data            ? 
# 
loop_
_audit_author.name 
_audit_author.pdbx_ordinal 
_audit_author.identifier_ORCID 
'Wang, H.'      1 ? 
'Yang, F.'      2 ? 
'Logan, D.'     3 ? 
'Oliveberg, M.' 4 ? 
# 
_citation.abstract                  ? 
_citation.abstract_id_CAS           ? 
_citation.book_id_ISBN              ? 
_citation.book_publisher            ? 
_citation.book_publisher_city       ? 
_citation.book_title                ? 
_citation.coordinate_linkage        ? 
_citation.country                   US 
_citation.database_id_Medline       ? 
_citation.details                   ? 
_citation.id                        primary 
_citation.journal_abbrev            J.Am.Chem.Soc. 
_citation.journal_id_ASTM           JACSAT 
_citation.journal_id_CSD            ? 
_citation.journal_id_ISSN           1520-5126 
_citation.journal_full              ? 
_citation.journal_issue             ? 
_citation.journal_volume            140 
_citation.language                  ? 
_citation.page_first                16570 
_citation.page_last                 16579 
_citation.title                     'The Cost of Long Catalytic Loops in Folding and Stability of the ALS-Associated Protein SOD1.' 
_citation.year                      2018 
_citation.database_id_CSD           ? 
_citation.pdbx_database_id_DOI      10.1021/jacs.8b08141 
_citation.pdbx_database_id_PubMed   30359015 
_citation.unpublished_flag          ? 
# 
loop_
_citation_author.citation_id 
_citation_author.name 
_citation_author.ordinal 
_citation_author.identifier_ORCID 
primary 'Yang, F.'       1 ? 
primary 'Wang, H.'       2 ? 
primary 'Logan, D.T.'    3 ? 
primary 'Mu, X.'         4 ? 
primary 'Danielsson, J.' 5 ? 
primary 'Oliveberg, M.'  6 ? 
# 
loop_
_entity.id 
_entity.type 
_entity.src_method 
_entity.pdbx_description 
_entity.formula_weight 
_entity.pdbx_number_of_molecules 
_entity.pdbx_ec 
_entity.pdbx_mutation 
_entity.pdbx_fragment 
_entity.details 
1 polymer     man 'Superoxide dismutase [Cu-Zn]' 11887.126 1  1.15.1.1 ? ? ? 
2 non-polymer syn 'SULFATE ION'                  96.063    1  ?        ? ? ? 
3 non-polymer syn GLYCEROL                       92.094    1  ?        ? ? ? 
4 water       nat water                          18.015    94 ?        ? ? ? 
# 
_entity_name_com.entity_id   1 
_entity_name_com.name        'Superoxide dismutase 1,hSod1' 
# 
_entity_poly.entity_id                      1 
_entity_poly.type                           'polypeptide(L)' 
_entity_poly.nstd_linkage                   no 
_entity_poly.nstd_monomer                   no 
_entity_poly.pdbx_seq_one_letter_code       
;ATKAVAVLKGDGPVQGIINFEQKESNGPVKVWGSIKGLTEGLHGFHVHEEGAGHVGDLGNVTADKDGVADVSIEDSVISL
SGDHSIIGRTLVVHEKADDGAGGNAGSRLASGVIGIAQ
;
_entity_poly.pdbx_seq_one_letter_code_can   
;ATKAVAVLKGDGPVQGIINFEQKESNGPVKVWGSIKGLTEGLHGFHVHEEGAGHVGDLGNVTADKDGVADVSIEDSVISL
SGDHSIIGRTLVVHEKADDGAGGNAGSRLASGVIGIAQ
;
_entity_poly.pdbx_strand_id                 A 
_entity_poly.pdbx_target_identifier         ? 
# 
loop_
_pdbx_entity_nonpoly.entity_id 
_pdbx_entity_nonpoly.name 
_pdbx_entity_nonpoly.comp_id 
2 'SULFATE ION' SO4 
3 GLYCEROL      GOL 
4 water         HOH 
# 
loop_
_entity_poly_seq.entity_id 
_entity_poly_seq.num 
_entity_poly_seq.mon_id 
_entity_poly_seq.hetero 
1 1   ALA n 
1 2   THR n 
1 3   LYS n 
1 4   ALA n 
1 5   VAL n 
1 6   ALA n 
1 7   VAL n 
1 8   LEU n 
1 9   LYS n 
1 10  GLY n 
1 11  ASP n 
1 12  GLY n 
1 13  PRO n 
1 14  VAL n 
1 15  GLN n 
1 16  GLY n 
1 17  ILE n 
1 18  ILE n 
1 19  ASN n 
1 20  PHE n 
1 21  GLU n 
1 22  GLN n 
1 23  LYS n 
1 24  GLU n 
1 25  SER n 
1 26  ASN n 
1 27  GLY n 
1 28  PRO n 
1 29  VAL n 
1 30  LYS n 
1 31  VAL n 
1 32  TRP n 
1 33  GLY n 
1 34  SER n 
1 35  ILE n 
1 36  LYS n 
1 37  GLY n 
1 38  LEU n 
1 39  THR n 
1 40  GLU n 
1 41  GLY n 
1 42  LEU n 
1 43  HIS n 
1 44  GLY n 
1 45  PHE n 
1 46  HIS n 
1 47  VAL n 
1 48  HIS n 
1 49  GLU n 
1 50  GLU n 
1 51  GLY n 
1 52  ALA n 
1 53  GLY n 
1 54  HIS n 
1 55  VAL n 
1 56  GLY n 
1 57  ASP n 
1 58  LEU n 
1 59  GLY n 
1 60  ASN n 
1 61  VAL n 
1 62  THR n 
1 63  ALA n 
1 64  ASP n 
1 65  LYS n 
1 66  ASP n 
1 67  GLY n 
1 68  VAL n 
1 69  ALA n 
1 70  ASP n 
1 71  VAL n 
1 72  SER n 
1 73  ILE n 
1 74  GLU n 
1 75  ASP n 
1 76  SER n 
1 77  VAL n 
1 78  ILE n 
1 79  SER n 
1 80  LEU n 
1 81  SER n 
1 82  GLY n 
1 83  ASP n 
1 84  HIS n 
1 85  SER n 
1 86  ILE n 
1 87  ILE n 
1 88  GLY n 
1 89  ARG n 
1 90  THR n 
1 91  LEU n 
1 92  VAL n 
1 93  VAL n 
1 94  HIS n 
1 95  GLU n 
1 96  LYS n 
1 97  ALA n 
1 98  ASP n 
1 99  ASP n 
1 100 GLY n 
1 101 ALA n 
1 102 GLY n 
1 103 GLY n 
1 104 ASN n 
1 105 ALA n 
1 106 GLY n 
1 107 SER n 
1 108 ARG n 
1 109 LEU n 
1 110 ALA n 
1 111 SER n 
1 112 GLY n 
1 113 VAL n 
1 114 ILE n 
1 115 GLY n 
1 116 ILE n 
1 117 ALA n 
1 118 GLN n 
# 
_entity_src_gen.entity_id                          1 
_entity_src_gen.pdbx_src_id                        1 
_entity_src_gen.pdbx_alt_source_flag               sample 
_entity_src_gen.pdbx_seq_type                      'Biological sequence' 
_entity_src_gen.pdbx_beg_seq_num                   1 
_entity_src_gen.pdbx_end_seq_num                   118 
_entity_src_gen.gene_src_common_name               Human 
_entity_src_gen.gene_src_genus                     ? 
_entity_src_gen.pdbx_gene_src_gene                 SOD1 
_entity_src_gen.gene_src_species                   ? 
_entity_src_gen.gene_src_strain                    ? 
_entity_src_gen.gene_src_tissue                    ? 
_entity_src_gen.gene_src_tissue_fraction           ? 
_entity_src_gen.gene_src_details                   ? 
_entity_src_gen.pdbx_gene_src_fragment             ? 
_entity_src_gen.pdbx_gene_src_scientific_name      'Homo sapiens' 
_entity_src_gen.pdbx_gene_src_ncbi_taxonomy_id     9606 
_entity_src_gen.pdbx_gene_src_variant              ? 
_entity_src_gen.pdbx_gene_src_cell_line            ? 
_entity_src_gen.pdbx_gene_src_atcc                 ? 
_entity_src_gen.pdbx_gene_src_organ                ? 
_entity_src_gen.pdbx_gene_src_organelle            ? 
_entity_src_gen.pdbx_gene_src_cell                 ? 
_entity_src_gen.pdbx_gene_src_cellular_location    ? 
_entity_src_gen.host_org_common_name               ? 
_entity_src_gen.pdbx_host_org_scientific_name      'Escherichia coli K-12' 
_entity_src_gen.pdbx_host_org_ncbi_taxonomy_id     83333 
_entity_src_gen.host_org_genus                     ? 
_entity_src_gen.pdbx_host_org_gene                 ? 
_entity_src_gen.pdbx_host_org_organ                ? 
_entity_src_gen.host_org_species                   ? 
_entity_src_gen.pdbx_host_org_tissue               ? 
_entity_src_gen.pdbx_host_org_tissue_fraction      ? 
_entity_src_gen.pdbx_host_org_strain               ? 
_entity_src_gen.pdbx_host_org_variant              ? 
_entity_src_gen.pdbx_host_org_cell_line            ? 
_entity_src_gen.pdbx_host_org_atcc                 ? 
_entity_src_gen.pdbx_host_org_culture_collection   ? 
_entity_src_gen.pdbx_host_org_cell                 ? 
_entity_src_gen.pdbx_host_org_organelle            ? 
_entity_src_gen.pdbx_host_org_cellular_location    ? 
_entity_src_gen.pdbx_host_org_vector_type          ? 
_entity_src_gen.pdbx_host_org_vector               ? 
_entity_src_gen.host_org_details                   ? 
_entity_src_gen.expression_system_id               ? 
_entity_src_gen.plasmid_name                       ? 
_entity_src_gen.plasmid_details                    ? 
_entity_src_gen.pdbx_description                   ? 
# 
loop_
_chem_comp.id 
_chem_comp.type 
_chem_comp.mon_nstd_flag 
_chem_comp.name 
_chem_comp.pdbx_synonyms 
_chem_comp.formula 
_chem_comp.formula_weight 
ALA 'L-peptide linking' y ALANINE         ?                               'C3 H7 N O2'     89.093  
ARG 'L-peptide linking' y ARGININE        ?                               'C6 H15 N4 O2 1' 175.209 
ASN 'L-peptide linking' y ASPARAGINE      ?                               'C4 H8 N2 O3'    132.118 
ASP 'L-peptide linking' y 'ASPARTIC ACID' ?                               'C4 H7 N O4'     133.103 
CYS 'L-peptide linking' y CYSTEINE        ?                               'C3 H7 N O2 S'   121.158 
GLN 'L-peptide linking' y GLUTAMINE       ?                               'C5 H10 N2 O3'   146.144 
GLU 'L-peptide linking' y 'GLUTAMIC ACID' ?                               'C5 H9 N O4'     147.129 
GLY 'peptide linking'   y GLYCINE         ?                               'C2 H5 N O2'     75.067  
GOL non-polymer         . GLYCEROL        'GLYCERIN; PROPANE-1,2,3-TRIOL' 'C3 H8 O3'       92.094  
HIS 'L-peptide linking' y HISTIDINE       ?                               'C6 H10 N3 O2 1' 156.162 
HOH non-polymer         . WATER           ?                               'H2 O'           18.015  
ILE 'L-peptide linking' y ISOLEUCINE      ?                               'C6 H13 N O2'    131.173 
LEU 'L-peptide linking' y LEUCINE         ?                               'C6 H13 N O2'    131.173 
LYS 'L-peptide linking' y LYSINE          ?                               'C6 H15 N2 O2 1' 147.195 
PHE 'L-peptide linking' y PHENYLALANINE   ?                               'C9 H11 N O2'    165.189 
PRO 'L-peptide linking' y PROLINE         ?                               'C5 H9 N O2'     115.130 
SER 'L-peptide linking' y SERINE          ?                               'C3 H7 N O3'     105.093 
SO4 non-polymer         . 'SULFATE ION'   ?                               'O4 S -2'        96.063  
THR 'L-peptide linking' y THREONINE       ?                               'C4 H9 N O3'     119.119 
TRP 'L-peptide linking' y TRYPTOPHAN      ?                               'C11 H12 N2 O2'  204.225 
VAL 'L-peptide linking' y VALINE          ?                               'C5 H11 N O2'    117.146 
# 
loop_
_pdbx_poly_seq_scheme.asym_id 
_pdbx_poly_seq_scheme.entity_id 
_pdbx_poly_seq_scheme.seq_id 
_pdbx_poly_seq_scheme.mon_id 
_pdbx_poly_seq_scheme.ndb_seq_num 
_pdbx_poly_seq_scheme.pdb_seq_num 
_pdbx_poly_seq_scheme.auth_seq_num 
_pdbx_poly_seq_scheme.pdb_mon_id 
_pdbx_poly_seq_scheme.auth_mon_id 
_pdbx_poly_seq_scheme.pdb_strand_id 
_pdbx_poly_seq_scheme.pdb_ins_code 
_pdbx_poly_seq_scheme.hetero 
A 1 1   ALA 1   1   1   ALA ALA A . n 
A 1 2   THR 2   2   2   THR THR A . n 
A 1 3   LYS 3   3   3   LYS LYS A . n 
A 1 4   ALA 4   4   4   ALA ALA A . n 
A 1 5   VAL 5   5   5   VAL VAL A . n 
A 1 6   ALA 6   6   6   ALA ALA A . n 
A 1 7   VAL 7   7   7   VAL VAL A . n 
A 1 8   LEU 8   8   8   LEU LEU A . n 
A 1 9   LYS 9   9   9   LYS LYS A . n 
A 1 10  GLY 10  10  10  GLY GLY A . n 
A 1 11  ASP 11  11  11  ASP ASP A . n 
A 1 12  GLY 12  12  12  GLY GLY A . n 
A 1 13  PRO 13  13  13  PRO PRO A . n 
A 1 14  VAL 14  14  14  VAL VAL A . n 
A 1 15  GLN 15  15  15  GLN GLN A . n 
A 1 16  GLY 16  16  16  GLY GLY A . n 
A 1 17  ILE 17  17  17  ILE ILE A . n 
A 1 18  ILE 18  18  18  ILE ILE A . n 
A 1 19  ASN 19  19  19  ASN ASN A . n 
A 1 20  PHE 20  20  20  PHE PHE A . n 
A 1 21  GLU 21  21  21  GLU GLU A . n 
A 1 22  GLN 22  22  22  GLN GLN A . n 
A 1 23  LYS 23  23  23  LYS LYS A . n 
A 1 24  GLU 24  24  24  GLU GLU A . n 
A 1 25  SER 25  25  25  SER SER A . n 
A 1 26  ASN 26  26  26  ASN ASN A . n 
A 1 27  GLY 27  27  27  GLY GLY A . n 
A 1 28  PRO 28  28  28  PRO PRO A . n 
A 1 29  VAL 29  29  29  VAL VAL A . n 
A 1 30  LYS 30  30  30  LYS LYS A . n 
A 1 31  VAL 31  31  31  VAL VAL A . n 
A 1 32  TRP 32  32  32  TRP TRP A . n 
A 1 33  GLY 33  33  33  GLY GLY A . n 
A 1 34  SER 34  34  34  SER SER A . n 
A 1 35  ILE 35  35  35  ILE ILE A . n 
A 1 36  LYS 36  36  36  LYS LYS A . n 
A 1 37  GLY 37  37  37  GLY GLY A . n 
A 1 38  LEU 38  38  38  LEU LEU A . n 
A 1 39  THR 39  39  39  THR THR A . n 
A 1 40  GLU 40  40  40  GLU GLU A . n 
A 1 41  GLY 41  41  41  GLY GLY A . n 
A 1 42  LEU 42  42  42  LEU LEU A . n 
A 1 43  HIS 43  43  43  HIS HIS A . n 
A 1 44  GLY 44  44  44  GLY GLY A . n 
A 1 45  PHE 45  45  45  PHE PHE A . n 
A 1 46  HIS 46  46  46  HIS HIS A . n 
A 1 47  VAL 47  47  47  VAL VAL A . n 
A 1 48  HIS 48  48  48  HIS HIS A . n 
A 1 49  GLU 49  49  49  GLU GLU A . n 
A 1 50  GLU 50  50  50  GLU GLU A . n 
A 1 51  GLY 51  51  51  GLY GLY A . n 
A 1 52  ALA 52  52  52  ALA ALA A . n 
A 1 53  GLY 53  53  53  GLY GLY A . n 
A 1 54  HIS 54  54  54  HIS HIS A . n 
A 1 55  VAL 55  55  55  VAL VAL A . n 
A 1 56  GLY 56  56  56  GLY GLY A . n 
A 1 57  ASP 57  57  57  ASP ASP A . n 
A 1 58  LEU 58  58  58  LEU LEU A . n 
A 1 59  GLY 59  59  59  GLY GLY A . n 
A 1 60  ASN 60  60  60  ASN ASN A . n 
A 1 61  VAL 61  61  61  VAL VAL A . n 
A 1 62  THR 62  62  62  THR THR A . n 
A 1 63  ALA 63  63  63  ALA ALA A . n 
A 1 64  ASP 64  64  64  ASP ASP A . n 
A 1 65  LYS 65  65  65  LYS LYS A . n 
A 1 66  ASP 66  66  66  ASP ASP A . n 
A 1 67  GLY 67  67  67  GLY GLY A . n 
A 1 68  VAL 68  68  68  VAL VAL A . n 
A 1 69  ALA 69  69  69  ALA ALA A . n 
A 1 70  ASP 70  70  70  ASP ASP A . n 
A 1 71  VAL 71  71  71  VAL VAL A . n 
A 1 72  SER 72  72  72  SER SER A . n 
A 1 73  ILE 73  73  73  ILE ILE A . n 
A 1 74  GLU 74  74  74  GLU GLU A . n 
A 1 75  ASP 75  75  75  ASP ASP A . n 
A 1 76  SER 76  76  76  SER SER A . n 
A 1 77  VAL 77  77  77  VAL VAL A . n 
A 1 78  ILE 78  78  78  ILE ILE A . n 
A 1 79  SER 79  79  79  SER SER A . n 
A 1 80  LEU 80  80  80  LEU LEU A . n 
A 1 81  SER 81  81  81  SER SER A . n 
A 1 82  GLY 82  82  82  GLY GLY A . n 
A 1 83  ASP 83  83  83  ASP ASP A . n 
A 1 84  HIS 84  84  84  HIS HIS A . n 
A 1 85  SER 85  85  85  SER SER A . n 
A 1 86  ILE 86  86  86  ILE ILE A . n 
A 1 87  ILE 87  87  87  ILE ILE A . n 
A 1 88  GLY 88  88  88  GLY GLY A . n 
A 1 89  ARG 89  89  89  ARG ARG A . n 
A 1 90  THR 90  90  90  THR THR A . n 
A 1 91  LEU 91  91  91  LEU LEU A . n 
A 1 92  VAL 92  92  92  VAL VAL A . n 
A 1 93  VAL 93  93  93  VAL VAL A . n 
A 1 94  HIS 94  94  94  HIS HIS A . n 
A 1 95  GLU 95  95  95  GLU GLU A . n 
A 1 96  LYS 96  96  96  LYS LYS A . n 
A 1 97  ALA 97  97  97  ALA ALA A . n 
A 1 98  ASP 98  98  98  ASP ASP A . n 
A 1 99  ASP 99  99  99  ASP ASP A . n 
A 1 100 GLY 100 100 100 GLY GLY A . n 
A 1 101 ALA 101 101 101 ALA ALA A . n 
A 1 102 GLY 102 102 102 GLY GLY A . n 
A 1 103 GLY 103 103 103 GLY GLY A . n 
A 1 104 ASN 104 104 104 ASN ASN A . n 
A 1 105 ALA 105 105 105 ALA ALA A . n 
A 1 106 GLY 106 106 106 GLY GLY A . n 
A 1 107 SER 107 107 107 SER SER A . n 
A 1 108 ARG 108 108 108 ARG ARG A . n 
A 1 109 LEU 109 109 109 LEU LEU A . n 
A 1 110 ALA 110 110 110 ALA ALA A . n 
A 1 111 SER 111 111 111 SER SER A . n 
A 1 112 GLY 112 112 112 GLY GLY A . n 
A 1 113 VAL 113 113 113 VAL VAL A . n 
A 1 114 ILE 114 114 114 ILE ILE A . n 
A 1 115 GLY 115 115 115 GLY GLY A . n 
A 1 116 ILE 116 116 116 ILE ILE A . n 
A 1 117 ALA 117 117 117 ALA ALA A . n 
A 1 118 GLN 118 118 118 GLN GLN A . n 
# 
loop_
_pdbx_nonpoly_scheme.asym_id 
_pdbx_nonpoly_scheme.entity_id 
_pdbx_nonpoly_scheme.mon_id 
_pdbx_nonpoly_scheme.ndb_seq_num 
_pdbx_nonpoly_scheme.pdb_seq_num 
_pdbx_nonpoly_scheme.auth_seq_num 
_pdbx_nonpoly_scheme.pdb_mon_id 
_pdbx_nonpoly_scheme.auth_mon_id 
_pdbx_nonpoly_scheme.pdb_strand_id 
_pdbx_nonpoly_scheme.pdb_ins_code 
B 2 SO4 1  201 1  SO4 SO4 A . 
C 3 GOL 1  202 1  GOL GOL A . 
D 4 HOH 1  301 68 HOH HOH A . 
D 4 HOH 2  302 50 HOH HOH A . 
D 4 HOH 3  303 79 HOH HOH A . 
D 4 HOH 4  304 31 HOH HOH A . 
D 4 HOH 5  305 81 HOH HOH A . 
D 4 HOH 6  306 35 HOH HOH A . 
D 4 HOH 7  307 22 HOH HOH A . 
D 4 HOH 8  308 1  HOH HOH A . 
D 4 HOH 9  309 19 HOH HOH A . 
D 4 HOH 10 310 39 HOH HOH A . 
D 4 HOH 11 311 29 HOH HOH A . 
D 4 HOH 12 312 30 HOH HOH A . 
D 4 HOH 13 313 90 HOH HOH A . 
D 4 HOH 14 314 44 HOH HOH A . 
D 4 HOH 15 315 34 HOH HOH A . 
D 4 HOH 16 316 32 HOH HOH A . 
D 4 HOH 17 317 85 HOH HOH A . 
D 4 HOH 18 318 64 HOH HOH A . 
D 4 HOH 19 319 49 HOH HOH A . 
D 4 HOH 20 320 33 HOH HOH A . 
D 4 HOH 21 321 52 HOH HOH A . 
D 4 HOH 22 322 84 HOH HOH A . 
D 4 HOH 23 323 51 HOH HOH A . 
D 4 HOH 24 324 8  HOH HOH A . 
D 4 HOH 25 325 82 HOH HOH A . 
D 4 HOH 26 326 87 HOH HOH A . 
D 4 HOH 27 327 66 HOH HOH A . 
D 4 HOH 28 328 17 HOH HOH A . 
D 4 HOH 29 329 70 HOH HOH A . 
D 4 HOH 30 330 26 HOH HOH A . 
D 4 HOH 31 331 15 HOH HOH A . 
D 4 HOH 32 332 48 HOH HOH A . 
D 4 HOH 33 333 40 HOH HOH A . 
D 4 HOH 34 334 2  HOH HOH A . 
D 4 HOH 35 335 78 HOH HOH A . 
D 4 HOH 36 336 69 HOH HOH A . 
D 4 HOH 37 337 45 HOH HOH A . 
D 4 HOH 38 338 7  HOH HOH A . 
D 4 HOH 39 339 4  HOH HOH A . 
D 4 HOH 40 340 21 HOH HOH A . 
D 4 HOH 41 341 88 HOH HOH A . 
D 4 HOH 42 342 27 HOH HOH A . 
D 4 HOH 43 343 11 HOH HOH A . 
D 4 HOH 44 344 16 HOH HOH A . 
D 4 HOH 45 345 28 HOH HOH A . 
D 4 HOH 46 346 14 HOH HOH A . 
D 4 HOH 47 347 20 HOH HOH A . 
D 4 HOH 48 348 53 HOH HOH A . 
D 4 HOH 49 349 6  HOH HOH A . 
D 4 HOH 50 350 47 HOH HOH A . 
D 4 HOH 51 351 10 HOH HOH A . 
D 4 HOH 52 352 37 HOH HOH A . 
D 4 HOH 53 353 13 HOH HOH A . 
D 4 HOH 54 354 25 HOH HOH A . 
D 4 HOH 55 355 76 HOH HOH A . 
D 4 HOH 56 356 3  HOH HOH A . 
D 4 HOH 57 357 46 HOH HOH A . 
D 4 HOH 58 358 12 HOH HOH A . 
D 4 HOH 59 359 63 HOH HOH A . 
D 4 HOH 60 360 74 HOH HOH A . 
D 4 HOH 61 361 9  HOH HOH A . 
D 4 HOH 62 362 38 HOH HOH A . 
D 4 HOH 63 363 65 HOH HOH A . 
D 4 HOH 64 364 23 HOH HOH A . 
D 4 HOH 65 365 93 HOH HOH A . 
D 4 HOH 66 366 43 HOH HOH A . 
D 4 HOH 67 367 54 HOH HOH A . 
D 4 HOH 68 368 5  HOH HOH A . 
D 4 HOH 69 369 36 HOH HOH A . 
D 4 HOH 70 370 71 HOH HOH A . 
D 4 HOH 71 371 67 HOH HOH A . 
D 4 HOH 72 372 18 HOH HOH A . 
D 4 HOH 73 373 72 HOH HOH A . 
D 4 HOH 74 374 55 HOH HOH A . 
D 4 HOH 75 375 24 HOH HOH A . 
D 4 HOH 76 376 75 HOH HOH A . 
D 4 HOH 77 377 62 HOH HOH A . 
D 4 HOH 78 378 42 HOH HOH A . 
D 4 HOH 79 379 56 HOH HOH A . 
D 4 HOH 80 380 92 HOH HOH A . 
D 4 HOH 81 381 86 HOH HOH A . 
D 4 HOH 82 382 57 HOH HOH A . 
D 4 HOH 83 383 80 HOH HOH A . 
D 4 HOH 84 384 91 HOH HOH A . 
D 4 HOH 85 385 58 HOH HOH A . 
D 4 HOH 86 386 59 HOH HOH A . 
D 4 HOH 87 387 60 HOH HOH A . 
D 4 HOH 88 388 61 HOH HOH A . 
D 4 HOH 89 389 83 HOH HOH A . 
D 4 HOH 90 390 89 HOH HOH A . 
D 4 HOH 91 391 41 HOH HOH A . 
D 4 HOH 92 392 73 HOH HOH A . 
D 4 HOH 93 393 94 HOH HOH A . 
D 4 HOH 94 394 77 HOH HOH A . 
# 
loop_
_software.citation_id 
_software.classification 
_software.compiler_name 
_software.compiler_version 
_software.contact_author 
_software.contact_author_email 
_software.date 
_software.description 
_software.dependencies 
_software.hardware 
_software.language 
_software.location 
_software.mods 
_software.name 
_software.os 
_software.os_version 
_software.type 
_software.version 
_software.pdbx_ordinal 
? 'data scaling'    ? ? ? ? ? ? ? ? ? ? ? Aimless     ? ? ? 0.5.27   1 
? phasing           ? ? ? ? ? ? ? ? ? ? ? MOLREP      ? ? ? .        2 
? refinement        ? ? ? ? ? ? ? ? ? ? ? REFMAC      ? ? ? 5.8.0158 3 
? 'data extraction' ? ? ? ? ? ? ? ? ? ? ? PDB_EXTRACT ? ? ? 3.24     4 
? 'data reduction'  ? ? ? ? ? ? ? ? ? ? ? XDS         ? ? ? .        5 
# 
_cell.angle_alpha                  90.000 
_cell.angle_alpha_esd              ? 
_cell.angle_beta                   90.000 
_cell.angle_beta_esd               ? 
_cell.angle_gamma                  120.000 
_cell.angle_gamma_esd              ? 
_cell.entry_id                     6FLH 
_cell.details                      ? 
_cell.formula_units_Z              ? 
_cell.length_a                     83.214 
_cell.length_a_esd                 ? 
_cell.length_b                     83.214 
_cell.length_b_esd                 ? 
_cell.length_c                     133.478 
_cell.length_c_esd                 ? 
_cell.volume                       ? 
_cell.volume_esd                   ? 
_cell.Z_PDB                        18 
_cell.reciprocal_angle_alpha       ? 
_cell.reciprocal_angle_beta        ? 
_cell.reciprocal_angle_gamma       ? 
_cell.reciprocal_angle_alpha_esd   ? 
_cell.reciprocal_angle_beta_esd    ? 
_cell.reciprocal_angle_gamma_esd   ? 
_cell.reciprocal_length_a          ? 
_cell.reciprocal_length_b          ? 
_cell.reciprocal_length_c          ? 
_cell.reciprocal_length_a_esd      ? 
_cell.reciprocal_length_b_esd      ? 
_cell.reciprocal_length_c_esd      ? 
_cell.pdbx_unique_axis             ? 
# 
_symmetry.entry_id                         6FLH 
_symmetry.cell_setting                     ? 
_symmetry.Int_Tables_number                155 
_symmetry.space_group_name_Hall            ? 
_symmetry.space_group_name_H-M             'H 3 2' 
_symmetry.pdbx_full_space_group_name_H-M   ? 
# 
_exptl.absorpt_coefficient_mu     ? 
_exptl.absorpt_correction_T_max   ? 
_exptl.absorpt_correction_T_min   ? 
_exptl.absorpt_correction_type    ? 
_exptl.absorpt_process_details    ? 
_exptl.entry_id                   6FLH 
_exptl.crystals_number            1 
_exptl.details                    ? 
_exptl.method                     'X-RAY DIFFRACTION' 
_exptl.method_details             ? 
# 
_exptl_crystal.colour                      ? 
_exptl_crystal.density_diffrn              ? 
_exptl_crystal.density_Matthews            3.74 
_exptl_crystal.density_method              ? 
_exptl_crystal.density_percent_sol         67.12 
_exptl_crystal.description                 ? 
_exptl_crystal.F_000                       ? 
_exptl_crystal.id                          1 
_exptl_crystal.preparation                 ? 
_exptl_crystal.size_max                    ? 
_exptl_crystal.size_mid                    ? 
_exptl_crystal.size_min                    ? 
_exptl_crystal.size_rad                    ? 
_exptl_crystal.colour_lustre               ? 
_exptl_crystal.colour_modifier             ? 
_exptl_crystal.colour_primary              ? 
_exptl_crystal.density_meas                ? 
_exptl_crystal.density_meas_esd            ? 
_exptl_crystal.density_meas_gt             ? 
_exptl_crystal.density_meas_lt             ? 
_exptl_crystal.density_meas_temp           ? 
_exptl_crystal.density_meas_temp_esd       ? 
_exptl_crystal.density_meas_temp_gt        ? 
_exptl_crystal.density_meas_temp_lt        ? 
_exptl_crystal.pdbx_crystal_image_url      ? 
_exptl_crystal.pdbx_crystal_image_format   ? 
_exptl_crystal.pdbx_mosaicity              ? 
_exptl_crystal.pdbx_mosaicity_esd          ? 
# 
_exptl_crystal_grow.apparatus       ? 
_exptl_crystal_grow.atmosphere      ? 
_exptl_crystal_grow.crystal_id      1 
_exptl_crystal_grow.details         ? 
_exptl_crystal_grow.method          'VAPOR DIFFUSION, HANGING DROP' 
_exptl_crystal_grow.method_ref      ? 
_exptl_crystal_grow.pH              ? 
_exptl_crystal_grow.pressure        ? 
_exptl_crystal_grow.pressure_esd    ? 
_exptl_crystal_grow.seeding         ? 
_exptl_crystal_grow.seeding_ref     ? 
_exptl_crystal_grow.temp            293 
_exptl_crystal_grow.temp_details    ? 
_exptl_crystal_grow.temp_esd        ? 
_exptl_crystal_grow.time            ? 
_exptl_crystal_grow.pdbx_details    '0.1 M sodium acetate pH 4.6 and 2 M ammonium sulfate' 
_exptl_crystal_grow.pdbx_pH_range   ? 
# 
_diffrn.ambient_environment              ? 
_diffrn.ambient_temp                     100 
_diffrn.ambient_temp_details             ? 
_diffrn.ambient_temp_esd                 ? 
_diffrn.crystal_id                       1 
_diffrn.crystal_support                  ? 
_diffrn.crystal_treatment                ? 
_diffrn.details                          ? 
_diffrn.id                               1 
_diffrn.ambient_pressure                 ? 
_diffrn.ambient_pressure_esd             ? 
_diffrn.ambient_pressure_gt              ? 
_diffrn.ambient_pressure_lt              ? 
_diffrn.ambient_temp_gt                  ? 
_diffrn.ambient_temp_lt                  ? 
_diffrn.pdbx_serial_crystal_experiment   ? 
# 
_diffrn_detector.details                      ? 
_diffrn_detector.detector                     PIXEL 
_diffrn_detector.diffrn_id                    1 
_diffrn_detector.type                         'DECTRIS PILATUS3 S 6M' 
_diffrn_detector.area_resol_mean              ? 
_diffrn_detector.dtime                        ? 
_diffrn_detector.pdbx_frames_total            ? 
_diffrn_detector.pdbx_collection_time_total   ? 
_diffrn_detector.pdbx_collection_date         2016-07-08 
# 
_diffrn_radiation.collimation                      ? 
_diffrn_radiation.diffrn_id                        1 
_diffrn_radiation.filter_edge                      ? 
_diffrn_radiation.inhomogeneity                    ? 
_diffrn_radiation.monochromator                    ? 
_diffrn_radiation.polarisn_norm                    ? 
_diffrn_radiation.polarisn_ratio                   ? 
_diffrn_radiation.probe                            ? 
_diffrn_radiation.type                             ? 
_diffrn_radiation.xray_symbol                      ? 
_diffrn_radiation.wavelength_id                    1 
_diffrn_radiation.pdbx_monochromatic_or_laue_m_l   M 
_diffrn_radiation.pdbx_wavelength_list             ? 
_diffrn_radiation.pdbx_wavelength                  ? 
_diffrn_radiation.pdbx_diffrn_protocol             'SINGLE WAVELENGTH' 
_diffrn_radiation.pdbx_analyzer                    ? 
_diffrn_radiation.pdbx_scattering_type             x-ray 
# 
_diffrn_radiation_wavelength.id           1 
_diffrn_radiation_wavelength.wavelength   0.9763 
_diffrn_radiation_wavelength.wt           1.0 
# 
_diffrn_source.current                     ? 
_diffrn_source.details                     ? 
_diffrn_source.diffrn_id                   1 
_diffrn_source.power                       ? 
_diffrn_source.size                        ? 
_diffrn_source.source                      SYNCHROTRON 
_diffrn_source.target                      ? 
_diffrn_source.type                        'PETRA III, EMBL c/o DESY BEAMLINE P14 (MX2)' 
_diffrn_source.voltage                     ? 
_diffrn_source.take-off_angle              ? 
_diffrn_source.pdbx_wavelength_list        0.9763 
_diffrn_source.pdbx_wavelength             ? 
_diffrn_source.pdbx_synchrotron_beamline   'P14 (MX2)' 
_diffrn_source.pdbx_synchrotron_site       'PETRA III, EMBL c/o DESY' 
# 
_reflns.B_iso_Wilson_estimate            ? 
_reflns.entry_id                         6FLH 
_reflns.data_reduction_details           ? 
_reflns.data_reduction_method            ? 
_reflns.d_resolution_high                1.790 
_reflns.d_resolution_low                 63.410 
_reflns.details                          ? 
_reflns.limit_h_max                      ? 
_reflns.limit_h_min                      ? 
_reflns.limit_k_max                      ? 
_reflns.limit_k_min                      ? 
_reflns.limit_l_max                      ? 
_reflns.limit_l_min                      ? 
_reflns.number_all                       ? 
_reflns.number_obs                       16779 
_reflns.observed_criterion               ? 
_reflns.observed_criterion_F_max         ? 
_reflns.observed_criterion_F_min         ? 
_reflns.observed_criterion_I_max         ? 
_reflns.observed_criterion_I_min         ? 
_reflns.observed_criterion_sigma_F       ? 
_reflns.observed_criterion_sigma_I       ? 
_reflns.percent_possible_obs             98.700 
_reflns.R_free_details                   ? 
_reflns.Rmerge_F_all                     ? 
_reflns.Rmerge_F_obs                     ? 
_reflns.Friedel_coverage                 ? 
_reflns.number_gt                        ? 
_reflns.threshold_expression             ? 
_reflns.pdbx_redundancy                  9.600 
_reflns.pdbx_Rmerge_I_obs                0.084 
_reflns.pdbx_Rmerge_I_all                ? 
_reflns.pdbx_Rsym_value                  ? 
_reflns.pdbx_netI_over_av_sigmaI         ? 
_reflns.pdbx_netI_over_sigmaI            20.100 
_reflns.pdbx_res_netI_over_av_sigmaI_2   ? 
_reflns.pdbx_res_netI_over_sigmaI_2      ? 
_reflns.pdbx_chi_squared                 ? 
_reflns.pdbx_scaling_rejects             ? 
_reflns.pdbx_d_res_high_opt              ? 
_reflns.pdbx_d_res_low_opt               ? 
_reflns.pdbx_d_res_opt_method            ? 
_reflns.phase_calculation_details        ? 
_reflns.pdbx_Rrim_I_all                  0.088 
_reflns.pdbx_Rpim_I_all                  0.028 
_reflns.pdbx_d_opt                       ? 
_reflns.pdbx_number_measured_all         ? 
_reflns.pdbx_diffrn_id                   1 
_reflns.pdbx_ordinal                     1 
_reflns.pdbx_CC_half                     0.999 
_reflns.pdbx_R_split                     ? 
# 
loop_
_reflns_shell.d_res_high 
_reflns_shell.d_res_low 
_reflns_shell.meanI_over_sigI_all 
_reflns_shell.meanI_over_sigI_obs 
_reflns_shell.number_measured_all 
_reflns_shell.number_measured_obs 
_reflns_shell.number_possible 
_reflns_shell.number_unique_all 
_reflns_shell.number_unique_obs 
_reflns_shell.percent_possible_all 
_reflns_shell.percent_possible_obs 
_reflns_shell.Rmerge_F_all 
_reflns_shell.Rmerge_F_obs 
_reflns_shell.Rmerge_I_all 
_reflns_shell.Rmerge_I_obs 
_reflns_shell.meanI_over_sigI_gt 
_reflns_shell.meanI_over_uI_all 
_reflns_shell.meanI_over_uI_gt 
_reflns_shell.number_measured_gt 
_reflns_shell.number_unique_gt 
_reflns_shell.percent_possible_gt 
_reflns_shell.Rmerge_F_gt 
_reflns_shell.Rmerge_I_gt 
_reflns_shell.pdbx_redundancy 
_reflns_shell.pdbx_Rsym_value 
_reflns_shell.pdbx_chi_squared 
_reflns_shell.pdbx_netI_over_sigmaI_all 
_reflns_shell.pdbx_netI_over_sigmaI_obs 
_reflns_shell.pdbx_Rrim_I_all 
_reflns_shell.pdbx_Rpim_I_all 
_reflns_shell.pdbx_rejects 
_reflns_shell.pdbx_ordinal 
_reflns_shell.pdbx_diffrn_id 
_reflns_shell.pdbx_CC_half 
_reflns_shell.pdbx_R_split 
1.790 1.830  ? ? ? ? ? ? 810 80.600 ? ? ? ? 0.782 ? ? ? ? ? ? ? ? 6.600 ? ? ? ? 0.844 0.309 ? 1 1 0.718 ? 
8.96  63.410 ? ? ? ? ? ? 160 98.600 ? ? ? ? 0.037 ? ? ? ? ? ? ? ? 7.700 ? ? ? ? 0.040 0.014 ? 2 1 0.998 ? 
# 
_refine.aniso_B[1][1]                            0.0100 
_refine.aniso_B[1][2]                            0.0000 
_refine.aniso_B[1][3]                            0.0000 
_refine.aniso_B[2][2]                            0.0100 
_refine.aniso_B[2][3]                            0.0000 
_refine.aniso_B[3][3]                            -0.0300 
_refine.B_iso_max                                125.750 
_refine.B_iso_mean                               31.4330 
_refine.B_iso_min                                12.190 
_refine.correlation_coeff_Fo_to_Fc               0.9640 
_refine.correlation_coeff_Fo_to_Fc_free          0.9490 
_refine.details                                  
'HYDROGENS HAVE BEEN ADDED IN THE RIDING POSITIONS U VALUES      : REFINED INDIVIDUALLY' 
_refine.diff_density_max                         ? 
_refine.diff_density_max_esd                     ? 
_refine.diff_density_min                         ? 
_refine.diff_density_min_esd                     ? 
_refine.diff_density_rms                         ? 
_refine.diff_density_rms_esd                     ? 
_refine.entry_id                                 6FLH 
_refine.pdbx_refine_id                           'X-RAY DIFFRACTION' 
_refine.ls_abs_structure_details                 ? 
_refine.ls_abs_structure_Flack                   ? 
_refine.ls_abs_structure_Flack_esd               ? 
_refine.ls_abs_structure_Rogers                  ? 
_refine.ls_abs_structure_Rogers_esd              ? 
_refine.ls_d_res_high                            1.7900 
_refine.ls_d_res_low                             63.4100 
_refine.ls_extinction_coef                       ? 
_refine.ls_extinction_coef_esd                   ? 
_refine.ls_extinction_expression                 ? 
_refine.ls_extinction_method                     ? 
_refine.ls_goodness_of_fit_all                   ? 
_refine.ls_goodness_of_fit_all_esd               ? 
_refine.ls_goodness_of_fit_obs                   ? 
_refine.ls_goodness_of_fit_obs_esd               ? 
_refine.ls_hydrogen_treatment                    ? 
_refine.ls_matrix_type                           ? 
_refine.ls_number_constraints                    ? 
_refine.ls_number_parameters                     ? 
_refine.ls_number_reflns_all                     ? 
_refine.ls_number_reflns_obs                     15915 
_refine.ls_number_reflns_R_free                  863 
_refine.ls_number_reflns_R_work                  ? 
_refine.ls_number_restraints                     ? 
_refine.ls_percent_reflns_obs                    98.7100 
_refine.ls_percent_reflns_R_free                 5.1000 
_refine.ls_R_factor_all                          ? 
_refine.ls_R_factor_obs                          0.1712 
_refine.ls_R_factor_R_free                       0.1966 
_refine.ls_R_factor_R_free_error                 ? 
_refine.ls_R_factor_R_free_error_details         ? 
_refine.ls_R_factor_R_work                       0.1698 
_refine.ls_R_Fsqd_factor_obs                     ? 
_refine.ls_R_I_factor_obs                        ? 
_refine.ls_redundancy_reflns_all                 ? 
_refine.ls_redundancy_reflns_obs                 ? 
_refine.ls_restrained_S_all                      ? 
_refine.ls_restrained_S_obs                      ? 
_refine.ls_shift_over_esd_max                    ? 
_refine.ls_shift_over_esd_mean                   ? 
_refine.ls_structure_factor_coef                 ? 
_refine.ls_weighting_details                     ? 
_refine.ls_weighting_scheme                      ? 
_refine.ls_wR_factor_all                         ? 
_refine.ls_wR_factor_obs                         ? 
_refine.ls_wR_factor_R_free                      ? 
_refine.ls_wR_factor_R_work                      ? 
_refine.occupancy_max                            ? 
_refine.occupancy_min                            ? 
_refine.solvent_model_details                    ? 
_refine.solvent_model_param_bsol                 ? 
_refine.solvent_model_param_ksol                 ? 
_refine.ls_R_factor_gt                           ? 
_refine.ls_goodness_of_fit_gt                    ? 
_refine.ls_goodness_of_fit_ref                   ? 
_refine.ls_shift_over_su_max                     ? 
_refine.ls_shift_over_su_max_lt                  ? 
_refine.ls_shift_over_su_mean                    ? 
_refine.ls_shift_over_su_mean_lt                 ? 
_refine.pdbx_ls_sigma_I                          ? 
_refine.pdbx_ls_sigma_F                          0.000 
_refine.pdbx_ls_sigma_Fsqd                       ? 
_refine.pdbx_data_cutoff_high_absF               ? 
_refine.pdbx_data_cutoff_high_rms_absF           ? 
_refine.pdbx_data_cutoff_low_absF                ? 
_refine.pdbx_isotropic_thermal_model             ? 
_refine.pdbx_ls_cross_valid_method               THROUGHOUT 
_refine.pdbx_method_to_determine_struct          'MOLECULAR REPLACEMENT' 
_refine.pdbx_starting_model                      4BCZ 
_refine.pdbx_stereochemistry_target_values       ? 
_refine.pdbx_R_Free_selection_details            RANDOM 
_refine.pdbx_stereochem_target_val_spec_case     ? 
_refine.pdbx_overall_ESU_R                       0.0880 
_refine.pdbx_overall_ESU_R_Free                  0.0890 
_refine.pdbx_solvent_vdw_probe_radii             1.2000 
_refine.pdbx_solvent_ion_probe_radii             0.8000 
_refine.pdbx_solvent_shrinkage_radii             0.8000 
_refine.pdbx_real_space_R                        ? 
_refine.pdbx_density_correlation                 ? 
_refine.pdbx_pd_number_of_powder_patterns        ? 
_refine.pdbx_pd_number_of_points                 ? 
_refine.pdbx_pd_meas_number_of_points            ? 
_refine.pdbx_pd_proc_ls_prof_R_factor            ? 
_refine.pdbx_pd_proc_ls_prof_wR_factor           ? 
_refine.pdbx_pd_Marquardt_correlation_coeff      ? 
_refine.pdbx_pd_Fsqrd_R_factor                   ? 
_refine.pdbx_pd_ls_matrix_band_width             ? 
_refine.pdbx_overall_phase_error                 ? 
_refine.pdbx_overall_SU_R_free_Cruickshank_DPI   ? 
_refine.pdbx_overall_SU_R_free_Blow_DPI          ? 
_refine.pdbx_overall_SU_R_Blow_DPI               ? 
_refine.pdbx_TLS_residual_ADP_flag               ? 
_refine.pdbx_diffrn_id                           1 
_refine.overall_SU_B                             1.9190 
_refine.overall_SU_ML                            0.0590 
_refine.overall_SU_R_Cruickshank_DPI             ? 
_refine.overall_SU_R_free                        ? 
_refine.overall_FOM_free_R_set                   ? 
_refine.overall_FOM_work_R_set                   ? 
_refine.pdbx_average_fsc_overall                 ? 
_refine.pdbx_average_fsc_work                    ? 
_refine.pdbx_average_fsc_free                    ? 
# 
_refine_hist.cycle_id                         final 
_refine_hist.pdbx_refine_id                   'X-RAY DIFFRACTION' 
_refine_hist.d_res_high                       1.7900 
_refine_hist.d_res_low                        63.4100 
_refine_hist.pdbx_number_atoms_ligand         11 
_refine_hist.number_atoms_solvent             94 
_refine_hist.number_atoms_total               942 
_refine_hist.pdbx_number_residues_total       118 
_refine_hist.pdbx_B_iso_mean_ligand           35.71 
_refine_hist.pdbx_B_iso_mean_solvent          41.98 
_refine_hist.pdbx_number_atoms_protein        837 
_refine_hist.pdbx_number_atoms_nucleic_acid   0 
# 
loop_
_refine_ls_restr.pdbx_refine_id 
_refine_ls_restr.criterion 
_refine_ls_restr.dev_ideal 
_refine_ls_restr.dev_ideal_target 
_refine_ls_restr.number 
_refine_ls_restr.rejects 
_refine_ls_restr.type 
_refine_ls_restr.weight 
_refine_ls_restr.pdbx_restraint_function 
'X-RAY DIFFRACTION' ? 0.025  0.019  891  ? r_bond_refined_d       ? ? 
'X-RAY DIFFRACTION' ? 0.003  0.020  825  ? r_bond_other_d         ? ? 
'X-RAY DIFFRACTION' ? 2.363  1.948  1210 ? r_angle_refined_deg    ? ? 
'X-RAY DIFFRACTION' ? 1.190  3.000  1921 ? r_angle_other_deg      ? ? 
'X-RAY DIFFRACTION' ? 6.756  5.000  125  ? r_dihedral_angle_1_deg ? ? 
'X-RAY DIFFRACTION' ? 39.661 26.286 35   ? r_dihedral_angle_2_deg ? ? 
'X-RAY DIFFRACTION' ? 16.503 15.000 141  ? r_dihedral_angle_3_deg ? ? 
'X-RAY DIFFRACTION' ? 23.451 15.000 2    ? r_dihedral_angle_4_deg ? ? 
'X-RAY DIFFRACTION' ? 0.164  0.200  139  ? r_chiral_restr         ? ? 
'X-RAY DIFFRACTION' ? 0.012  0.020  1047 ? r_gen_planes_refined   ? ? 
'X-RAY DIFFRACTION' ? 0.001  0.020  159  ? r_gen_planes_other     ? ? 
# 
_refine_ls_shell.pdbx_refine_id                   'X-RAY DIFFRACTION' 
_refine_ls_shell.d_res_high                       1.7920 
_refine_ls_shell.d_res_low                        1.8390 
_refine_ls_shell.number_reflns_all                1032 
_refine_ls_shell.number_reflns_obs                ? 
_refine_ls_shell.number_reflns_R_free             45 
_refine_ls_shell.number_reflns_R_work             987 
_refine_ls_shell.percent_reflns_obs               83.5600 
_refine_ls_shell.percent_reflns_R_free            ? 
_refine_ls_shell.R_factor_all                     ? 
_refine_ls_shell.R_factor_obs                     ? 
_refine_ls_shell.R_factor_R_free                  0.2560 
_refine_ls_shell.R_factor_R_free_error            0.0000 
_refine_ls_shell.R_factor_R_work                  0.2690 
_refine_ls_shell.redundancy_reflns_all            ? 
_refine_ls_shell.redundancy_reflns_obs            ? 
_refine_ls_shell.wR_factor_all                    ? 
_refine_ls_shell.wR_factor_obs                    ? 
_refine_ls_shell.wR_factor_R_free                 ? 
_refine_ls_shell.wR_factor_R_work                 ? 
_refine_ls_shell.pdbx_total_number_of_bins_used   20 
_refine_ls_shell.pdbx_phase_error                 ? 
_refine_ls_shell.pdbx_fsc_work                    ? 
_refine_ls_shell.pdbx_fsc_free                    ? 
# 
_struct.entry_id                     6FLH 
_struct.title                        'Monomeric Human Cu,Zn Superoxide dismutase, SOD1 7+7, apo form' 
_struct.pdbx_model_details           ? 
_struct.pdbx_formula_weight          ? 
_struct.pdbx_formula_weight_method   ? 
_struct.pdbx_model_type_details      ? 
_struct.pdbx_CASP_flag               N 
# 
_struct_keywords.entry_id        6FLH 
_struct_keywords.text            'SOD1, OXIDOREDUCTASE' 
_struct_keywords.pdbx_keywords   OXIDOREDUCTASE 
# 
loop_
_struct_asym.id 
_struct_asym.pdbx_blank_PDB_chainid_flag 
_struct_asym.pdbx_modified 
_struct_asym.entity_id 
_struct_asym.details 
A N N 1 ? 
B N N 2 ? 
C N N 3 ? 
D N N 4 ? 
# 
_struct_ref.id                         1 
_struct_ref.db_name                    UNP 
_struct_ref.db_code                    SODC_HUMAN 
_struct_ref.pdbx_db_accession          P00441 
_struct_ref.pdbx_db_isoform            ? 
_struct_ref.entity_id                  1 
_struct_ref.pdbx_seq_one_letter_code   
;ATKAVCVLKGDGPVQGIINFEQKESNGPVKVWGSIKGLTEGLHGFHVHEFGDNTAGCTSAGPHFNPLSRKHGGPKDEERH
VGDLGNVTADKDGVADVSIEDSVISLSGDHCIIGRTLVVHEKADDLGKGGNEESTKTGNAGSRLACGVIGIAQ
;
_struct_ref.pdbx_align_begin           2 
# 
_struct_ref_seq.align_id                      1 
_struct_ref_seq.ref_id                        1 
_struct_ref_seq.pdbx_PDB_id_code              6FLH 
_struct_ref_seq.pdbx_strand_id                A 
_struct_ref_seq.seq_align_beg                 1 
_struct_ref_seq.pdbx_seq_align_beg_ins_code   ? 
_struct_ref_seq.seq_align_end                 118 
_struct_ref_seq.pdbx_seq_align_end_ins_code   ? 
_struct_ref_seq.pdbx_db_accession             P00441 
_struct_ref_seq.db_align_beg                  2 
_struct_ref_seq.pdbx_db_align_beg_ins_code    ? 
_struct_ref_seq.db_align_end                  154 
_struct_ref_seq.pdbx_db_align_end_ins_code    ? 
_struct_ref_seq.pdbx_auth_seq_align_beg       1 
_struct_ref_seq.pdbx_auth_seq_align_end       118 
# 
loop_
_struct_ref_seq_dif.align_id 
_struct_ref_seq_dif.pdbx_pdb_id_code 
_struct_ref_seq_dif.mon_id 
_struct_ref_seq_dif.pdbx_pdb_strand_id 
_struct_ref_seq_dif.seq_num 
_struct_ref_seq_dif.pdbx_pdb_ins_code 
_struct_ref_seq_dif.pdbx_seq_db_name 
_struct_ref_seq_dif.pdbx_seq_db_accession_code 
_struct_ref_seq_dif.db_mon_id 
_struct_ref_seq_dif.pdbx_seq_db_seq_num 
_struct_ref_seq_dif.details 
_struct_ref_seq_dif.pdbx_auth_seq_num 
_struct_ref_seq_dif.pdbx_ordinal 
1 6FLH ALA A 6   ? UNP P00441 CYS 7   conflict 6   1  
1 6FLH GLU A 50  ? UNP P00441 PHE 51  conflict 50  2  
1 6FLH ?   A ?   ? UNP P00441 ASP 53  deletion ?   3  
1 6FLH ?   A ?   ? UNP P00441 ASN 54  deletion ?   4  
1 6FLH ?   A ?   ? UNP P00441 THR 55  deletion ?   5  
1 6FLH ?   A ?   ? UNP P00441 ALA 56  deletion ?   6  
1 6FLH ?   A ?   ? UNP P00441 GLY 57  deletion ?   7  
1 6FLH ?   A ?   ? UNP P00441 CYS 58  deletion ?   8  
1 6FLH ?   A ?   ? UNP P00441 THR 59  deletion ?   9  
1 6FLH ?   A ?   ? UNP P00441 SER 60  deletion ?   10 
1 6FLH ?   A ?   ? UNP P00441 ALA 61  deletion ?   11 
1 6FLH ?   A ?   ? UNP P00441 GLY 62  deletion ?   12 
1 6FLH ?   A ?   ? UNP P00441 PRO 63  deletion ?   13 
1 6FLH ?   A ?   ? UNP P00441 HIS 64  deletion ?   14 
1 6FLH ?   A ?   ? UNP P00441 PHE 65  deletion ?   15 
1 6FLH ?   A ?   ? UNP P00441 ASN 66  deletion ?   16 
1 6FLH ?   A ?   ? UNP P00441 PRO 67  deletion ?   17 
1 6FLH ?   A ?   ? UNP P00441 LEU 68  deletion ?   18 
1 6FLH ?   A ?   ? UNP P00441 SER 69  deletion ?   19 
1 6FLH ?   A ?   ? UNP P00441 ARG 70  deletion ?   20 
1 6FLH ?   A ?   ? UNP P00441 LYS 71  deletion ?   21 
1 6FLH ?   A ?   ? UNP P00441 HIS 72  deletion ?   22 
1 6FLH ?   A ?   ? UNP P00441 GLY 73  deletion ?   23 
1 6FLH ?   A ?   ? UNP P00441 GLY 74  deletion ?   24 
1 6FLH ?   A ?   ? UNP P00441 PRO 75  deletion ?   25 
1 6FLH ?   A ?   ? UNP P00441 LYS 76  deletion ?   26 
1 6FLH ?   A ?   ? UNP P00441 ASP 77  deletion ?   27 
1 6FLH ?   A ?   ? UNP P00441 GLU 78  deletion ?   28 
1 6FLH ALA A 52  ? UNP P00441 GLU 79  conflict 52  29 
1 6FLH GLY A 53  ? UNP P00441 ARG 80  conflict 53  30 
1 6FLH SER A 85  ? UNP P00441 CYS 112 conflict 85  31 
1 6FLH ?   A ?   ? UNP P00441 LEU 127 deletion ?   32 
1 6FLH ?   A ?   ? UNP P00441 GLY 128 deletion ?   33 
1 6FLH ?   A ?   ? UNP P00441 LYS 129 deletion ?   34 
1 6FLH ?   A ?   ? UNP P00441 GLY 130 deletion ?   35 
1 6FLH ?   A ?   ? UNP P00441 GLY 131 deletion ?   36 
1 6FLH ?   A ?   ? UNP P00441 ASN 132 deletion ?   37 
1 6FLH ?   A ?   ? UNP P00441 GLU 133 deletion ?   38 
1 6FLH ?   A ?   ? UNP P00441 GLU 134 deletion ?   39 
1 6FLH ?   A ?   ? UNP P00441 SER 135 deletion ?   40 
1 6FLH GLY A 100 ? UNP P00441 THR 136 conflict 100 41 
1 6FLH ALA A 101 ? UNP P00441 LYS 137 conflict 101 42 
1 6FLH GLY A 102 ? UNP P00441 THR 138 conflict 102 43 
1 6FLH SER A 111 ? UNP P00441 CYS 147 conflict 111 44 
# 
_pdbx_struct_assembly.id                   1 
_pdbx_struct_assembly.details              author_and_software_defined_assembly 
_pdbx_struct_assembly.method_details       PISA 
_pdbx_struct_assembly.oligomeric_details   monomeric 
_pdbx_struct_assembly.oligomeric_count     1 
# 
loop_
_pdbx_struct_assembly_prop.biol_id 
_pdbx_struct_assembly_prop.type 
_pdbx_struct_assembly_prop.value 
_pdbx_struct_assembly_prop.details 
1 'ABSA (A^2)' 390  ? 
1 MORE         -19  ? 
1 'SSA (A^2)'  6410 ? 
# 
_pdbx_struct_assembly_gen.assembly_id       1 
_pdbx_struct_assembly_gen.oper_expression   1 
_pdbx_struct_assembly_gen.asym_id_list      A,B,C,D 
# 
_pdbx_struct_assembly_auth_evidence.id                     1 
_pdbx_struct_assembly_auth_evidence.assembly_id            1 
_pdbx_struct_assembly_auth_evidence.experimental_support   'gel filtration' 
_pdbx_struct_assembly_auth_evidence.details                ? 
# 
_pdbx_struct_oper_list.id                   1 
_pdbx_struct_oper_list.type                 'identity operation' 
_pdbx_struct_oper_list.name                 1_555 
_pdbx_struct_oper_list.symmetry_operation   x,y,z 
_pdbx_struct_oper_list.matrix[1][1]         1.0000000000 
_pdbx_struct_oper_list.matrix[1][2]         0.0000000000 
_pdbx_struct_oper_list.matrix[1][3]         0.0000000000 
_pdbx_struct_oper_list.vector[1]            0.0000000000 
_pdbx_struct_oper_list.matrix[2][1]         0.0000000000 
_pdbx_struct_oper_list.matrix[2][2]         1.0000000000 
_pdbx_struct_oper_list.matrix[2][3]         0.0000000000 
_pdbx_struct_oper_list.vector[2]            0.0000000000 
_pdbx_struct_oper_list.matrix[3][1]         0.0000000000 
_pdbx_struct_oper_list.matrix[3][2]         0.0000000000 
_pdbx_struct_oper_list.matrix[3][3]         1.0000000000 
_pdbx_struct_oper_list.vector[3]            0.0000000000 
# 
_struct_sheet.id               AA1 
_struct_sheet.type             ? 
_struct_sheet.number_strands   8 
_struct_sheet.details          ? 
# 
loop_
_struct_sheet_order.sheet_id 
_struct_sheet_order.range_id_1 
_struct_sheet_order.range_id_2 
_struct_sheet_order.offset 
_struct_sheet_order.sense 
AA1 1 2 ? anti-parallel 
AA1 2 3 ? anti-parallel 
AA1 3 4 ? anti-parallel 
AA1 4 5 ? anti-parallel 
AA1 5 6 ? anti-parallel 
AA1 6 7 ? anti-parallel 
AA1 7 8 ? anti-parallel 
# 
loop_
_struct_sheet_range.sheet_id 
_struct_sheet_range.id 
_struct_sheet_range.beg_label_comp_id 
_struct_sheet_range.beg_label_asym_id 
_struct_sheet_range.beg_label_seq_id 
_struct_sheet_range.pdbx_beg_PDB_ins_code 
_struct_sheet_range.end_label_comp_id 
_struct_sheet_range.end_label_asym_id 
_struct_sheet_range.end_label_seq_id 
_struct_sheet_range.pdbx_end_PDB_ins_code 
_struct_sheet_range.beg_auth_comp_id 
_struct_sheet_range.beg_auth_asym_id 
_struct_sheet_range.beg_auth_seq_id 
_struct_sheet_range.end_auth_comp_id 
_struct_sheet_range.end_auth_asym_id 
_struct_sheet_range.end_auth_seq_id 
AA1 1 VAL A 55  ? ALA A 63  ? VAL A 55  ALA A 63  
AA1 2 GLY A 41  ? HIS A 48  ? GLY A 41  HIS A 48  
AA1 3 THR A 90  ? HIS A 94  ? THR A 90  HIS A 94  
AA1 4 ARG A 108 ? GLN A 118 ? ARG A 108 GLN A 118 
AA1 5 LYS A 3   ? LYS A 9   ? LYS A 3   LYS A 9   
AA1 6 GLN A 15  ? GLU A 21  ? GLN A 15  GLU A 21  
AA1 7 VAL A 29  ? LYS A 36  ? VAL A 29  LYS A 36  
AA1 8 ALA A 69  ? ASP A 75  ? ALA A 69  ASP A 75  
# 
loop_
_pdbx_struct_sheet_hbond.sheet_id 
_pdbx_struct_sheet_hbond.range_id_1 
_pdbx_struct_sheet_hbond.range_id_2 
_pdbx_struct_sheet_hbond.range_1_label_atom_id 
_pdbx_struct_sheet_hbond.range_1_label_comp_id 
_pdbx_struct_sheet_hbond.range_1_label_asym_id 
_pdbx_struct_sheet_hbond.range_1_label_seq_id 
_pdbx_struct_sheet_hbond.range_1_PDB_ins_code 
_pdbx_struct_sheet_hbond.range_1_auth_atom_id 
_pdbx_struct_sheet_hbond.range_1_auth_comp_id 
_pdbx_struct_sheet_hbond.range_1_auth_asym_id 
_pdbx_struct_sheet_hbond.range_1_auth_seq_id 
_pdbx_struct_sheet_hbond.range_2_label_atom_id 
_pdbx_struct_sheet_hbond.range_2_label_comp_id 
_pdbx_struct_sheet_hbond.range_2_label_asym_id 
_pdbx_struct_sheet_hbond.range_2_label_seq_id 
_pdbx_struct_sheet_hbond.range_2_PDB_ins_code 
_pdbx_struct_sheet_hbond.range_2_auth_atom_id 
_pdbx_struct_sheet_hbond.range_2_auth_comp_id 
_pdbx_struct_sheet_hbond.range_2_auth_asym_id 
_pdbx_struct_sheet_hbond.range_2_auth_seq_id 
AA1 1 2 O GLY A 56  ? O GLY A 56  N VAL A 47  ? N VAL A 47  
AA1 2 3 N HIS A 46  ? N HIS A 46  O VAL A 92  ? O VAL A 92  
AA1 3 4 N LEU A 91  ? N LEU A 91  O GLY A 112 ? O GLY A 112 
AA1 4 5 O ALA A 117 ? O ALA A 117 N LYS A 3   ? N LYS A 3   
AA1 5 6 N ALA A 6   ? N ALA A 6   O ILE A 18  ? O ILE A 18  
AA1 6 7 N ASN A 19  ? N ASN A 19  O TRP A 32  ? O TRP A 32  
AA1 7 8 N ILE A 35  ? N ILE A 35  O ALA A 69  ? O ALA A 69  
# 
loop_
_struct_site.id 
_struct_site.pdbx_evidence_code 
_struct_site.pdbx_auth_asym_id 
_struct_site.pdbx_auth_comp_id 
_struct_site.pdbx_auth_seq_id 
_struct_site.pdbx_auth_ins_code 
_struct_site.pdbx_num_residues 
_struct_site.details 
AC1 Software A SO4 201 ? 6  'binding site for residue SO4 A 201' 
AC2 Software A GOL 202 ? 11 'binding site for residue GOL A 202' 
# 
loop_
_struct_site_gen.id 
_struct_site_gen.site_id 
_struct_site_gen.pdbx_num_res 
_struct_site_gen.label_comp_id 
_struct_site_gen.label_asym_id 
_struct_site_gen.label_seq_id 
_struct_site_gen.pdbx_auth_ins_code 
_struct_site_gen.auth_comp_id 
_struct_site_gen.auth_asym_id 
_struct_site_gen.auth_seq_id 
_struct_site_gen.label_atom_id 
_struct_site_gen.label_alt_id 
_struct_site_gen.symmetry 
_struct_site_gen.details 
1  AC1 6  HIS A 46  ? HIS A 46  . ? 1_555 ? 
2  AC1 6  HIS A 48  ? HIS A 48  . ? 1_555 ? 
3  AC1 6  VAL A 55  ? VAL A 55  . ? 1_555 ? 
4  AC1 6  VAL A 92  ? VAL A 92  . ? 1_555 ? 
5  AC1 6  HIS A 94  ? HIS A 94  . ? 1_555 ? 
6  AC1 6  ARG A 108 ? ARG A 108 . ? 1_555 ? 
7  AC2 11 GLY A 12  ? GLY A 12  . ? 5_555 ? 
8  AC2 11 PRO A 13  ? PRO A 13  . ? 5_555 ? 
9  AC2 11 LEU A 38  ? LEU A 38  . ? 1_555 ? 
10 AC2 11 THR A 39  ? THR A 39  . ? 1_555 ? 
11 AC2 11 GLU A 40  ? GLU A 40  . ? 1_555 ? 
12 AC2 11 LYS A 65  ? LYS A 65  . ? 1_555 ? 
13 AC2 11 GLY A 67  ? GLY A 67  . ? 1_555 ? 
14 AC2 11 HOH D .   ? HOH A 301 . ? 1_555 ? 
15 AC2 11 HOH D .   ? HOH A 306 . ? 1_555 ? 
16 AC2 11 HOH D .   ? HOH A 317 . ? 1_555 ? 
17 AC2 11 HOH D .   ? HOH A 346 . ? 1_555 ? 
# 
loop_
_pdbx_validate_close_contact.id 
_pdbx_validate_close_contact.PDB_model_num 
_pdbx_validate_close_contact.auth_atom_id_1 
_pdbx_validate_close_contact.auth_asym_id_1 
_pdbx_validate_close_contact.auth_comp_id_1 
_pdbx_validate_close_contact.auth_seq_id_1 
_pdbx_validate_close_contact.PDB_ins_code_1 
_pdbx_validate_close_contact.label_alt_id_1 
_pdbx_validate_close_contact.auth_atom_id_2 
_pdbx_validate_close_contact.auth_asym_id_2 
_pdbx_validate_close_contact.auth_comp_id_2 
_pdbx_validate_close_contact.auth_seq_id_2 
_pdbx_validate_close_contact.PDB_ins_code_2 
_pdbx_validate_close_contact.label_alt_id_2 
_pdbx_validate_close_contact.dist 
1 1 O  A HOH 340 ? ? O A HOH 384 ? ? 2.09 
2 1 O1 A GOL 202 ? ? O A HOH 301 ? ? 2.10 
3 1 O  A HOH 311 ? ? O A HOH 350 ? ? 2.16 
# 
loop_
_pdbx_validate_symm_contact.id 
_pdbx_validate_symm_contact.PDB_model_num 
_pdbx_validate_symm_contact.auth_atom_id_1 
_pdbx_validate_symm_contact.auth_asym_id_1 
_pdbx_validate_symm_contact.auth_comp_id_1 
_pdbx_validate_symm_contact.auth_seq_id_1 
_pdbx_validate_symm_contact.PDB_ins_code_1 
_pdbx_validate_symm_contact.label_alt_id_1 
_pdbx_validate_symm_contact.site_symmetry_1 
_pdbx_validate_symm_contact.auth_atom_id_2 
_pdbx_validate_symm_contact.auth_asym_id_2 
_pdbx_validate_symm_contact.auth_comp_id_2 
_pdbx_validate_symm_contact.auth_seq_id_2 
_pdbx_validate_symm_contact.PDB_ins_code_2 
_pdbx_validate_symm_contact.label_alt_id_2 
_pdbx_validate_symm_contact.site_symmetry_2 
_pdbx_validate_symm_contact.dist 
1 1 O A HOH 394 ? ? 1_555 O A HOH 394 ? ? 5_555  0.70 
2 1 O A HOH 350 ? ? 1_555 O A HOH 350 ? ? 18_444 1.38 
3 1 O A HOH 383 ? ? 1_555 O A HOH 383 ? ? 5_555  2.16 
# 
_pdbx_validate_rmsd_bond.id                        1 
_pdbx_validate_rmsd_bond.PDB_model_num             1 
_pdbx_validate_rmsd_bond.auth_atom_id_1            C 
_pdbx_validate_rmsd_bond.auth_asym_id_1            A 
_pdbx_validate_rmsd_bond.auth_comp_id_1            HIS 
_pdbx_validate_rmsd_bond.auth_seq_id_1             48 
_pdbx_validate_rmsd_bond.PDB_ins_code_1            ? 
_pdbx_validate_rmsd_bond.label_alt_id_1            ? 
_pdbx_validate_rmsd_bond.auth_atom_id_2            O 
_pdbx_validate_rmsd_bond.auth_asym_id_2            A 
_pdbx_validate_rmsd_bond.auth_comp_id_2            HIS 
_pdbx_validate_rmsd_bond.auth_seq_id_2             48 
_pdbx_validate_rmsd_bond.PDB_ins_code_2            ? 
_pdbx_validate_rmsd_bond.label_alt_id_2            ? 
_pdbx_validate_rmsd_bond.bond_value                1.346 
_pdbx_validate_rmsd_bond.bond_target_value         1.229 
_pdbx_validate_rmsd_bond.bond_deviation            0.117 
_pdbx_validate_rmsd_bond.bond_standard_deviation   0.019 
_pdbx_validate_rmsd_bond.linker_flag               N 
# 
_pdbx_validate_rmsd_angle.id                         1 
_pdbx_validate_rmsd_angle.PDB_model_num              1 
_pdbx_validate_rmsd_angle.auth_atom_id_1             CB 
_pdbx_validate_rmsd_angle.auth_asym_id_1             A 
_pdbx_validate_rmsd_angle.auth_comp_id_1             ASP 
_pdbx_validate_rmsd_angle.auth_seq_id_1              11 
_pdbx_validate_rmsd_angle.PDB_ins_code_1             ? 
_pdbx_validate_rmsd_angle.label_alt_id_1             ? 
_pdbx_validate_rmsd_angle.auth_atom_id_2             CG 
_pdbx_validate_rmsd_angle.auth_asym_id_2             A 
_pdbx_validate_rmsd_angle.auth_comp_id_2             ASP 
_pdbx_validate_rmsd_angle.auth_seq_id_2              11 
_pdbx_validate_rmsd_angle.PDB_ins_code_2             ? 
_pdbx_validate_rmsd_angle.label_alt_id_2             ? 
_pdbx_validate_rmsd_angle.auth_atom_id_3             OD2 
_pdbx_validate_rmsd_angle.auth_asym_id_3             A 
_pdbx_validate_rmsd_angle.auth_comp_id_3             ASP 
_pdbx_validate_rmsd_angle.auth_seq_id_3              11 
_pdbx_validate_rmsd_angle.PDB_ins_code_3             ? 
_pdbx_validate_rmsd_angle.label_alt_id_3             ? 
_pdbx_validate_rmsd_angle.angle_value                112.61 
_pdbx_validate_rmsd_angle.angle_target_value         118.30 
_pdbx_validate_rmsd_angle.angle_deviation            -5.69 
_pdbx_validate_rmsd_angle.angle_standard_deviation   0.90 
_pdbx_validate_rmsd_angle.linker_flag                N 
# 
_pdbx_validate_torsion.id              1 
_pdbx_validate_torsion.PDB_model_num   1 
_pdbx_validate_torsion.auth_comp_id    ALA 
_pdbx_validate_torsion.auth_asym_id    A 
_pdbx_validate_torsion.auth_seq_id     52 
_pdbx_validate_torsion.PDB_ins_code    ? 
_pdbx_validate_torsion.label_alt_id    ? 
_pdbx_validate_torsion.phi             -23.73 
_pdbx_validate_torsion.psi             120.66 
# 
loop_
_pdbx_struct_special_symmetry.id 
_pdbx_struct_special_symmetry.PDB_model_num 
_pdbx_struct_special_symmetry.auth_asym_id 
_pdbx_struct_special_symmetry.auth_comp_id 
_pdbx_struct_special_symmetry.auth_seq_id 
_pdbx_struct_special_symmetry.PDB_ins_code 
_pdbx_struct_special_symmetry.label_asym_id 
_pdbx_struct_special_symmetry.label_comp_id 
_pdbx_struct_special_symmetry.label_seq_id 
1 1 A HOH 307 ? D HOH . 
2 1 A HOH 359 ? D HOH . 
3 1 A HOH 365 ? D HOH . 
4 1 A HOH 391 ? D HOH . 
# 
_phasing.method   MR 
# 
loop_
_chem_comp_atom.comp_id 
_chem_comp_atom.atom_id 
_chem_comp_atom.type_symbol 
_chem_comp_atom.pdbx_aromatic_flag 
_chem_comp_atom.pdbx_stereo_config 
_chem_comp_atom.pdbx_ordinal 
ALA N    N N N 1   
ALA CA   C N S 2   
ALA C    C N N 3   
ALA O    O N N 4   
ALA CB   C N N 5   
ALA OXT  O N N 6   
ALA H    H N N 7   
ALA H2   H N N 8   
ALA HA   H N N 9   
ALA HB1  H N N 10  
ALA HB2  H N N 11  
ALA HB3  H N N 12  
ALA HXT  H N N 13  
ARG N    N N N 14  
ARG CA   C N S 15  
ARG C    C N N 16  
ARG O    O N N 17  
ARG CB   C N N 18  
ARG CG   C N N 19  
ARG CD   C N N 20  
ARG NE   N N N 21  
ARG CZ   C N N 22  
ARG NH1  N N N 23  
ARG NH2  N N N 24  
ARG OXT  O N N 25  
ARG H    H N N 26  
ARG H2   H N N 27  
ARG HA   H N N 28  
ARG HB2  H N N 29  
ARG HB3  H N N 30  
ARG HG2  H N N 31  
ARG HG3  H N N 32  
ARG HD2  H N N 33  
ARG HD3  H N N 34  
ARG HE   H N N 35  
ARG HH11 H N N 36  
ARG HH12 H N N 37  
ARG HH21 H N N 38  
ARG HH22 H N N 39  
ARG HXT  H N N 40  
ASN N    N N N 41  
ASN CA   C N S 42  
ASN C    C N N 43  
ASN O    O N N 44  
ASN CB   C N N 45  
ASN CG   C N N 46  
ASN OD1  O N N 47  
ASN ND2  N N N 48  
ASN OXT  O N N 49  
ASN H    H N N 50  
ASN H2   H N N 51  
ASN HA   H N N 52  
ASN HB2  H N N 53  
ASN HB3  H N N 54  
ASN HD21 H N N 55  
ASN HD22 H N N 56  
ASN HXT  H N N 57  
ASP N    N N N 58  
ASP CA   C N S 59  
ASP C    C N N 60  
ASP O    O N N 61  
ASP CB   C N N 62  
ASP CG   C N N 63  
ASP OD1  O N N 64  
ASP OD2  O N N 65  
ASP OXT  O N N 66  
ASP H    H N N 67  
ASP H2   H N N 68  
ASP HA   H N N 69  
ASP HB2  H N N 70  
ASP HB3  H N N 71  
ASP HD2  H N N 72  
ASP HXT  H N N 73  
CYS N    N N N 74  
CYS CA   C N R 75  
CYS C    C N N 76  
CYS O    O N N 77  
CYS CB   C N N 78  
CYS SG   S N N 79  
CYS OXT  O N N 80  
CYS H    H N N 81  
CYS H2   H N N 82  
CYS HA   H N N 83  
CYS HB2  H N N 84  
CYS HB3  H N N 85  
CYS HG   H N N 86  
CYS HXT  H N N 87  
GLN N    N N N 88  
GLN CA   C N S 89  
GLN C    C N N 90  
GLN O    O N N 91  
GLN CB   C N N 92  
GLN CG   C N N 93  
GLN CD   C N N 94  
GLN OE1  O N N 95  
GLN NE2  N N N 96  
GLN OXT  O N N 97  
GLN H    H N N 98  
GLN H2   H N N 99  
GLN HA   H N N 100 
GLN HB2  H N N 101 
GLN HB3  H N N 102 
GLN HG2  H N N 103 
GLN HG3  H N N 104 
GLN HE21 H N N 105 
GLN HE22 H N N 106 
GLN HXT  H N N 107 
GLU N    N N N 108 
GLU CA   C N S 109 
GLU C    C N N 110 
GLU O    O N N 111 
GLU CB   C N N 112 
GLU CG   C N N 113 
GLU CD   C N N 114 
GLU OE1  O N N 115 
GLU OE2  O N N 116 
GLU OXT  O N N 117 
GLU H    H N N 118 
GLU H2   H N N 119 
GLU HA   H N N 120 
GLU HB2  H N N 121 
GLU HB3  H N N 122 
GLU HG2  H N N 123 
GLU HG3  H N N 124 
GLU HE2  H N N 125 
GLU HXT  H N N 126 
GLY N    N N N 127 
GLY CA   C N N 128 
GLY C    C N N 129 
GLY O    O N N 130 
GLY OXT  O N N 131 
GLY H    H N N 132 
GLY H2   H N N 133 
GLY HA2  H N N 134 
GLY HA3  H N N 135 
GLY HXT  H N N 136 
GOL C1   C N N 137 
GOL O1   O N N 138 
GOL C2   C N N 139 
GOL O2   O N N 140 
GOL C3   C N N 141 
GOL O3   O N N 142 
GOL H11  H N N 143 
GOL H12  H N N 144 
GOL HO1  H N N 145 
GOL H2   H N N 146 
GOL HO2  H N N 147 
GOL H31  H N N 148 
GOL H32  H N N 149 
GOL HO3  H N N 150 
HIS N    N N N 151 
HIS CA   C N S 152 
HIS C    C N N 153 
HIS O    O N N 154 
HIS CB   C N N 155 
HIS CG   C Y N 156 
HIS ND1  N Y N 157 
HIS CD2  C Y N 158 
HIS CE1  C Y N 159 
HIS NE2  N Y N 160 
HIS OXT  O N N 161 
HIS H    H N N 162 
HIS H2   H N N 163 
HIS HA   H N N 164 
HIS HB2  H N N 165 
HIS HB3  H N N 166 
HIS HD1  H N N 167 
HIS HD2  H N N 168 
HIS HE1  H N N 169 
HIS HE2  H N N 170 
HIS HXT  H N N 171 
HOH O    O N N 172 
HOH H1   H N N 173 
HOH H2   H N N 174 
ILE N    N N N 175 
ILE CA   C N S 176 
ILE C    C N N 177 
ILE O    O N N 178 
ILE CB   C N S 179 
ILE CG1  C N N 180 
ILE CG2  C N N 181 
ILE CD1  C N N 182 
ILE OXT  O N N 183 
ILE H    H N N 184 
ILE H2   H N N 185 
ILE HA   H N N 186 
ILE HB   H N N 187 
ILE HG12 H N N 188 
ILE HG13 H N N 189 
ILE HG21 H N N 190 
ILE HG22 H N N 191 
ILE HG23 H N N 192 
ILE HD11 H N N 193 
ILE HD12 H N N 194 
ILE HD13 H N N 195 
ILE HXT  H N N 196 
LEU N    N N N 197 
LEU CA   C N S 198 
LEU C    C N N 199 
LEU O    O N N 200 
LEU CB   C N N 201 
LEU CG   C N N 202 
LEU CD1  C N N 203 
LEU CD2  C N N 204 
LEU OXT  O N N 205 
LEU H    H N N 206 
LEU H2   H N N 207 
LEU HA   H N N 208 
LEU HB2  H N N 209 
LEU HB3  H N N 210 
LEU HG   H N N 211 
LEU HD11 H N N 212 
LEU HD12 H N N 213 
LEU HD13 H N N 214 
LEU HD21 H N N 215 
LEU HD22 H N N 216 
LEU HD23 H N N 217 
LEU HXT  H N N 218 
LYS N    N N N 219 
LYS CA   C N S 220 
LYS C    C N N 221 
LYS O    O N N 222 
LYS CB   C N N 223 
LYS CG   C N N 224 
LYS CD   C N N 225 
LYS CE   C N N 226 
LYS NZ   N N N 227 
LYS OXT  O N N 228 
LYS H    H N N 229 
LYS H2   H N N 230 
LYS HA   H N N 231 
LYS HB2  H N N 232 
LYS HB3  H N N 233 
LYS HG2  H N N 234 
LYS HG3  H N N 235 
LYS HD2  H N N 236 
LYS HD3  H N N 237 
LYS HE2  H N N 238 
LYS HE3  H N N 239 
LYS HZ1  H N N 240 
LYS HZ2  H N N 241 
LYS HZ3  H N N 242 
LYS HXT  H N N 243 
PHE N    N N N 244 
PHE CA   C N S 245 
PHE C    C N N 246 
PHE O    O N N 247 
PHE CB   C N N 248 
PHE CG   C Y N 249 
PHE CD1  C Y N 250 
PHE CD2  C Y N 251 
PHE CE1  C Y N 252 
PHE CE2  C Y N 253 
PHE CZ   C Y N 254 
PHE OXT  O N N 255 
PHE H    H N N 256 
PHE H2   H N N 257 
PHE HA   H N N 258 
PHE HB2  H N N 259 
PHE HB3  H N N 260 
PHE HD1  H N N 261 
PHE HD2  H N N 262 
PHE HE1  H N N 263 
PHE HE2  H N N 264 
PHE HZ   H N N 265 
PHE HXT  H N N 266 
PRO N    N N N 267 
PRO CA   C N S 268 
PRO C    C N N 269 
PRO O    O N N 270 
PRO CB   C N N 271 
PRO CG   C N N 272 
PRO CD   C N N 273 
PRO OXT  O N N 274 
PRO H    H N N 275 
PRO HA   H N N 276 
PRO HB2  H N N 277 
PRO HB3  H N N 278 
PRO HG2  H N N 279 
PRO HG3  H N N 280 
PRO HD2  H N N 281 
PRO HD3  H N N 282 
PRO HXT  H N N 283 
SER N    N N N 284 
SER CA   C N S 285 
SER C    C N N 286 
SER O    O N N 287 
SER CB   C N N 288 
SER OG   O N N 289 
SER OXT  O N N 290 
SER H    H N N 291 
SER H2   H N N 292 
SER HA   H N N 293 
SER HB2  H N N 294 
SER HB3  H N N 295 
SER HG   H N N 296 
SER HXT  H N N 297 
SO4 S    S N N 298 
SO4 O1   O N N 299 
SO4 O2   O N N 300 
SO4 O3   O N N 301 
SO4 O4   O N N 302 
THR N    N N N 303 
THR CA   C N S 304 
THR C    C N N 305 
THR O    O N N 306 
THR CB   C N R 307 
THR OG1  O N N 308 
THR CG2  C N N 309 
THR OXT  O N N 310 
THR H    H N N 311 
THR H2   H N N 312 
THR HA   H N N 313 
THR HB   H N N 314 
THR HG1  H N N 315 
THR HG21 H N N 316 
THR HG22 H N N 317 
THR HG23 H N N 318 
THR HXT  H N N 319 
TRP N    N N N 320 
TRP CA   C N S 321 
TRP C    C N N 322 
TRP O    O N N 323 
TRP CB   C N N 324 
TRP CG   C Y N 325 
TRP CD1  C Y N 326 
TRP CD2  C Y N 327 
TRP NE1  N Y N 328 
TRP CE2  C Y N 329 
TRP CE3  C Y N 330 
TRP CZ2  C Y N 331 
TRP CZ3  C Y N 332 
TRP CH2  C Y N 333 
TRP OXT  O N N 334 
TRP H    H N N 335 
TRP H2   H N N 336 
TRP HA   H N N 337 
TRP HB2  H N N 338 
TRP HB3  H N N 339 
TRP HD1  H N N 340 
TRP HE1  H N N 341 
TRP HE3  H N N 342 
TRP HZ2  H N N 343 
TRP HZ3  H N N 344 
TRP HH2  H N N 345 
TRP HXT  H N N 346 
VAL N    N N N 347 
VAL CA   C N S 348 
VAL C    C N N 349 
VAL O    O N N 350 
VAL CB   C N N 351 
VAL CG1  C N N 352 
VAL CG2  C N N 353 
VAL OXT  O N N 354 
VAL H    H N N 355 
VAL H2   H N N 356 
VAL HA   H N N 357 
VAL HB   H N N 358 
VAL HG11 H N N 359 
VAL HG12 H N N 360 
VAL HG13 H N N 361 
VAL HG21 H N N 362 
VAL HG22 H N N 363 
VAL HG23 H N N 364 
VAL HXT  H N N 365 
# 
loop_
_chem_comp_bond.comp_id 
_chem_comp_bond.atom_id_1 
_chem_comp_bond.atom_id_2 
_chem_comp_bond.value_order 
_chem_comp_bond.pdbx_aromatic_flag 
_chem_comp_bond.pdbx_stereo_config 
_chem_comp_bond.pdbx_ordinal 
ALA N   CA   sing N N 1   
ALA N   H    sing N N 2   
ALA N   H2   sing N N 3   
ALA CA  C    sing N N 4   
ALA CA  CB   sing N N 5   
ALA CA  HA   sing N N 6   
ALA C   O    doub N N 7   
ALA C   OXT  sing N N 8   
ALA CB  HB1  sing N N 9   
ALA CB  HB2  sing N N 10  
ALA CB  HB3  sing N N 11  
ALA OXT HXT  sing N N 12  
ARG N   CA   sing N N 13  
ARG N   H    sing N N 14  
ARG N   H2   sing N N 15  
ARG CA  C    sing N N 16  
ARG CA  CB   sing N N 17  
ARG CA  HA   sing N N 18  
ARG C   O    doub N N 19  
ARG C   OXT  sing N N 20  
ARG CB  CG   sing N N 21  
ARG CB  HB2  sing N N 22  
ARG CB  HB3  sing N N 23  
ARG CG  CD   sing N N 24  
ARG CG  HG2  sing N N 25  
ARG CG  HG3  sing N N 26  
ARG CD  NE   sing N N 27  
ARG CD  HD2  sing N N 28  
ARG CD  HD3  sing N N 29  
ARG NE  CZ   sing N N 30  
ARG NE  HE   sing N N 31  
ARG CZ  NH1  sing N N 32  
ARG CZ  NH2  doub N N 33  
ARG NH1 HH11 sing N N 34  
ARG NH1 HH12 sing N N 35  
ARG NH2 HH21 sing N N 36  
ARG NH2 HH22 sing N N 37  
ARG OXT HXT  sing N N 38  
ASN N   CA   sing N N 39  
ASN N   H    sing N N 40  
ASN N   H2   sing N N 41  
ASN CA  C    sing N N 42  
ASN CA  CB   sing N N 43  
ASN CA  HA   sing N N 44  
ASN C   O    doub N N 45  
ASN C   OXT  sing N N 46  
ASN CB  CG   sing N N 47  
ASN CB  HB2  sing N N 48  
ASN CB  HB3  sing N N 49  
ASN CG  OD1  doub N N 50  
ASN CG  ND2  sing N N 51  
ASN ND2 HD21 sing N N 52  
ASN ND2 HD22 sing N N 53  
ASN OXT HXT  sing N N 54  
ASP N   CA   sing N N 55  
ASP N   H    sing N N 56  
ASP N   H2   sing N N 57  
ASP CA  C    sing N N 58  
ASP CA  CB   sing N N 59  
ASP CA  HA   sing N N 60  
ASP C   O    doub N N 61  
ASP C   OXT  sing N N 62  
ASP CB  CG   sing N N 63  
ASP CB  HB2  sing N N 64  
ASP CB  HB3  sing N N 65  
ASP CG  OD1  doub N N 66  
ASP CG  OD2  sing N N 67  
ASP OD2 HD2  sing N N 68  
ASP OXT HXT  sing N N 69  
CYS N   CA   sing N N 70  
CYS N   H    sing N N 71  
CYS N   H2   sing N N 72  
CYS CA  C    sing N N 73  
CYS CA  CB   sing N N 74  
CYS CA  HA   sing N N 75  
CYS C   O    doub N N 76  
CYS C   OXT  sing N N 77  
CYS CB  SG   sing N N 78  
CYS CB  HB2  sing N N 79  
CYS CB  HB3  sing N N 80  
CYS SG  HG   sing N N 81  
CYS OXT HXT  sing N N 82  
GLN N   CA   sing N N 83  
GLN N   H    sing N N 84  
GLN N   H2   sing N N 85  
GLN CA  C    sing N N 86  
GLN CA  CB   sing N N 87  
GLN CA  HA   sing N N 88  
GLN C   O    doub N N 89  
GLN C   OXT  sing N N 90  
GLN CB  CG   sing N N 91  
GLN CB  HB2  sing N N 92  
GLN CB  HB3  sing N N 93  
GLN CG  CD   sing N N 94  
GLN CG  HG2  sing N N 95  
GLN CG  HG3  sing N N 96  
GLN CD  OE1  doub N N 97  
GLN CD  NE2  sing N N 98  
GLN NE2 HE21 sing N N 99  
GLN NE2 HE22 sing N N 100 
GLN OXT HXT  sing N N 101 
GLU N   CA   sing N N 102 
GLU N   H    sing N N 103 
GLU N   H2   sing N N 104 
GLU CA  C    sing N N 105 
GLU CA  CB   sing N N 106 
GLU CA  HA   sing N N 107 
GLU C   O    doub N N 108 
GLU C   OXT  sing N N 109 
GLU CB  CG   sing N N 110 
GLU CB  HB2  sing N N 111 
GLU CB  HB3  sing N N 112 
GLU CG  CD   sing N N 113 
GLU CG  HG2  sing N N 114 
GLU CG  HG3  sing N N 115 
GLU CD  OE1  doub N N 116 
GLU CD  OE2  sing N N 117 
GLU OE2 HE2  sing N N 118 
GLU OXT HXT  sing N N 119 
GLY N   CA   sing N N 120 
GLY N   H    sing N N 121 
GLY N   H2   sing N N 122 
GLY CA  C    sing N N 123 
GLY CA  HA2  sing N N 124 
GLY CA  HA3  sing N N 125 
GLY C   O    doub N N 126 
GLY C   OXT  sing N N 127 
GLY OXT HXT  sing N N 128 
GOL C1  O1   sing N N 129 
GOL C1  C2   sing N N 130 
GOL C1  H11  sing N N 131 
GOL C1  H12  sing N N 132 
GOL O1  HO1  sing N N 133 
GOL C2  O2   sing N N 134 
GOL C2  C3   sing N N 135 
GOL C2  H2   sing N N 136 
GOL O2  HO2  sing N N 137 
GOL C3  O3   sing N N 138 
GOL C3  H31  sing N N 139 
GOL C3  H32  sing N N 140 
GOL O3  HO3  sing N N 141 
HIS N   CA   sing N N 142 
HIS N   H    sing N N 143 
HIS N   H2   sing N N 144 
HIS CA  C    sing N N 145 
HIS CA  CB   sing N N 146 
HIS CA  HA   sing N N 147 
HIS C   O    doub N N 148 
HIS C   OXT  sing N N 149 
HIS CB  CG   sing N N 150 
HIS CB  HB2  sing N N 151 
HIS CB  HB3  sing N N 152 
HIS CG  ND1  sing Y N 153 
HIS CG  CD2  doub Y N 154 
HIS ND1 CE1  doub Y N 155 
HIS ND1 HD1  sing N N 156 
HIS CD2 NE2  sing Y N 157 
HIS CD2 HD2  sing N N 158 
HIS CE1 NE2  sing Y N 159 
HIS CE1 HE1  sing N N 160 
HIS NE2 HE2  sing N N 161 
HIS OXT HXT  sing N N 162 
HOH O   H1   sing N N 163 
HOH O   H2   sing N N 164 
ILE N   CA   sing N N 165 
ILE N   H    sing N N 166 
ILE N   H2   sing N N 167 
ILE CA  C    sing N N 168 
ILE CA  CB   sing N N 169 
ILE CA  HA   sing N N 170 
ILE C   O    doub N N 171 
ILE C   OXT  sing N N 172 
ILE CB  CG1  sing N N 173 
ILE CB  CG2  sing N N 174 
ILE CB  HB   sing N N 175 
ILE CG1 CD1  sing N N 176 
ILE CG1 HG12 sing N N 177 
ILE CG1 HG13 sing N N 178 
ILE CG2 HG21 sing N N 179 
ILE CG2 HG22 sing N N 180 
ILE CG2 HG23 sing N N 181 
ILE CD1 HD11 sing N N 182 
ILE CD1 HD12 sing N N 183 
ILE CD1 HD13 sing N N 184 
ILE OXT HXT  sing N N 185 
LEU N   CA   sing N N 186 
LEU N   H    sing N N 187 
LEU N   H2   sing N N 188 
LEU CA  C    sing N N 189 
LEU CA  CB   sing N N 190 
LEU CA  HA   sing N N 191 
LEU C   O    doub N N 192 
LEU C   OXT  sing N N 193 
LEU CB  CG   sing N N 194 
LEU CB  HB2  sing N N 195 
LEU CB  HB3  sing N N 196 
LEU CG  CD1  sing N N 197 
LEU CG  CD2  sing N N 198 
LEU CG  HG   sing N N 199 
LEU CD1 HD11 sing N N 200 
LEU CD1 HD12 sing N N 201 
LEU CD1 HD13 sing N N 202 
LEU CD2 HD21 sing N N 203 
LEU CD2 HD22 sing N N 204 
LEU CD2 HD23 sing N N 205 
LEU OXT HXT  sing N N 206 
LYS N   CA   sing N N 207 
LYS N   H    sing N N 208 
LYS N   H2   sing N N 209 
LYS CA  C    sing N N 210 
LYS CA  CB   sing N N 211 
LYS CA  HA   sing N N 212 
LYS C   O    doub N N 213 
LYS C   OXT  sing N N 214 
LYS CB  CG   sing N N 215 
LYS CB  HB2  sing N N 216 
LYS CB  HB3  sing N N 217 
LYS CG  CD   sing N N 218 
LYS CG  HG2  sing N N 219 
LYS CG  HG3  sing N N 220 
LYS CD  CE   sing N N 221 
LYS CD  HD2  sing N N 222 
LYS CD  HD3  sing N N 223 
LYS CE  NZ   sing N N 224 
LYS CE  HE2  sing N N 225 
LYS CE  HE3  sing N N 226 
LYS NZ  HZ1  sing N N 227 
LYS NZ  HZ2  sing N N 228 
LYS NZ  HZ3  sing N N 229 
LYS OXT HXT  sing N N 230 
PHE N   CA   sing N N 231 
PHE N   H    sing N N 232 
PHE N   H2   sing N N 233 
PHE CA  C    sing N N 234 
PHE CA  CB   sing N N 235 
PHE CA  HA   sing N N 236 
PHE C   O    doub N N 237 
PHE C   OXT  sing N N 238 
PHE CB  CG   sing N N 239 
PHE CB  HB2  sing N N 240 
PHE CB  HB3  sing N N 241 
PHE CG  CD1  doub Y N 242 
PHE CG  CD2  sing Y N 243 
PHE CD1 CE1  sing Y N 244 
PHE CD1 HD1  sing N N 245 
PHE CD2 CE2  doub Y N 246 
PHE CD2 HD2  sing N N 247 
PHE CE1 CZ   doub Y N 248 
PHE CE1 HE1  sing N N 249 
PHE CE2 CZ   sing Y N 250 
PHE CE2 HE2  sing N N 251 
PHE CZ  HZ   sing N N 252 
PHE OXT HXT  sing N N 253 
PRO N   CA   sing N N 254 
PRO N   CD   sing N N 255 
PRO N   H    sing N N 256 
PRO CA  C    sing N N 257 
PRO CA  CB   sing N N 258 
PRO CA  HA   sing N N 259 
PRO C   O    doub N N 260 
PRO C   OXT  sing N N 261 
PRO CB  CG   sing N N 262 
PRO CB  HB2  sing N N 263 
PRO CB  HB3  sing N N 264 
PRO CG  CD   sing N N 265 
PRO CG  HG2  sing N N 266 
PRO CG  HG3  sing N N 267 
PRO CD  HD2  sing N N 268 
PRO CD  HD3  sing N N 269 
PRO OXT HXT  sing N N 270 
SER N   CA   sing N N 271 
SER N   H    sing N N 272 
SER N   H2   sing N N 273 
SER CA  C    sing N N 274 
SER CA  CB   sing N N 275 
SER CA  HA   sing N N 276 
SER C   O    doub N N 277 
SER C   OXT  sing N N 278 
SER CB  OG   sing N N 279 
SER CB  HB2  sing N N 280 
SER CB  HB3  sing N N 281 
SER OG  HG   sing N N 282 
SER OXT HXT  sing N N 283 
SO4 S   O1   doub N N 284 
SO4 S   O2   doub N N 285 
SO4 S   O3   sing N N 286 
SO4 S   O4   sing N N 287 
THR N   CA   sing N N 288 
THR N   H    sing N N 289 
THR N   H2   sing N N 290 
THR CA  C    sing N N 291 
THR CA  CB   sing N N 292 
THR CA  HA   sing N N 293 
THR C   O    doub N N 294 
THR C   OXT  sing N N 295 
THR CB  OG1  sing N N 296 
THR CB  CG2  sing N N 297 
THR CB  HB   sing N N 298 
THR OG1 HG1  sing N N 299 
THR CG2 HG21 sing N N 300 
THR CG2 HG22 sing N N 301 
THR CG2 HG23 sing N N 302 
THR OXT HXT  sing N N 303 
TRP N   CA   sing N N 304 
TRP N   H    sing N N 305 
TRP N   H2   sing N N 306 
TRP CA  C    sing N N 307 
TRP CA  CB   sing N N 308 
TRP CA  HA   sing N N 309 
TRP C   O    doub N N 310 
TRP C   OXT  sing N N 311 
TRP CB  CG   sing N N 312 
TRP CB  HB2  sing N N 313 
TRP CB  HB3  sing N N 314 
TRP CG  CD1  doub Y N 315 
TRP CG  CD2  sing Y N 316 
TRP CD1 NE1  sing Y N 317 
TRP CD1 HD1  sing N N 318 
TRP CD2 CE2  doub Y N 319 
TRP CD2 CE3  sing Y N 320 
TRP NE1 CE2  sing Y N 321 
TRP NE1 HE1  sing N N 322 
TRP CE2 CZ2  sing Y N 323 
TRP CE3 CZ3  doub Y N 324 
TRP CE3 HE3  sing N N 325 
TRP CZ2 CH2  doub Y N 326 
TRP CZ2 HZ2  sing N N 327 
TRP CZ3 CH2  sing Y N 328 
TRP CZ3 HZ3  sing N N 329 
TRP CH2 HH2  sing N N 330 
TRP OXT HXT  sing N N 331 
VAL N   CA   sing N N 332 
VAL N   H    sing N N 333 
VAL N   H2   sing N N 334 
VAL CA  C    sing N N 335 
VAL CA  CB   sing N N 336 
VAL CA  HA   sing N N 337 
VAL C   O    doub N N 338 
VAL C   OXT  sing N N 339 
VAL CB  CG1  sing N N 340 
VAL CB  CG2  sing N N 341 
VAL CB  HB   sing N N 342 
VAL CG1 HG11 sing N N 343 
VAL CG1 HG12 sing N N 344 
VAL CG1 HG13 sing N N 345 
VAL CG2 HG21 sing N N 346 
VAL CG2 HG22 sing N N 347 
VAL CG2 HG23 sing N N 348 
VAL OXT HXT  sing N N 349 
# 
_pdbx_entity_instance_feature.ordinal        1 
_pdbx_entity_instance_feature.comp_id        SO4 
_pdbx_entity_instance_feature.asym_id        ? 
_pdbx_entity_instance_feature.seq_num        ? 
_pdbx_entity_instance_feature.auth_comp_id   SO4 
_pdbx_entity_instance_feature.auth_asym_id   ? 
_pdbx_entity_instance_feature.auth_seq_num   ? 
_pdbx_entity_instance_feature.feature_type   'SUBJECT OF INVESTIGATION' 
_pdbx_entity_instance_feature.details        ? 
# 
_pdbx_initial_refinement_model.id               1 
_pdbx_initial_refinement_model.entity_id_list   ? 
_pdbx_initial_refinement_model.type             'experimental model' 
_pdbx_initial_refinement_model.source_name      PDB 
_pdbx_initial_refinement_model.accession_code   4BCZ 
_pdbx_initial_refinement_model.details          ? 
# 
_atom_sites.entry_id                    6FLH 
_atom_sites.fract_transf_matrix[1][1]   0.00808276 
_atom_sites.fract_transf_matrix[1][2]   0.01127796 
_atom_sites.fract_transf_matrix[1][3]   0.00014390 
_atom_sites.fract_transf_matrix[2][1]   -0.00188026 
_atom_sites.fract_transf_matrix[2][2]   0.00976029 
_atom_sites.fract_transf_matrix[2][3]   0.00968219 
_atom_sites.fract_transf_matrix[3][1]   0.00484306 
_atom_sites.fract_transf_matrix[3][2]   -0.00352833 
_atom_sites.fract_transf_matrix[3][3]   0.00449730 
_atom_sites.fract_transf_vector[1]      -0.192228 
_atom_sites.fract_transf_vector[2]      -0.052415 
_atom_sites.fract_transf_vector[3]      -0.127903 
# 
loop_
_atom_type.symbol 
C 
N 
O 
S 
# 
loop_
_atom_site.group_PDB 
_atom_site.id 
_atom_site.type_symbol 
_atom_site.label_atom_id 
_atom_site.label_alt_id 
_atom_site.label_comp_id 
_atom_site.label_asym_id 
_atom_site.label_entity_id 
_atom_site.label_seq_id 
_atom_site.pdbx_PDB_ins_code 
_atom_site.Cartn_x 
_atom_site.Cartn_y 
_atom_site.Cartn_z 
_atom_site.occupancy 
_atom_site.B_iso_or_equiv 
_atom_site.pdbx_formal_charge 
_atom_site.auth_seq_id 
_atom_site.auth_comp_id 
_atom_site.auth_asym_id 
_atom_site.auth_atom_id 
_atom_site.pdbx_PDB_model_num 
ATOM   1   N N   . ALA A 1 1   ? -5.138  10.372  -12.639 1.00 41.29  ? 1   ALA A N   1 
ATOM   2   C CA  . ALA A 1 1   ? -3.721  10.005  -13.006 1.00 40.83  ? 1   ALA A CA  1 
ATOM   3   C C   . ALA A 1 1   ? -3.644  8.667   -13.711 1.00 33.96  ? 1   ALA A C   1 
ATOM   4   O O   . ALA A 1 1   ? -4.548  7.906   -13.687 1.00 37.86  ? 1   ALA A O   1 
ATOM   5   C CB  . ALA A 1 1   ? -2.824  9.967   -11.742 1.00 40.59  ? 1   ALA A CB  1 
ATOM   6   N N   . THR A 1 2   ? -2.491  8.409   -14.257 1.00 30.29  ? 2   THR A N   1 
ATOM   7   C CA  . THR A 1 2   ? -2.118  7.176   -14.770 1.00 29.37  ? 2   THR A CA  1 
ATOM   8   C C   . THR A 1 2   ? -0.952  6.514   -14.012 1.00 22.72  ? 2   THR A C   1 
ATOM   9   O O   . THR A 1 2   ? -0.848  5.334   -14.097 1.00 24.03  ? 2   THR A O   1 
ATOM   10  C CB  . THR A 1 2   ? -1.877  7.255   -16.253 1.00 32.34  ? 2   THR A CB  1 
ATOM   11  O OG1 . THR A 1 2   ? -1.728  5.942   -16.708 1.00 50.93  ? 2   THR A OG1 1 
ATOM   12  C CG2 . THR A 1 2   ? -0.647  7.991   -16.645 1.00 32.07  ? 2   THR A CG2 1 
ATOM   13  N N   . LYS A 1 3   ? -0.108  7.268   -13.280 1.00 22.25  ? 3   LYS A N   1 
ATOM   14  C CA  . LYS A 1 3   ? 0.893   6.617   -12.378 1.00 19.41  ? 3   LYS A CA  1 
ATOM   15  C C   . LYS A 1 3   ? 0.941   7.441   -11.094 1.00 18.88  ? 3   LYS A C   1 
ATOM   16  O O   . LYS A 1 3   ? 0.678   8.655   -11.061 1.00 19.62  ? 3   LYS A O   1 
ATOM   17  C CB  . LYS A 1 3   ? 2.232   6.562   -13.052 1.00 21.86  ? 3   LYS A CB  1 
ATOM   18  C CG  . LYS A 1 3   ? 2.376   5.721   -14.306 1.00 27.40  ? 3   LYS A CG  1 
ATOM   19  C CD  . LYS A 1 3   ? 3.831   5.630   -14.681 1.00 31.49  ? 3   LYS A CD  1 
ATOM   20  C CE  . LYS A 1 3   ? 4.149   4.597   -15.777 1.00 34.29  ? 3   LYS A CE  1 
ATOM   21  N NZ  . LYS A 1 3   ? 3.461   5.112   -16.964 1.00 41.42  ? 3   LYS A NZ  1 
ATOM   22  N N   . ALA A 1 4   ? 1.175   6.710   -10.003 1.00 21.38  ? 4   ALA A N   1 
ATOM   23  C CA  . ALA A 1 4   ? 1.370   7.305   -8.698  1.00 20.36  ? 4   ALA A CA  1 
ATOM   24  C C   . ALA A 1 4   ? 2.506   6.603   -7.940  1.00 17.83  ? 4   ALA A C   1 
ATOM   25  O O   . ALA A 1 4   ? 2.931   5.478   -8.283  1.00 16.45  ? 4   ALA A O   1 
ATOM   26  C CB  . ALA A 1 4   ? 0.106   7.218   -7.885  1.00 19.62  ? 4   ALA A CB  1 
ATOM   27  N N   . VAL A 1 5   ? 3.101   7.294   -6.946  1.00 16.96  ? 5   VAL A N   1 
ATOM   28  C CA  . VAL A 1 5   ? 4.210   6.702   -6.190  1.00 17.27  ? 5   VAL A CA  1 
ATOM   29  C C   . VAL A 1 5   ? 3.965   7.082   -4.693  1.00 16.80  ? 5   VAL A C   1 
ATOM   30  O O   . VAL A 1 5   ? 3.640   8.253   -4.442  1.00 17.12  ? 5   VAL A O   1 
ATOM   31  C CB  . VAL A 1 5   ? 5.592   7.306   -6.579  1.00 20.30  ? 5   VAL A CB  1 
ATOM   32  C CG1 . VAL A 1 5   ? 6.649   6.763   -5.666  1.00 20.96  ? 5   VAL A CG1 1 
ATOM   33  C CG2 . VAL A 1 5   ? 5.983   6.979   -8.006  1.00 23.92  ? 5   VAL A CG2 1 
ATOM   34  N N   . ALA A 1 6   ? 4.042   6.093   -3.793  1.00 15.46  ? 6   ALA A N   1 
ATOM   35  C CA  . ALA A 1 6   ? 4.059   6.311   -2.395  1.00 16.29  ? 6   ALA A CA  1 
ATOM   36  C C   . ALA A 1 6   ? 5.389   5.930   -1.841  1.00 15.28  ? 6   ALA A C   1 
ATOM   37  O O   . ALA A 1 6   ? 5.874   4.755   -1.952  1.00 16.43  ? 6   ALA A O   1 
ATOM   38  C CB  . ALA A 1 6   ? 3.008   5.445   -1.699  1.00 18.89  ? 6   ALA A CB  1 
ATOM   39  N N   . VAL A 1 7   ? 6.011   6.900   -1.148  1.00 16.84  ? 7   VAL A N   1 
ATOM   40  C CA  . VAL A 1 7   ? 7.266   6.621   -0.471  1.00 15.48  ? 7   VAL A CA  1 
ATOM   41  C C   . VAL A 1 7   ? 6.971   6.421   1.042   1.00 16.38  ? 7   VAL A C   1 
ATOM   42  O O   . VAL A 1 7   ? 6.397   7.289   1.697   1.00 16.97  ? 7   VAL A O   1 
ATOM   43  C CB  . VAL A 1 7   ? 8.300   7.787   -0.644  1.00 18.53  ? 7   VAL A CB  1 
ATOM   44  C CG1 . VAL A 1 7   ? 9.636   7.392   -0.020  1.00 19.55  ? 7   VAL A CG1 1 
ATOM   45  C CG2 . VAL A 1 7   ? 8.479   8.020   -2.128  1.00 22.00  ? 7   VAL A CG2 1 
ATOM   46  N N   . LEU A 1 8   ? 7.280   5.253   1.508   1.00 14.18  ? 8   LEU A N   1 
ATOM   47  C CA  . LEU A 1 8   ? 6.860   4.809   2.877   1.00 16.41  ? 8   LEU A CA  1 
ATOM   48  C C   . LEU A 1 8   ? 8.009   4.980   3.862   1.00 15.00  ? 8   LEU A C   1 
ATOM   49  O O   . LEU A 1 8   ? 9.124   4.490   3.589   1.00 17.06  ? 8   LEU A O   1 
ATOM   50  C CB  . LEU A 1 8   ? 6.453   3.382   2.914   1.00 18.83  ? 8   LEU A CB  1 
ATOM   51  C CG  . LEU A 1 8   ? 5.386   2.990   1.840   1.00 25.58  ? 8   LEU A CG  1 
ATOM   52  C CD1 . LEU A 1 8   ? 5.180   1.455   1.744   1.00 27.56  ? 8   LEU A CD1 1 
ATOM   53  C CD2 . LEU A 1 8   ? 4.137   3.639   2.186   1.00 28.20  ? 8   LEU A CD2 1 
ATOM   54  N N   . LYS A 1 9   ? 7.700   5.566   4.994   1.00 15.01  ? 9   LYS A N   1 
ATOM   55  C CA  . LYS A 1 9   ? 8.649   5.603   6.092   1.00 19.27  ? 9   LYS A CA  1 
ATOM   56  C C   . LYS A 1 9   ? 7.852   5.569   7.379   1.00 17.08  ? 9   LYS A C   1 
ATOM   57  O O   . LYS A 1 9   ? 6.619   5.905   7.468   1.00 16.15  ? 9   LYS A O   1 
ATOM   58  C CB  . LYS A 1 9   ? 9.464   6.895   6.023   1.00 24.75  ? 9   LYS A CB  1 
ATOM   59  C CG  . LYS A 1 9   ? 10.394  6.890   4.768   1.00 37.72  ? 9   LYS A CG  1 
ATOM   60  C CD  . LYS A 1 9   ? 11.669  7.731   4.842   1.00 51.89  ? 9   LYS A CD  1 
ATOM   61  C CE  . LYS A 1 9   ? 12.578  7.543   3.603   1.00 53.43  ? 9   LYS A CE  1 
ATOM   62  N NZ  . LYS A 1 9   ? 13.579  8.651   3.417   1.00 61.05  ? 9   LYS A NZ  1 
ATOM   63  N N   . GLY A 1 10  ? 8.582   5.250   8.399   1.00 20.15  ? 10  GLY A N   1 
ATOM   64  C CA  . GLY A 1 10  ? 8.079   5.235   9.779   1.00 20.82  ? 10  GLY A CA  1 
ATOM   65  C C   . GLY A 1 10  ? 9.168   5.761   10.741  1.00 22.59  ? 10  GLY A C   1 
ATOM   66  O O   . GLY A 1 10  ? 10.257  6.121   10.350  1.00 22.70  ? 10  GLY A O   1 
ATOM   67  N N   . ASP A 1 11  ? 8.908   5.679   12.030  1.00 18.32  ? 11  ASP A N   1 
ATOM   68  C CA  . ASP A 1 11  ? 9.937   6.067   12.980  1.00 17.63  ? 11  ASP A CA  1 
ATOM   69  C C   . ASP A 1 11  ? 10.941  4.959   13.265  1.00 18.01  ? 11  ASP A C   1 
ATOM   70  O O   . ASP A 1 11  ? 12.068  5.257   13.724  1.00 18.23  ? 11  ASP A O   1 
ATOM   71  C CB  . ASP A 1 11  ? 9.277   6.551   14.274  1.00 19.11  ? 11  ASP A CB  1 
ATOM   72  C CG  . ASP A 1 11  ? 8.684   8.033   14.205  1.00 22.05  ? 11  ASP A CG  1 
ATOM   73  O OD1 . ASP A 1 11  ? 8.872   8.742   13.259  1.00 30.98  ? 11  ASP A OD1 1 
ATOM   74  O OD2 . ASP A 1 11  ? 7.881   8.257   15.093  1.00 33.97  ? 11  ASP A OD2 1 
ATOM   75  N N   . GLY A 1 12  ? 10.593  3.712   12.971  1.00 16.32  ? 12  GLY A N   1 
ATOM   76  C CA  . GLY A 1 12  ? 11.456  2.583   13.018  1.00 17.62  ? 12  GLY A CA  1 
ATOM   77  C C   . GLY A 1 12  ? 12.069  2.261   11.656  1.00 15.23  ? 12  GLY A C   1 
ATOM   78  O O   . GLY A 1 12  ? 12.321  3.140   10.880  1.00 15.01  ? 12  GLY A O   1 
ATOM   79  N N   . PRO A 1 13  ? 12.511  1.005   11.485  1.00 14.23  ? 13  PRO A N   1 
ATOM   80  C CA  . PRO A 1 13  ? 13.319  0.657   10.366  1.00 15.56  ? 13  PRO A CA  1 
ATOM   81  C C   . PRO A 1 13  ? 12.538  0.500   9.032   1.00 15.29  ? 13  PRO A C   1 
ATOM   82  O O   . PRO A 1 13  ? 13.181  0.271   7.983   1.00 15.85  ? 13  PRO A O   1 
ATOM   83  C CB  . PRO A 1 13  ? 13.997  -0.614  10.778  1.00 14.76  ? 13  PRO A CB  1 
ATOM   84  C CG  . PRO A 1 13  ? 12.976  -1.243  11.629  1.00 14.98  ? 13  PRO A CG  1 
ATOM   85  C CD  . PRO A 1 13  ? 12.369  -0.089  12.410  1.00 15.08  ? 13  PRO A CD  1 
ATOM   86  N N   . VAL A 1 14  ? 11.212  0.425   9.100   1.00 12.19  ? 14  VAL A N   1 
ATOM   87  C CA  . VAL A 1 14  ? 10.481  0.019   7.880   1.00 14.74  ? 14  VAL A CA  1 
ATOM   88  C C   . VAL A 1 14  ? 10.431  1.156   6.890   1.00 14.75  ? 14  VAL A C   1 
ATOM   89  O O   . VAL A 1 14  ? 10.038  2.299   7.233   1.00 14.70  ? 14  VAL A O   1 
ATOM   90  C CB  . VAL A 1 14  ? 9.071   -0.458  8.224   1.00 14.42  ? 14  VAL A CB  1 
ATOM   91  C CG1 . VAL A 1 14  ? 8.314   -0.753  6.905   1.00 13.84  ? 14  VAL A CG1 1 
ATOM   92  C CG2 . VAL A 1 14  ? 9.138   -1.627  9.160   1.00 16.56  ? 14  VAL A CG2 1 
ATOM   93  N N   A GLN A 1 15  ? 10.827  0.883   5.659   0.50 15.66  ? 15  GLN A N   1 
ATOM   94  N N   B GLN A 1 15  ? 10.815  0.877   5.659   0.50 15.45  ? 15  GLN A N   1 
ATOM   95  C CA  A GLN A 1 15  ? 10.776  1.889   4.637   0.50 16.14  ? 15  GLN A CA  1 
ATOM   96  C CA  B GLN A 1 15  ? 10.751  1.883   4.647   0.50 15.68  ? 15  GLN A CA  1 
ATOM   97  C C   A GLN A 1 15  ? 10.694  1.229   3.283   0.50 15.90  ? 15  GLN A C   1 
ATOM   98  C C   B GLN A 1 15  ? 10.675  1.226   3.289   0.50 15.72  ? 15  GLN A C   1 
ATOM   99  O O   A GLN A 1 15  ? 11.253  0.144   3.053   0.50 15.73  ? 15  GLN A O   1 
ATOM   100 O O   B GLN A 1 15  ? 11.173  0.115   3.071   0.50 16.07  ? 15  GLN A O   1 
ATOM   101 C CB  A GLN A 1 15  ? 11.999  2.799   4.664   0.50 20.25  ? 15  GLN A CB  1 
ATOM   102 C CB  B GLN A 1 15  ? 11.917  2.870   4.731   0.50 19.12  ? 15  GLN A CB  1 
ATOM   103 C CG  A GLN A 1 15  ? 13.283  2.037   4.589   0.50 23.52  ? 15  GLN A CG  1 
ATOM   104 C CG  B GLN A 1 15  ? 13.276  2.267   4.764   0.50 21.10  ? 15  GLN A CG  1 
ATOM   105 C CD  A GLN A 1 15  ? 14.325  2.584   3.587   0.50 32.24  ? 15  GLN A CD  1 
ATOM   106 C CD  B GLN A 1 15  ? 14.431  3.307   4.815   0.50 27.79  ? 15  GLN A CD  1 
ATOM   107 O OE1 A GLN A 1 15  ? 14.958  1.795   2.873   0.50 39.96  ? 15  GLN A OE1 1 
ATOM   108 O OE1 B GLN A 1 15  ? 14.248  4.534   4.580   0.50 36.18  ? 15  GLN A OE1 1 
ATOM   109 N NE2 A GLN A 1 15  ? 14.540  3.912   3.570   0.50 34.28  ? 15  GLN A NE2 1 
ATOM   110 N NE2 B GLN A 1 15  ? 15.615  2.804   5.098   0.50 29.21  ? 15  GLN A NE2 1 
ATOM   111 N N   . GLY A 1 16  ? 10.140  1.963   2.354   1.00 15.39  ? 16  GLY A N   1 
ATOM   112 C CA  . GLY A 1 16  ? 10.050  1.451   0.988   1.00 18.01  ? 16  GLY A CA  1 
ATOM   113 C C   . GLY A 1 16  ? 9.396   2.367   0.023   1.00 16.19  ? 16  GLY A C   1 
ATOM   114 O O   . GLY A 1 16  ? 9.148   3.561   0.287   1.00 16.47  ? 16  GLY A O   1 
ATOM   115 N N   A ILE A 1 17  ? 9.106   1.830   -1.162  0.50 15.66  ? 17  ILE A N   1 
ATOM   116 N N   B ILE A 1 17  ? 9.123   1.845   -1.171  0.50 15.99  ? 17  ILE A N   1 
ATOM   117 C CA  A ILE A 1 17  ? 8.507   2.589   -2.205  0.50 15.93  ? 17  ILE A CA  1 
ATOM   118 C CA  B ILE A 1 17  ? 8.503   2.614   -2.194  0.50 16.56  ? 17  ILE A CA  1 
ATOM   119 C C   A ILE A 1 17  ? 7.524   1.677   -2.973  0.50 16.89  ? 17  ILE A C   1 
ATOM   120 C C   B ILE A 1 17  ? 7.553   1.713   -3.005  0.50 17.24  ? 17  ILE A C   1 
ATOM   121 O O   A ILE A 1 17  ? 7.811   0.513   -3.251  0.50 18.14  ? 17  ILE A O   1 
ATOM   122 O O   B ILE A 1 17  ? 7.917   0.600   -3.377  0.50 18.31  ? 17  ILE A O   1 
ATOM   123 C CB  A ILE A 1 17  ? 9.543   3.204   -3.129  0.50 17.49  ? 17  ILE A CB  1 
ATOM   124 C CB  B ILE A 1 17  ? 9.535   3.222   -3.095  0.50 18.75  ? 17  ILE A CB  1 
ATOM   125 C CG1 A ILE A 1 17  ? 10.575  4.002   -2.334  0.50 17.36  ? 17  ILE A CG1 1 
ATOM   126 C CG1 B ILE A 1 17  ? 8.840   4.127   -4.115  0.50 21.42  ? 17  ILE A CG1 1 
ATOM   127 C CG2 A ILE A 1 17  ? 8.865   4.152   -4.117  0.50 18.12  ? 17  ILE A CG2 1 
ATOM   128 C CG2 B ILE A 1 17  ? 10.289  2.111   -3.771  0.50 17.44  ? 17  ILE A CG2 1 
ATOM   129 C CD1 A ILE A 1 17  ? 11.540  4.651   -3.211  0.50 19.84  ? 17  ILE A CD1 1 
ATOM   130 C CD1 B ILE A 1 17  ? 9.641   5.346   -4.455  0.50 23.61  ? 17  ILE A CD1 1 
ATOM   131 N N   . ILE A 1 18  ? 6.345   2.189   -3.190  1.00 14.54  ? 18  ILE A N   1 
ATOM   132 C CA  . ILE A 1 18  ? 5.272   1.471   -3.921  1.00 16.33  ? 18  ILE A CA  1 
ATOM   133 C C   . ILE A 1 18  ? 4.827   2.379   -5.062  1.00 14.96  ? 18  ILE A C   1 
ATOM   134 O O   . ILE A 1 18  ? 4.387   3.562   -4.882  1.00 16.24  ? 18  ILE A O   1 
ATOM   135 C CB  . ILE A 1 18  ? 4.129   1.043   -3.006  1.00 16.73  ? 18  ILE A CB  1 
ATOM   136 C CG1 . ILE A 1 18  ? 4.637   0.177   -1.866  1.00 17.72  ? 18  ILE A CG1 1 
ATOM   137 C CG2 . ILE A 1 18  ? 2.991   0.426   -3.861  1.00 15.74  ? 18  ILE A CG2 1 
ATOM   138 C CD1 . ILE A 1 18  ? 5.112   -1.204  -2.287  1.00 19.63  ? 18  ILE A CD1 1 
ATOM   139 N N   . ASN A 1 19  ? 4.820   1.755   -6.267  1.00 18.32  ? 19  ASN A N   1 
ATOM   140 C CA  . ASN A 1 19  ? 4.387   2.385   -7.461  1.00 16.24  ? 19  ASN A CA  1 
ATOM   141 C C   . ASN A 1 19  ? 2.967   1.827   -7.941  1.00 16.49  ? 19  ASN A C   1 
ATOM   142 O O   . ASN A 1 19  ? 2.660   0.690   -7.611  1.00 16.60  ? 19  ASN A O   1 
ATOM   143 C CB  . ASN A 1 19  ? 5.388   2.140   -8.596  1.00 18.07  ? 19  ASN A CB  1 
ATOM   144 C CG  . ASN A 1 19  ? 6.795   2.481   -8.211  1.00 18.09  ? 19  ASN A CG  1 
ATOM   145 O OD1 . ASN A 1 19  ? 7.037   3.619   -7.873  1.00 20.09  ? 19  ASN A OD1 1 
ATOM   146 N ND2 . ASN A 1 19  ? 7.728   1.452   -8.156  1.00 17.90  ? 19  ASN A ND2 1 
ATOM   147 N N   . PHE A 1 20  ? 2.215   2.695   -8.589  1.00 16.93  ? 20  PHE A N   1 
ATOM   148 C CA  . PHE A 1 20  ? 0.883   2.360   -9.133  1.00 15.81  ? 20  PHE A CA  1 
ATOM   149 C C   . PHE A 1 20  ? 0.850   2.801   -10.589 1.00 19.19  ? 20  PHE A C   1 
ATOM   150 O O   . PHE A 1 20  ? 1.258   3.910   -10.940 1.00 20.70  ? 20  PHE A O   1 
ATOM   151 C CB  . PHE A 1 20  ? -0.185  3.102   -8.372  1.00 18.81  ? 20  PHE A CB  1 
ATOM   152 C CG  . PHE A 1 20  ? -0.209  2.859   -6.842  1.00 17.95  ? 20  PHE A CG  1 
ATOM   153 C CD1 . PHE A 1 20  ? 0.690   3.515   -5.974  1.00 17.77  ? 20  PHE A CD1 1 
ATOM   154 C CD2 . PHE A 1 20  ? -1.126  2.031   -6.283  1.00 17.65  ? 20  PHE A CD2 1 
ATOM   155 C CE1 . PHE A 1 20  ? 0.607   3.265   -4.612  1.00 16.44  ? 20  PHE A CE1 1 
ATOM   156 C CE2 . PHE A 1 20  ? -1.262  1.856   -4.909  1.00 18.90  ? 20  PHE A CE2 1 
ATOM   157 C CZ  . PHE A 1 20  ? -0.347  2.429   -4.057  1.00 19.29  ? 20  PHE A CZ  1 
ATOM   158 N N   . GLU A 1 21  ? 0.199   1.981   -11.452 1.00 19.88  ? 21  GLU A N   1 
ATOM   159 C CA  . GLU A 1 21  ? 0.017   2.391   -12.788 1.00 21.63  ? 21  GLU A CA  1 
ATOM   160 C C   . GLU A 1 21  ? -1.363  1.872   -13.198 1.00 21.43  ? 21  GLU A C   1 
ATOM   161 O O   . GLU A 1 21  ? -1.681  0.690   -12.882 1.00 21.97  ? 21  GLU A O   1 
ATOM   162 C CB  . GLU A 1 21  ? 1.046   1.683   -13.677 1.00 26.17  ? 21  GLU A CB  1 
ATOM   163 C CG  . GLU A 1 21  ? 0.824   1.890   -15.164 1.00 38.55  ? 21  GLU A CG  1 
ATOM   164 C CD  . GLU A 1 21  ? 1.979   1.448   -16.067 1.00 50.74  ? 21  GLU A CD  1 
ATOM   165 O OE1 . GLU A 1 21  ? 3.009   0.924   -15.537 1.00 50.56  ? 21  GLU A OE1 1 
ATOM   166 O OE2 . GLU A 1 21  ? 1.825   1.661   -17.311 1.00 58.49  ? 21  GLU A OE2 1 
ATOM   167 N N   . GLN A 1 22  ? -2.032  2.692   -13.981 1.00 24.50  ? 22  GLN A N   1 
ATOM   168 C CA  . GLN A 1 22  ? -3.385  2.307   -14.513 1.00 24.84  ? 22  GLN A CA  1 
ATOM   169 C C   . GLN A 1 22  ? -3.436  2.867   -15.952 1.00 32.71  ? 22  GLN A C   1 
ATOM   170 O O   . GLN A 1 22  ? -3.466  4.074   -16.163 1.00 30.76  ? 22  GLN A O   1 
ATOM   171 C CB  . GLN A 1 22  ? -4.424  2.917   -13.686 1.00 24.87  ? 22  GLN A CB  1 
ATOM   172 C CG  . GLN A 1 22  ? -5.877  2.495   -14.014 1.00 26.59  ? 22  GLN A CG  1 
ATOM   173 C CD  . GLN A 1 22  ? -6.879  3.146   -13.160 1.00 26.26  ? 22  GLN A CD  1 
ATOM   174 O OE1 . GLN A 1 22  ? -6.660  4.257   -12.719 1.00 29.29  ? 22  GLN A OE1 1 
ATOM   175 N NE2 . GLN A 1 22  ? -8.018  2.457   -12.864 1.00 28.81  ? 22  GLN A NE2 1 
ATOM   176 N N   . LYS A 1 23  ? -3.380  1.961   -16.885 1.00 37.64  ? 23  LYS A N   1 
ATOM   177 C CA  . LYS A 1 23  ? -3.502  2.282   -18.335 1.00 46.42  ? 23  LYS A CA  1 
ATOM   178 C C   . LYS A 1 23  ? -4.875  2.756   -18.774 1.00 45.80  ? 23  LYS A C   1 
ATOM   179 O O   . LYS A 1 23  ? -4.969  3.658   -19.584 1.00 48.08  ? 23  LYS A O   1 
ATOM   180 C CB  . LYS A 1 23  ? -3.069  1.079   -19.142 1.00 52.19  ? 23  LYS A CB  1 
ATOM   181 C CG  . LYS A 1 23  ? -1.544  0.963   -19.150 1.00 60.64  ? 23  LYS A CG  1 
ATOM   182 C CD  . LYS A 1 23  ? -1.051  -0.473  -19.139 1.00 71.60  ? 23  LYS A CD  1 
ATOM   183 C CE  . LYS A 1 23  ? 0.470   -0.541  -19.236 1.00 75.86  ? 23  LYS A CE  1 
ATOM   184 N NZ  . LYS A 1 23  ? 0.902   -1.855  -19.801 1.00 78.66  ? 23  LYS A NZ  1 
ATOM   185 N N   . GLU A 1 24  ? -5.928  2.215   -18.206 1.00 43.73  ? 24  GLU A N   1 
ATOM   186 C CA  . GLU A 1 24  ? -7.274  2.660   -18.514 1.00 49.93  ? 24  GLU A CA  1 
ATOM   187 C C   . GLU A 1 24  ? -8.130  3.013   -17.340 1.00 47.12  ? 24  GLU A C   1 
ATOM   188 O O   . GLU A 1 24  ? -8.132  2.330   -16.279 1.00 44.75  ? 24  GLU A O   1 
ATOM   189 C CB  . GLU A 1 24  ? -7.988  1.535   -19.292 1.00 58.99  ? 24  GLU A CB  1 
ATOM   190 C CG  . GLU A 1 24  ? -8.112  1.806   -20.791 1.00 75.10  ? 24  GLU A CG  1 
ATOM   191 C CD  . GLU A 1 24  ? -7.318  0.825   -21.628 1.00 81.44  ? 24  GLU A CD  1 
ATOM   192 O OE1 . GLU A 1 24  ? -6.486  1.291   -22.455 1.00 74.29  ? 24  GLU A OE1 1 
ATOM   193 O OE2 . GLU A 1 24  ? -7.553  -0.402  -21.451 1.00 80.85  ? 24  GLU A OE2 1 
ATOM   194 N N   . SER A 1 25  ? -8.970  4.011   -17.541 1.00 42.60  ? 25  SER A N   1 
ATOM   195 C CA  . SER A 1 25  ? -9.816  4.507   -16.449 1.00 45.47  ? 25  SER A CA  1 
ATOM   196 C C   . SER A 1 25  ? -10.670 3.509   -15.704 1.00 53.30  ? 25  SER A C   1 
ATOM   197 O O   . SER A 1 25  ? -10.906 3.730   -14.507 1.00 58.60  ? 25  SER A O   1 
ATOM   198 C CB  . SER A 1 25  ? -10.714 5.702   -16.858 1.00 55.42  ? 25  SER A CB  1 
ATOM   199 O OG  . SER A 1 25  ? -10.600 6.044   -18.229 1.00 64.23  ? 25  SER A OG  1 
ATOM   200 N N   . ASN A 1 26  ? -11.202 2.458   -16.327 1.00 49.36  ? 26  ASN A N   1 
ATOM   201 C CA  . ASN A 1 26  ? -11.922 1.522   -15.446 1.00 55.36  ? 26  ASN A CA  1 
ATOM   202 C C   . ASN A 1 26  ? -11.134 0.226   -15.233 1.00 53.88  ? 26  ASN A C   1 
ATOM   203 O O   . ASN A 1 26  ? -11.645 -0.679  -14.565 1.00 56.79  ? 26  ASN A O   1 
ATOM   204 C CB  . ASN A 1 26  ? -13.412 1.340   -15.839 1.00 62.30  ? 26  ASN A CB  1 
ATOM   205 C CG  . ASN A 1 26  ? -14.314 2.396   -15.184 1.00 65.37  ? 26  ASN A CG  1 
ATOM   206 O OD1 . ASN A 1 26  ? -14.667 3.401   -15.806 1.00 72.61  ? 26  ASN A OD1 1 
ATOM   207 N ND2 . ASN A 1 26  ? -14.627 2.208   -13.908 1.00 62.78  ? 26  ASN A ND2 1 
ATOM   208 N N   . GLY A 1 27  ? -9.860  0.215   -15.680 1.00 41.24  ? 27  GLY A N   1 
ATOM   209 C CA  . GLY A 1 27  ? -9.040  -0.985  -15.717 1.00 39.74  ? 27  GLY A CA  1 
ATOM   210 C C   . GLY A 1 27  ? -8.273  -1.180  -14.397 1.00 34.39  ? 27  GLY A C   1 
ATOM   211 O O   . GLY A 1 27  ? -8.329  -0.328  -13.521 1.00 32.30  ? 27  GLY A O   1 
ATOM   212 N N   . PRO A 1 28  ? -7.673  -2.357  -14.222 1.00 34.04  ? 28  PRO A N   1 
ATOM   213 C CA  . PRO A 1 28  ? -6.979  -2.640  -12.969 1.00 29.50  ? 28  PRO A CA  1 
ATOM   214 C C   . PRO A 1 28  ? -5.695  -1.728  -12.832 1.00 28.01  ? 28  PRO A C   1 
ATOM   215 O O   . PRO A 1 28  ? -5.152  -1.160  -13.803 1.00 25.35  ? 28  PRO A O   1 
ATOM   216 C CB  . PRO A 1 28  ? -6.565  -4.073  -13.075 1.00 30.28  ? 28  PRO A CB  1 
ATOM   217 C CG  . PRO A 1 28  ? -6.687  -4.432  -14.477 1.00 36.85  ? 28  PRO A CG  1 
ATOM   218 C CD  . PRO A 1 28  ? -7.492  -3.427  -15.198 1.00 36.13  ? 28  PRO A CD  1 
ATOM   219 N N   . VAL A 1 29  ? -5.349  -1.570  -11.587 1.00 26.19  ? 29  VAL A N   1 
ATOM   220 C CA  . VAL A 1 29  ? -4.075  -0.856  -11.185 1.00 23.83  ? 29  VAL A CA  1 
ATOM   221 C C   . VAL A 1 29  ? -2.989  -1.891  -10.880 1.00 22.53  ? 29  VAL A C   1 
ATOM   222 O O   . VAL A 1 29  ? -3.166  -2.818  -10.088 1.00 24.27  ? 29  VAL A O   1 
ATOM   223 C CB  . VAL A 1 29  ? -4.380  -0.011  -10.007 1.00 26.02  ? 29  VAL A CB  1 
ATOM   224 C CG1 . VAL A 1 29  ? -3.106  0.789   -9.611  1.00 22.63  ? 29  VAL A CG1 1 
ATOM   225 C CG2 . VAL A 1 29  ? -5.513  0.953   -10.298 1.00 25.23  ? 29  VAL A CG2 1 
ATOM   226 N N   . LYS A 1 30  ? -1.848  -1.749  -11.510 1.00 21.50  ? 30  LYS A N   1 
ATOM   227 C CA  . LYS A 1 30  ? -0.653  -2.492  -11.201 1.00 21.48  ? 30  LYS A CA  1 
ATOM   228 C C   . LYS A 1 30  ? 0.104   -1.806  -10.039 1.00 22.56  ? 30  LYS A C   1 
ATOM   229 O O   . LYS A 1 30  ? 0.198   -0.618  -10.064 1.00 20.53  ? 30  LYS A O   1 
ATOM   230 C CB  . LYS A 1 30  ? 0.283   -2.552  -12.386 1.00 27.34  ? 30  LYS A CB  1 
ATOM   231 C CG  . LYS A 1 30  ? 1.500   -3.454  -12.091 1.00 34.63  ? 30  LYS A CG  1 
ATOM   232 C CD  . LYS A 1 30  ? 2.371   -3.858  -13.266 1.00 49.92  ? 30  LYS A CD  1 
ATOM   233 C CE  . LYS A 1 30  ? 3.311   -5.017  -12.878 1.00 59.01  ? 30  LYS A CE  1 
ATOM   234 N NZ  . LYS A 1 30  ? 4.695   -4.847  -13.469 1.00 66.11  ? 30  LYS A NZ  1 
ATOM   235 N N   . VAL A 1 31  ? 0.327   -2.558  -8.958  1.00 20.78  ? 31  VAL A N   1 
ATOM   236 C CA  . VAL A 1 31  ? 0.977   -2.046  -7.698  1.00 19.83  ? 31  VAL A CA  1 
ATOM   237 C C   . VAL A 1 31  ? 2.252   -2.818  -7.570  1.00 21.39  ? 31  VAL A C   1 
ATOM   238 O O   . VAL A 1 31  ? 2.266   -4.048  -7.522  1.00 21.62  ? 31  VAL A O   1 
ATOM   239 C CB  . VAL A 1 31  ? 0.061   -2.291  -6.488  1.00 22.99  ? 31  VAL A CB  1 
ATOM   240 C CG1 . VAL A 1 31  ? 0.621   -1.627  -5.234  1.00 25.50  ? 31  VAL A CG1 1 
ATOM   241 C CG2 . VAL A 1 31  ? -1.330  -1.720  -6.756  1.00 21.66  ? 31  VAL A CG2 1 
ATOM   242 N N   . TRP A 1 32  ? 3.404   -2.118  -7.510  1.00 18.28  ? 32  TRP A N   1 
ATOM   243 C CA  . TRP A 1 32  ? 4.630   -2.830  -7.449  1.00 17.37  ? 32  TRP A CA  1 
ATOM   244 C C   . TRP A 1 32  ? 5.678   -1.962  -6.726  1.00 16.90  ? 32  TRP A C   1 
ATOM   245 O O   . TRP A 1 32  ? 5.588   -0.734  -6.746  1.00 17.28  ? 32  TRP A O   1 
ATOM   246 C CB  . TRP A 1 32  ? 5.221   -3.176  -8.802  1.00 20.55  ? 32  TRP A CB  1 
ATOM   247 C CG  . TRP A 1 32  ? 5.852   -2.117  -9.594  1.00 20.70  ? 32  TRP A CG  1 
ATOM   248 C CD1 . TRP A 1 32  ? 7.205   -1.977  -9.786  1.00 23.62  ? 32  TRP A CD1 1 
ATOM   249 C CD2 . TRP A 1 32  ? 5.227   -1.107  -10.375 1.00 22.05  ? 32  TRP A CD2 1 
ATOM   250 N NE1 . TRP A 1 32  ? 7.426   -0.943  -10.609 1.00 24.23  ? 32  TRP A NE1 1 
ATOM   251 C CE2 . TRP A 1 32  ? 6.243   -0.380  -10.990 1.00 23.46  ? 32  TRP A CE2 1 
ATOM   252 C CE3 . TRP A 1 32  ? 3.893   -0.761  -10.625 1.00 24.28  ? 32  TRP A CE3 1 
ATOM   253 C CZ2 . TRP A 1 32  ? 6.002   0.757   -11.800 1.00 24.23  ? 32  TRP A CZ2 1 
ATOM   254 C CZ3 . TRP A 1 32  ? 3.593   0.360   -11.394 1.00 23.00  ? 32  TRP A CZ3 1 
ATOM   255 C CH2 . TRP A 1 32  ? 4.659   1.101   -12.040 1.00 27.65  ? 32  TRP A CH2 1 
ATOM   256 N N   . GLY A 1 33  ? 6.560   -2.662  -6.126  1.00 15.76  ? 33  GLY A N   1 
ATOM   257 C CA  . GLY A 1 33  ? 7.779   -2.027  -5.467  1.00 16.54  ? 33  GLY A CA  1 
ATOM   258 C C   . GLY A 1 33  ? 8.352   -2.906  -4.414  1.00 16.11  ? 33  GLY A C   1 
ATOM   259 O O   . GLY A 1 33  ? 8.287   -4.117  -4.471  1.00 17.14  ? 33  GLY A O   1 
ATOM   260 N N   . SER A 1 34  ? 8.924   -2.279  -3.324  1.00 18.02  ? 34  SER A N   1 
ATOM   261 C CA  . SER A 1 34  ? 9.490   -3.130  -2.243  1.00 17.95  ? 34  SER A CA  1 
ATOM   262 C C   . SER A 1 34  ? 9.584   -2.334  -0.950  1.00 16.90  ? 34  SER A C   1 
ATOM   263 O O   . SER A 1 34  ? 9.566   -1.126  -0.965  1.00 16.37  ? 34  SER A O   1 
ATOM   264 C CB  . SER A 1 34  ? 10.903  -3.638  -2.585  1.00 22.86  ? 34  SER A CB  1 
ATOM   265 O OG  . SER A 1 34  ? 11.707  -2.488  -2.789  1.00 29.38  ? 34  SER A OG  1 
ATOM   266 N N   . ILE A 1 35  ? 9.449   -3.080  0.127   1.00 15.73  ? 35  ILE A N   1 
ATOM   267 C CA  . ILE A 1 35  ? 9.461   -2.536  1.474   1.00 16.94  ? 35  ILE A CA  1 
ATOM   268 C C   . ILE A 1 35  ? 10.467  -3.345  2.243   1.00 18.00  ? 35  ILE A C   1 
ATOM   269 O O   . ILE A 1 35  ? 10.491  -4.606  2.142   1.00 18.05  ? 35  ILE A O   1 
ATOM   270 C CB  . ILE A 1 35  ? 8.085   -2.639  2.110   1.00 19.36  ? 35  ILE A CB  1 
ATOM   271 C CG1 . ILE A 1 35  ? 7.014   -1.966  1.255   1.00 20.21  ? 35  ILE A CG1 1 
ATOM   272 C CG2 . ILE A 1 35  ? 8.134   -2.121  3.566   1.00 17.39  ? 35  ILE A CG2 1 
ATOM   273 C CD1 . ILE A 1 35  ? 5.615   -2.253  1.686   1.00 23.95  ? 35  ILE A CD1 1 
ATOM   274 N N   . LYS A 1 36  ? 11.376  -2.696  3.011   1.00 14.30  ? 36  LYS A N   1 
ATOM   275 C CA  . LYS A 1 36  ? 12.402  -3.369  3.777   1.00 15.66  ? 36  LYS A CA  1 
ATOM   276 C C   . LYS A 1 36  ? 12.215  -2.987  5.249   1.00 13.99  ? 36  LYS A C   1 
ATOM   277 O O   . LYS A 1 36  ? 11.349  -2.160  5.583   1.00 14.99  ? 36  LYS A O   1 
ATOM   278 C CB  . LYS A 1 36  ? 13.839  -2.782  3.370   1.00 19.60  ? 36  LYS A CB  1 
ATOM   279 C CG  . LYS A 1 36  ? 13.985  -2.795  1.845   1.00 30.54  ? 36  LYS A CG  1 
ATOM   280 C CD  . LYS A 1 36  ? 15.346  -2.211  1.325   1.00 39.76  ? 36  LYS A CD  1 
ATOM   281 C CE  . LYS A 1 36  ? 16.385  -3.229  1.094   1.00 41.06  ? 36  LYS A CE  1 
ATOM   282 N NZ  . LYS A 1 36  ? 17.803  -2.986  1.620   1.00 43.86  ? 36  LYS A NZ  1 
ATOM   283 N N   . GLY A 1 37  ? 12.948  -3.682  6.049   1.00 13.50  ? 37  GLY A N   1 
ATOM   284 C CA  . GLY A 1 37  ? 12.962  -3.522  7.530   1.00 15.27  ? 37  GLY A CA  1 
ATOM   285 C C   . GLY A 1 37  ? 11.854  -4.284  8.262   1.00 14.68  ? 37  GLY A C   1 
ATOM   286 O O   . GLY A 1 37  ? 11.596  -3.998  9.440   1.00 14.92  ? 37  GLY A O   1 
ATOM   287 N N   . LEU A 1 38  ? 11.160  -5.255  7.610   1.00 13.21  ? 38  LEU A N   1 
ATOM   288 C CA  . LEU A 1 38  ? 10.060  -5.971  8.189   1.00 13.57  ? 38  LEU A CA  1 
ATOM   289 C C   . LEU A 1 38  ? 10.460  -7.287  8.778   1.00 15.13  ? 38  LEU A C   1 
ATOM   290 O O   . LEU A 1 38  ? 11.462  -7.879  8.352   1.00 17.03  ? 38  LEU A O   1 
ATOM   291 C CB  . LEU A 1 38  ? 9.058   -6.248  7.036   1.00 14.38  ? 38  LEU A CB  1 
ATOM   292 C CG  . LEU A 1 38  ? 8.346   -5.066  6.447   1.00 15.44  ? 38  LEU A CG  1 
ATOM   293 C CD1 . LEU A 1 38  ? 7.745   -5.441  5.084   1.00 18.63  ? 38  LEU A CD1 1 
ATOM   294 C CD2 . LEU A 1 38  ? 7.261   -4.579  7.305   1.00 15.14  ? 38  LEU A CD2 1 
ATOM   295 N N   . THR A 1 39  ? 9.746   -7.783  9.806   1.00 15.26  ? 39  THR A N   1 
ATOM   296 C CA  . THR A 1 39  ? 9.900   -9.148  10.190  1.00 16.09  ? 39  THR A CA  1 
ATOM   297 C C   . THR A 1 39  ? 9.426   -10.103 9.037   1.00 17.13  ? 39  THR A C   1 
ATOM   298 O O   . THR A 1 39  ? 8.513   -9.785  8.343   1.00 19.48  ? 39  THR A O   1 
ATOM   299 C CB  . THR A 1 39  ? 9.130   -9.475  11.491  1.00 19.00  ? 39  THR A CB  1 
ATOM   300 O OG1 . THR A 1 39  ? 7.769   -9.186  11.288  1.00 20.38  ? 39  THR A OG1 1 
ATOM   301 C CG2 . THR A 1 39  ? 9.656   -8.628  12.610  1.00 17.57  ? 39  THR A CG2 1 
ATOM   302 N N   . GLU A 1 40  ? 10.094  -11.243 8.918   1.00 17.69  ? 40  GLU A N   1 
ATOM   303 C CA  . GLU A 1 40  ? 9.800   -12.267 7.911   1.00 17.03  ? 40  GLU A CA  1 
ATOM   304 C C   . GLU A 1 40  ? 8.263   -12.638 8.059   1.00 18.37  ? 40  GLU A C   1 
ATOM   305 O O   . GLU A 1 40  ? 7.765   -12.779 9.168   1.00 18.38  ? 40  GLU A O   1 
ATOM   306 C CB  . GLU A 1 40  ? 10.664  -13.450 8.093   1.00 19.68  ? 40  GLU A CB  1 
ATOM   307 C CG  . GLU A 1 40  ? 10.496  -14.478 7.005   1.00 21.75  ? 40  GLU A CG  1 
ATOM   308 C CD  . GLU A 1 40  ? 11.481  -15.637 7.155   1.00 27.24  ? 40  GLU A CD  1 
ATOM   309 O OE1 . GLU A 1 40  ? 12.293  -15.670 8.069   1.00 27.59  ? 40  GLU A OE1 1 
ATOM   310 O OE2 . GLU A 1 40  ? 11.481  -16.503 6.289   1.00 29.94  ? 40  GLU A OE2 1 
ATOM   311 N N   . GLY A 1 41  ? 7.643   -12.808 6.925   1.00 18.95  ? 41  GLY A N   1 
ATOM   312 C CA  . GLY A 1 41  ? 6.218   -13.212 6.860   1.00 20.95  ? 41  GLY A CA  1 
ATOM   313 C C   . GLY A 1 41  ? 5.282   -12.106 6.499   1.00 21.07  ? 41  GLY A C   1 
ATOM   314 O O   . GLY A 1 41  ? 5.587   -11.114 5.758   1.00 17.57  ? 41  GLY A O   1 
ATOM   315 N N   . LEU A 1 42  ? 4.017   -12.322 6.837   1.00 20.13  ? 42  LEU A N   1 
ATOM   316 C CA  . LEU A 1 42  ? 2.987   -11.476 6.341   1.00 19.02  ? 42  LEU A CA  1 
ATOM   317 C C   . LEU A 1 42  ? 2.723   -10.172 7.090   1.00 17.19  ? 42  LEU A C   1 
ATOM   318 O O   . LEU A 1 42  ? 2.685   -10.125 8.351   1.00 19.69  ? 42  LEU A O   1 
ATOM   319 C CB  . LEU A 1 42  ? 1.644   -12.265 6.384   1.00 22.18  ? 42  LEU A CB  1 
ATOM   320 C CG  . LEU A 1 42  ? 1.612   -13.520 5.542   1.00 24.79  ? 42  LEU A CG  1 
ATOM   321 C CD1 . LEU A 1 42  ? 0.278   -14.289 5.897   1.00 29.64  ? 42  LEU A CD1 1 
ATOM   322 C CD2 . LEU A 1 42  ? 1.593   -13.203 4.097   1.00 25.77  ? 42  LEU A CD2 1 
ATOM   323 N N   . HIS A 1 43  ? 2.528   -9.124  6.342   1.00 17.07  ? 43  HIS A N   1 
ATOM   324 C CA  . HIS A 1 43  ? 2.123   -7.793  6.840   1.00 16.93  ? 43  HIS A CA  1 
ATOM   325 C C   . HIS A 1 43  ? 0.998   -7.144  6.123   1.00 16.74  ? 43  HIS A C   1 
ATOM   326 O O   . HIS A 1 43  ? 1.075   -6.922  4.871   1.00 18.76  ? 43  HIS A O   1 
ATOM   327 C CB  . HIS A 1 43  ? 3.361   -6.842  6.810   1.00 19.36  ? 43  HIS A CB  1 
ATOM   328 C CG  . HIS A 1 43  ? 4.466   -7.343  7.622   1.00 18.11  ? 43  HIS A CG  1 
ATOM   329 N ND1 . HIS A 1 43  ? 4.605   -6.965  8.957   1.00 17.46  ? 43  HIS A ND1 1 
ATOM   330 C CD2 . HIS A 1 43  ? 5.477   -8.219  7.345   1.00 16.07  ? 43  HIS A CD2 1 
ATOM   331 C CE1 . HIS A 1 43  ? 5.688   -7.552  9.430   1.00 17.26  ? 43  HIS A CE1 1 
ATOM   332 N NE2 . HIS A 1 43  ? 6.189   -8.369  8.509   1.00 18.19  ? 43  HIS A NE2 1 
ATOM   333 N N   . GLY A 1 44  ? -0.001  -6.708  6.898   1.00 16.46  ? 44  GLY A N   1 
ATOM   334 C CA  . GLY A 1 44  ? -1.163  -6.010  6.366   1.00 17.97  ? 44  GLY A CA  1 
ATOM   335 C C   . GLY A 1 44  ? -0.801  -4.767  5.568   1.00 21.45  ? 44  GLY A C   1 
ATOM   336 O O   . GLY A 1 44  ? 0.090   -4.014  5.995   1.00 20.26  ? 44  GLY A O   1 
ATOM   337 N N   . PHE A 1 45  ? -1.462  -4.558  4.467   1.00 19.09  ? 45  PHE A N   1 
ATOM   338 C CA  . PHE A 1 45  ? -1.169  -3.470  3.485   1.00 18.77  ? 45  PHE A CA  1 
ATOM   339 C C   . PHE A 1 45  ? -2.463  -2.753  3.140   1.00 22.41  ? 45  PHE A C   1 
ATOM   340 O O   . PHE A 1 45  ? -3.355  -3.385  2.531   1.00 21.36  ? 45  PHE A O   1 
ATOM   341 C CB  . PHE A 1 45  ? -0.491  -4.175  2.347   1.00 20.62  ? 45  PHE A CB  1 
ATOM   342 C CG  . PHE A 1 45  ? 0.141   -3.293  1.285   1.00 20.05  ? 45  PHE A CG  1 
ATOM   343 C CD1 . PHE A 1 45  ? 0.994   -2.297  1.633   1.00 22.46  ? 45  PHE A CD1 1 
ATOM   344 C CD2 . PHE A 1 45  ? 0.056   -3.636  -0.080  1.00 22.61  ? 45  PHE A CD2 1 
ATOM   345 C CE1 . PHE A 1 45  ? 1.690   -1.569  0.685   1.00 23.19  ? 45  PHE A CE1 1 
ATOM   346 C CE2 . PHE A 1 45  ? 0.764   -2.942  -1.019  1.00 23.05  ? 45  PHE A CE2 1 
ATOM   347 C CZ  . PHE A 1 45  ? 1.559   -1.897  -0.653  1.00 23.04  ? 45  PHE A CZ  1 
ATOM   348 N N   . HIS A 1 46  ? -2.681  -1.506  3.572   1.00 20.61  ? 46  HIS A N   1 
ATOM   349 C CA  . HIS A 1 46  ? -3.973  -0.859  3.446   1.00 23.15  ? 46  HIS A CA  1 
ATOM   350 C C   . HIS A 1 46  ? -3.820  0.530   2.833   1.00 25.79  ? 46  HIS A C   1 
ATOM   351 O O   . HIS A 1 46  ? -2.791  1.218   3.058   1.00 19.96  ? 46  HIS A O   1 
ATOM   352 C CB  . HIS A 1 46  ? -4.637  -0.627  4.805   1.00 26.12  ? 46  HIS A CB  1 
ATOM   353 C CG  . HIS A 1 46  ? -5.010  -1.850  5.573   1.00 27.36  ? 46  HIS A CG  1 
ATOM   354 N ND1 . HIS A 1 46  ? -5.287  -1.778  6.931   1.00 31.84  ? 46  HIS A ND1 1 
ATOM   355 C CD2 . HIS A 1 46  ? -5.112  -3.159  5.233   1.00 29.64  ? 46  HIS A CD2 1 
ATOM   356 C CE1 . HIS A 1 46  ? -5.526  -3.003  7.392   1.00 33.50  ? 46  HIS A CE1 1 
ATOM   357 N NE2 . HIS A 1 46  ? -5.448  -3.855  6.380   1.00 31.67  ? 46  HIS A NE2 1 
ATOM   358 N N   . VAL A 1 47  ? -4.877  1.013   2.173   1.00 22.13  ? 47  VAL A N   1 
ATOM   359 C CA  . VAL A 1 47  ? -5.039  2.411   1.810   1.00 22.51  ? 47  VAL A CA  1 
ATOM   360 C C   . VAL A 1 47  ? -6.043  3.005   2.778   1.00 30.70  ? 47  VAL A C   1 
ATOM   361 O O   . VAL A 1 47  ? -7.139  2.495   2.928   1.00 27.24  ? 47  VAL A O   1 
ATOM   362 C CB  . VAL A 1 47  ? -5.552  2.612   0.378   1.00 25.64  ? 47  VAL A CB  1 
ATOM   363 C CG1 . VAL A 1 47  ? -5.620  4.087   0.065   1.00 28.98  ? 47  VAL A CG1 1 
ATOM   364 C CG2 . VAL A 1 47  ? -4.653  1.924   -0.654  1.00 30.70  ? 47  VAL A CG2 1 
ATOM   365 N N   . HIS A 1 48  ? -5.661  4.086   3.440   1.00 29.34  ? 48  HIS A N   1 
ATOM   366 C CA  . HIS A 1 48  ? -6.494  4.913   4.334   1.00 36.62  ? 48  HIS A CA  1 
ATOM   367 C C   . HIS A 1 48  ? -6.788  6.345   3.704   1.00 37.45  ? 48  HIS A C   1 
ATOM   368 O O   . HIS A 1 48  ? -5.857  7.298   3.507   1.00 32.74  ? 48  HIS A O   1 
ATOM   369 C CB  . HIS A 1 48  ? -5.652  5.073   5.602   1.00 41.31  ? 48  HIS A CB  1 
ATOM   370 C CG  . HIS A 1 48  ? -6.295  5.893   6.673   1.00 53.82  ? 48  HIS A CG  1 
ATOM   371 N ND1 . HIS A 1 48  ? -6.798  5.338   7.834   1.00 63.54  ? 48  HIS A ND1 1 
ATOM   372 C CD2 . HIS A 1 48  ? -6.534  7.225   6.754   1.00 56.87  ? 48  HIS A CD2 1 
ATOM   373 C CE1 . HIS A 1 48  ? -7.335  6.293   8.574   1.00 68.28  ? 48  HIS A CE1 1 
ATOM   374 N NE2 . HIS A 1 48  ? -7.194  7.444   7.938   1.00 59.47  ? 48  HIS A NE2 1 
ATOM   375 N N   . GLU A 1 49  ? -8.055  6.638   3.495   1.00 49.67  ? 49  GLU A N   1 
ATOM   376 C CA  . GLU A 1 49  ? -8.457  8.067   3.206   1.00 61.98  ? 49  GLU A CA  1 
ATOM   377 C C   . GLU A 1 49  ? -8.513  8.916   4.498   1.00 60.63  ? 49  GLU A C   1 
ATOM   378 O O   . GLU A 1 49  ? -9.233  8.543   5.448   1.00 52.55  ? 49  GLU A O   1 
ATOM   379 C CB  . GLU A 1 49  ? -9.806  8.158   2.461   1.00 70.71  ? 49  GLU A CB  1 
ATOM   380 C CG  . GLU A 1 49  ? -10.043 9.483   1.721   1.00 76.83  ? 49  GLU A CG  1 
ATOM   381 C CD  . GLU A 1 49  ? -11.489 9.649   1.262   1.00 85.97  ? 49  GLU A CD  1 
ATOM   382 O OE1 . GLU A 1 49  ? -12.402 9.159   1.964   1.00 84.70  ? 49  GLU A OE1 1 
ATOM   383 O OE2 . GLU A 1 49  ? -11.720 10.286  0.205   1.00 90.98  ? 49  GLU A OE2 1 
ATOM   384 N N   . GLU A 1 50  ? -7.784  10.046  4.526   1.00 63.83  ? 50  GLU A N   1 
ATOM   385 C CA  . GLU A 1 50  ? -7.707  10.932  5.723   1.00 76.80  ? 50  GLU A CA  1 
ATOM   386 C C   . GLU A 1 50  ? -9.128  11.300  6.233   1.00 84.15  ? 50  GLU A C   1 
ATOM   387 O O   . GLU A 1 50  ? -10.012 11.690  5.434   1.00 70.32  ? 50  GLU A O   1 
ATOM   388 C CB  . GLU A 1 50  ? -6.878  12.197  5.408   1.00 92.39  ? 50  GLU A CB  1 
ATOM   389 C CG  . GLU A 1 50  ? -6.914  13.350  6.430   1.00 97.42  ? 50  GLU A CG  1 
ATOM   390 C CD  . GLU A 1 50  ? -7.275  14.716  5.811   1.00 101.59 ? 50  GLU A CD  1 
ATOM   391 O OE1 . GLU A 1 50  ? -7.785  15.597  6.549   1.00 91.24  ? 50  GLU A OE1 1 
ATOM   392 O OE2 . GLU A 1 50  ? -7.058  14.920  4.586   1.00 91.59  ? 50  GLU A OE2 1 
ATOM   393 N N   . GLY A 1 51  ? -9.327  11.164  7.552   1.00 79.47  ? 51  GLY A N   1 
ATOM   394 C CA  . GLY A 1 51  ? -10.659 11.145  8.137   1.00 79.11  ? 51  GLY A CA  1 
ATOM   395 C C   . GLY A 1 51  ? -11.233 9.744   7.988   1.00 87.52  ? 51  GLY A C   1 
ATOM   396 O O   . GLY A 1 51  ? -11.092 8.945   8.912   1.00 93.20  ? 51  GLY A O   1 
ATOM   397 N N   . ALA A 1 52  ? -11.806 9.437   6.810   1.00 80.95  ? 52  ALA A N   1 
ATOM   398 C CA  . ALA A 1 52  ? -12.612 8.213   6.561   1.00 81.63  ? 52  ALA A CA  1 
ATOM   399 C C   . ALA A 1 52  ? -12.314 7.043   7.501   1.00 82.42  ? 52  ALA A C   1 
ATOM   400 O O   . ALA A 1 52  ? -11.175 6.546   7.569   1.00 89.50  ? 52  ALA A O   1 
ATOM   401 C CB  . ALA A 1 52  ? -12.505 7.743   5.107   1.00 79.12  ? 52  ALA A CB  1 
ATOM   402 N N   . GLY A 1 53  ? -13.357 6.618   8.214   1.00 83.33  ? 53  GLY A N   1 
ATOM   403 C CA  . GLY A 1 53  ? -13.301 5.473   9.121   1.00 85.52  ? 53  GLY A CA  1 
ATOM   404 C C   . GLY A 1 53  ? -13.209 4.132   8.408   1.00 88.73  ? 53  GLY A C   1 
ATOM   405 O O   . GLY A 1 53  ? -12.929 3.123   9.056   1.00 86.99  ? 53  GLY A O   1 
ATOM   406 N N   . HIS A 1 54  ? -13.451 4.108   7.090   1.00 92.62  ? 54  HIS A N   1 
ATOM   407 C CA  . HIS A 1 54  ? -13.135 2.932   6.255   1.00 93.89  ? 54  HIS A CA  1 
ATOM   408 C C   . HIS A 1 54  ? -11.758 2.980   5.516   1.00 83.63  ? 54  HIS A C   1 
ATOM   409 O O   . HIS A 1 54  ? -11.156 4.056   5.289   1.00 67.59  ? 54  HIS A O   1 
ATOM   410 C CB  . HIS A 1 54  ? -14.302 2.611   5.301   1.00 101.92 ? 54  HIS A CB  1 
ATOM   411 C CG  . HIS A 1 54  ? -15.420 1.884   5.980   1.00 117.70 ? 54  HIS A CG  1 
ATOM   412 N ND1 . HIS A 1 54  ? -15.481 0.506   6.042   1.00 125.75 ? 54  HIS A ND1 1 
ATOM   413 C CD2 . HIS A 1 54  ? -16.482 2.342   6.687   1.00 114.24 ? 54  HIS A CD2 1 
ATOM   414 C CE1 . HIS A 1 54  ? -16.549 0.147   6.735   1.00 122.65 ? 54  HIS A CE1 1 
ATOM   415 N NE2 . HIS A 1 54  ? -17.173 1.242   7.135   1.00 118.22 ? 54  HIS A NE2 1 
ATOM   416 N N   . VAL A 1 55  ? -11.325 1.768   5.158   1.00 73.60  ? 55  VAL A N   1 
ATOM   417 C CA  . VAL A 1 55  ? -9.985  1.420   4.655   1.00 66.21  ? 55  VAL A CA  1 
ATOM   418 C C   . VAL A 1 55  ? -10.119 0.580   3.360   1.00 53.91  ? 55  VAL A C   1 
ATOM   419 O O   . VAL A 1 55  ? -11.083 -0.198  3.207   1.00 62.11  ? 55  VAL A O   1 
ATOM   420 C CB  . VAL A 1 55  ? -9.224  0.688   5.810   1.00 68.47  ? 55  VAL A CB  1 
ATOM   421 C CG1 . VAL A 1 55  ? -8.409  -0.534  5.359   1.00 57.58  ? 55  VAL A CG1 1 
ATOM   422 C CG2 . VAL A 1 55  ? -8.424  1.706   6.641   1.00 69.53  ? 55  VAL A CG2 1 
ATOM   423 N N   . GLY A 1 56  ? -9.167  0.764   2.428   1.00 39.94  ? 56  GLY A N   1 
ATOM   424 C CA  . GLY A 1 56  ? -9.013  -0.030  1.186   1.00 33.30  ? 56  GLY A CA  1 
ATOM   425 C C   . GLY A 1 56  ? -7.979  -1.128  1.519   1.00 37.12  ? 56  GLY A C   1 
ATOM   426 O O   . GLY A 1 56  ? -6.822  -0.831  1.825   1.00 33.04  ? 56  GLY A O   1 
ATOM   427 N N   . ASP A 1 57  ? -8.405  -2.373  1.562   1.00 28.31  ? 57  ASP A N   1 
ATOM   428 C CA  . ASP A 1 57  ? -7.527  -3.481  1.879   1.00 30.43  ? 57  ASP A CA  1 
ATOM   429 C C   . ASP A 1 57  ? -6.765  -3.951  0.652   1.00 30.12  ? 57  ASP A C   1 
ATOM   430 O O   . ASP A 1 57  ? -7.342  -4.420  -0.351  1.00 27.87  ? 57  ASP A O   1 
ATOM   431 C CB  . ASP A 1 57  ? -8.391  -4.565  2.464   1.00 37.16  ? 57  ASP A CB  1 
ATOM   432 C CG  . ASP A 1 57  ? -7.597  -5.699  3.060   1.00 37.78  ? 57  ASP A CG  1 
ATOM   433 O OD1 . ASP A 1 57  ? -6.364  -5.613  3.137   1.00 34.16  ? 57  ASP A OD1 1 
ATOM   434 O OD2 . ASP A 1 57  ? -8.210  -6.725  3.432   1.00 39.60  ? 57  ASP A OD2 1 
ATOM   435 N N   . LEU A 1 58  ? -5.437  -3.911  0.680   1.00 23.61  ? 58  LEU A N   1 
ATOM   436 C CA  . LEU A 1 58  ? -4.680  -4.472  -0.403  1.00 24.30  ? 58  LEU A CA  1 
ATOM   437 C C   . LEU A 1 58  ? -4.041  -5.795  -0.050  1.00 22.11  ? 58  LEU A C   1 
ATOM   438 O O   . LEU A 1 58  ? -3.292  -6.331  -0.838  1.00 28.47  ? 58  LEU A O   1 
ATOM   439 C CB  . LEU A 1 58  ? -3.589  -3.494  -0.884  1.00 27.14  ? 58  LEU A CB  1 
ATOM   440 C CG  . LEU A 1 58  ? -3.957  -2.067  -1.212  1.00 30.64  ? 58  LEU A CG  1 
ATOM   441 C CD1 . LEU A 1 58  ? -2.780  -1.310  -1.857  1.00 30.63  ? 58  LEU A CD1 1 
ATOM   442 C CD2 . LEU A 1 58  ? -5.098  -2.094  -2.237  1.00 34.33  ? 58  LEU A CD2 1 
ATOM   443 N N   . GLY A 1 59  ? -4.439  -6.422  1.032   1.00 20.72  ? 59  GLY A N   1 
ATOM   444 C CA  . GLY A 1 59  ? -4.012  -7.730  1.311   1.00 21.57  ? 59  GLY A CA  1 
ATOM   445 C C   . GLY A 1 59  ? -2.738  -7.688  2.216   1.00 20.91  ? 59  GLY A C   1 
ATOM   446 O O   . GLY A 1 59  ? -2.661  -6.867  3.134   1.00 23.00  ? 59  GLY A O   1 
ATOM   447 N N   . ASN A 1 60  ? -1.882  -8.691  2.028   1.00 21.76  ? 60  ASN A N   1 
ATOM   448 C CA  . ASN A 1 60  ? -0.609  -8.739  2.813   1.00 22.65  ? 60  ASN A CA  1 
ATOM   449 C C   . ASN A 1 60  ? 0.549   -8.609  1.823   1.00 21.63  ? 60  ASN A C   1 
ATOM   450 O O   . ASN A 1 60  ? 0.511   -9.084  0.678   1.00 26.37  ? 60  ASN A O   1 
ATOM   451 C CB  . ASN A 1 60  ? -0.456  -10.072 3.479   1.00 23.47  ? 60  ASN A CB  1 
ATOM   452 C CG  . ASN A 1 60  ? -1.359  -10.211 4.624   1.00 24.79  ? 60  ASN A CG  1 
ATOM   453 O OD1 . ASN A 1 60  ? -1.411  -9.336  5.459   1.00 27.48  ? 60  ASN A OD1 1 
ATOM   454 N ND2 . ASN A 1 60  ? -2.146  -11.316 4.666   1.00 28.33  ? 60  ASN A ND2 1 
ATOM   455 N N   . VAL A 1 61  ? 1.609   -7.958  2.279   1.00 23.09  ? 61  VAL A N   1 
ATOM   456 C CA  . VAL A 1 61  ? 2.919   -8.147  1.678   1.00 20.33  ? 61  VAL A CA  1 
ATOM   457 C C   . VAL A 1 61  ? 3.663   -9.219  2.443   1.00 19.35  ? 61  VAL A C   1 
ATOM   458 O O   . VAL A 1 61  ? 3.396   -9.499  3.622   1.00 20.30  ? 61  VAL A O   1 
ATOM   459 C CB  . VAL A 1 61  ? 3.669   -6.777  1.547   1.00 21.97  ? 61  VAL A CB  1 
ATOM   460 C CG1 . VAL A 1 61  ? 2.819   -5.719  0.919   1.00 24.67  ? 61  VAL A CG1 1 
ATOM   461 C CG2 . VAL A 1 61  ? 4.150   -6.231  2.900   1.00 21.67  ? 61  VAL A CG2 1 
ATOM   462 N N   . THR A 1 62  ? 4.576   -9.895  1.764   1.00 19.90  ? 62  THR A N   1 
ATOM   463 C CA  . THR A 1 62  ? 5.306   -11.009 2.378   1.00 18.37  ? 62  THR A CA  1 
ATOM   464 C C   . THR A 1 62  ? 6.817   -10.652 2.410   1.00 15.59  ? 62  THR A C   1 
ATOM   465 O O   . THR A 1 62  ? 7.423   -10.496 1.325   1.00 16.68  ? 62  THR A O   1 
ATOM   466 C CB  . THR A 1 62  ? 5.175   -12.327 1.588   1.00 24.17  ? 62  THR A CB  1 
ATOM   467 O OG1 . THR A 1 62  ? 3.783   -12.626 1.484   1.00 23.81  ? 62  THR A OG1 1 
ATOM   468 C CG2 . THR A 1 62  ? 5.817   -13.448 2.359   1.00 24.92  ? 62  THR A CG2 1 
ATOM   469 N N   . ALA A 1 63  ? 7.329   -10.524 3.604   1.00 17.14  ? 63  ALA A N   1 
ATOM   470 C CA  . ALA A 1 63  ? 8.791   -10.285 3.785   1.00 15.65  ? 63  ALA A CA  1 
ATOM   471 C C   . ALA A 1 63  ? 9.557   -11.515 3.815   1.00 16.20  ? 63  ALA A C   1 
ATOM   472 O O   . ALA A 1 63  ? 9.158   -12.495 4.472   1.00 17.86  ? 63  ALA A O   1 
ATOM   473 C CB  . ALA A 1 63  ? 9.054   -9.532  5.049   1.00 18.78  ? 63  ALA A CB  1 
ATOM   474 N N   . ASP A 1 64  ? 10.654  -11.523 3.102   1.00 16.24  ? 64  ASP A N   1 
ATOM   475 C CA  . ASP A 1 64  ? 11.623  -12.591 3.162   1.00 17.33  ? 64  ASP A CA  1 
ATOM   476 C C   . ASP A 1 64  ? 12.489  -12.669 4.421   1.00 18.91  ? 64  ASP A C   1 
ATOM   477 O O   . ASP A 1 64  ? 12.295  -11.873 5.331   1.00 17.26  ? 64  ASP A O   1 
ATOM   478 C CB  . ASP A 1 64  ? 12.411  -12.595 1.848   1.00 19.69  ? 64  ASP A CB  1 
ATOM   479 C CG  . ASP A 1 64  ? 13.453  -11.457 1.736   1.00 17.69  ? 64  ASP A CG  1 
ATOM   480 O OD1 . ASP A 1 64  ? 13.773  -10.846 2.787   1.00 15.39  ? 64  ASP A OD1 1 
ATOM   481 O OD2 . ASP A 1 64  ? 13.828  -11.158 0.538   1.00 16.62  ? 64  ASP A OD2 1 
ATOM   482 N N   . LYS A 1 65  ? 13.437  -13.594 4.493   1.00 16.59  ? 65  LYS A N   1 
ATOM   483 C CA  . LYS A 1 65  ? 14.237  -13.758 5.699   1.00 18.32  ? 65  LYS A CA  1 
ATOM   484 C C   . LYS A 1 65  ? 15.162  -12.558 6.003   1.00 17.43  ? 65  LYS A C   1 
ATOM   485 O O   . LYS A 1 65  ? 15.633  -12.379 7.083   1.00 17.88  ? 65  LYS A O   1 
ATOM   486 C CB  . LYS A 1 65  ? 15.146  -15.020 5.581   1.00 22.50  ? 65  LYS A CB  1 
ATOM   487 C CG  . LYS A 1 65  ? 16.330  -14.900 4.656   1.00 24.91  ? 65  LYS A CG  1 
ATOM   488 C CD  . LYS A 1 65  ? 17.383  -16.053 4.760   1.00 27.54  ? 65  LYS A CD  1 
ATOM   489 C CE  . LYS A 1 65  ? 18.465  -15.783 3.752   1.00 29.98  ? 65  LYS A CE  1 
ATOM   490 N NZ  . LYS A 1 65  ? 19.419  -14.765 4.265   1.00 25.20  ? 65  LYS A NZ  1 
ATOM   491 N N   . ASP A 1 66  ? 15.372  -11.711 5.013   1.00 16.18  ? 66  ASP A N   1 
ATOM   492 C CA  . ASP A 1 66  ? 16.194  -10.530 5.159   1.00 16.15  ? 66  ASP A CA  1 
ATOM   493 C C   . ASP A 1 66  ? 15.318  -9.297  5.452   1.00 16.44  ? 66  ASP A C   1 
ATOM   494 O O   . ASP A 1 66  ? 15.836  -8.145  5.453   1.00 15.57  ? 66  ASP A O   1 
ATOM   495 C CB  . ASP A 1 66  ? 17.031  -10.275 3.929   1.00 14.43  ? 66  ASP A CB  1 
ATOM   496 C CG  . ASP A 1 66  ? 17.939  -11.434 3.533   1.00 16.03  ? 66  ASP A CG  1 
ATOM   497 O OD1 . ASP A 1 66  ? 18.371  -12.186 4.434   1.00 17.42  ? 66  ASP A OD1 1 
ATOM   498 O OD2 . ASP A 1 66  ? 18.287  -11.497 2.324   1.00 17.06  ? 66  ASP A OD2 1 
ATOM   499 N N   . GLY A 1 67  ? 13.992  -9.484  5.613   1.00 14.86  ? 67  GLY A N   1 
ATOM   500 C CA  . GLY A 1 67  ? 13.058  -8.419  5.882   1.00 14.81  ? 67  GLY A CA  1 
ATOM   501 C C   . GLY A 1 67  ? 12.541  -7.591  4.718   1.00 15.69  ? 67  GLY A C   1 
ATOM   502 O O   . GLY A 1 67  ? 11.990  -6.488  4.916   1.00 14.97  ? 67  GLY A O   1 
ATOM   503 N N   . VAL A 1 68  ? 12.765  -8.087  3.518   1.00 15.15  ? 68  VAL A N   1 
ATOM   504 C CA  . VAL A 1 68  ? 12.443  -7.431  2.273   1.00 13.84  ? 68  VAL A CA  1 
ATOM   505 C C   . VAL A 1 68  ? 11.199  -8.059  1.665   1.00 15.36  ? 68  VAL A C   1 
ATOM   506 O O   . VAL A 1 68  ? 11.175  -9.269  1.393   1.00 15.01  ? 68  VAL A O   1 
ATOM   507 C CB  . VAL A 1 68  ? 13.561  -7.525  1.275   1.00 15.16  ? 68  VAL A CB  1 
ATOM   508 C CG1 . VAL A 1 68  ? 13.156  -6.844  -0.015  1.00 15.97  ? 68  VAL A CG1 1 
ATOM   509 C CG2 . VAL A 1 68  ? 14.835  -6.925  1.906   1.00 15.79  ? 68  VAL A CG2 1 
ATOM   510 N N   . ALA A 1 69  ? 10.186  -7.220  1.472   1.00 13.15  ? 69  ALA A N   1 
ATOM   511 C CA  . ALA A 1 69  ? 8.949   -7.634  0.764   1.00 15.52  ? 69  ALA A CA  1 
ATOM   512 C C   . ALA A 1 69  ? 8.928   -7.016  -0.600  1.00 17.64  ? 69  ALA A C   1 
ATOM   513 O O   . ALA A 1 69  ? 8.732   -5.768  -0.760  1.00 18.42  ? 69  ALA A O   1 
ATOM   514 C CB  . ALA A 1 69  ? 7.753   -7.234  1.527   1.00 15.86  ? 69  ALA A CB  1 
ATOM   515 N N   . ASP A 1 70  ? 9.044   -7.835  -1.626  1.00 17.68  ? 70  ASP A N   1 
ATOM   516 C CA  . ASP A 1 70  ? 8.830   -7.375  -2.983  1.00 15.39  ? 70  ASP A CA  1 
ATOM   517 C C   . ASP A 1 70  ? 7.330   -7.468  -3.289  1.00 19.85  ? 70  ASP A C   1 
ATOM   518 O O   . ASP A 1 70  ? 6.732   -8.490  -2.989  1.00 20.76  ? 70  ASP A O   1 
ATOM   519 C CB  . ASP A 1 70  ? 9.589   -8.215  -3.995  1.00 17.30  ? 70  ASP A CB  1 
ATOM   520 C CG  . ASP A 1 70  ? 11.083  -7.995  -3.958  1.00 20.52  ? 70  ASP A CG  1 
ATOM   521 O OD1 . ASP A 1 70  ? 11.539  -6.885  -3.682  1.00 20.64  ? 70  ASP A OD1 1 
ATOM   522 O OD2 . ASP A 1 70  ? 11.842  -8.989  -4.251  1.00 22.16  ? 70  ASP A OD2 1 
ATOM   523 N N   . VAL A 1 71  ? 6.777   -6.451  -3.893  1.00 18.48  ? 71  VAL A N   1 
ATOM   524 C CA  . VAL A 1 71  ? 5.358   -6.383  -4.120  1.00 19.08  ? 71  VAL A CA  1 
ATOM   525 C C   . VAL A 1 71  ? 5.072   -6.351  -5.617  1.00 18.23  ? 71  VAL A C   1 
ATOM   526 O O   . VAL A 1 71  ? 5.657   -5.574  -6.377  1.00 17.69  ? 71  VAL A O   1 
ATOM   527 C CB  . VAL A 1 71  ? 4.753   -5.104  -3.448  1.00 23.01  ? 71  VAL A CB  1 
ATOM   528 C CG1 . VAL A 1 71  ? 3.233   -5.010  -3.782  1.00 23.74  ? 71  VAL A CG1 1 
ATOM   529 C CG2 . VAL A 1 71  ? 4.999   -5.171  -1.964  1.00 26.12  ? 71  VAL A CG2 1 
ATOM   530 N N   . SER A 1 72  ? 4.090   -7.133  -6.089  1.00 22.54  ? 72  SER A N   1 
ATOM   531 C CA  . SER A 1 72  ? 3.716   -7.043  -7.494  1.00 21.96  ? 72  SER A CA  1 
ATOM   532 C C   . SER A 1 72  ? 2.310   -7.623  -7.621  1.00 28.94  ? 72  SER A C   1 
ATOM   533 O O   . SER A 1 72  ? 2.175   -8.860  -7.569  1.00 29.48  ? 72  SER A O   1 
ATOM   534 C CB  . SER A 1 72  ? 4.628   -7.878  -8.363  1.00 30.83  ? 72  SER A CB  1 
ATOM   535 O OG  . SER A 1 72  ? 4.302   -7.588  -9.740  1.00 31.85  ? 72  SER A OG  1 
ATOM   536 N N   . ILE A 1 73  ? 1.316   -6.760  -7.611  1.00 23.90  ? 73  ILE A N   1 
ATOM   537 C CA  . ILE A 1 73  ? -0.055  -7.213  -7.718  1.00 27.20  ? 73  ILE A CA  1 
ATOM   538 C C   . ILE A 1 73  ? -0.832  -6.434  -8.730  1.00 27.37  ? 73  ILE A C   1 
ATOM   539 O O   . ILE A 1 73  ? -0.390  -5.370  -9.224  1.00 24.14  ? 73  ILE A O   1 
ATOM   540 C CB  . ILE A 1 73  ? -0.749  -7.191  -6.398  1.00 31.82  ? 73  ILE A CB  1 
ATOM   541 C CG1 . ILE A 1 73  ? -0.919  -5.802  -5.915  1.00 31.81  ? 73  ILE A CG1 1 
ATOM   542 C CG2 . ILE A 1 73  ? -0.028  -8.092  -5.376  1.00 40.54  ? 73  ILE A CG2 1 
ATOM   543 C CD1 . ILE A 1 73  ? -1.872  -5.762  -4.745  1.00 40.06  ? 73  ILE A CD1 1 
ATOM   544 N N   . GLU A 1 74  ? -2.004  -7.001  -9.116  1.00 28.85  ? 74  GLU A N   1 
ATOM   545 C CA  . GLU A 1 74  ? -2.969  -6.239  -9.911  1.00 29.98  ? 74  GLU A CA  1 
ATOM   546 C C   . GLU A 1 74  ? -4.151  -6.146  -9.060  1.00 26.90  ? 74  GLU A C   1 
ATOM   547 O O   . GLU A 1 74  ? -4.580  -7.152  -8.442  1.00 32.59  ? 74  GLU A O   1 
ATOM   548 C CB  . GLU A 1 74  ? -3.339  -6.962  -11.206 1.00 38.03  ? 74  GLU A CB  1 
ATOM   549 C CG  . GLU A 1 74  ? -2.232  -7.099  -12.205 1.00 51.07  ? 74  GLU A CG  1 
ATOM   550 C CD  . GLU A 1 74  ? -2.466  -6.129  -13.311 1.00 65.30  ? 74  GLU A CD  1 
ATOM   551 O OE1 . GLU A 1 74  ? -3.177  -6.520  -14.275 1.00 79.41  ? 74  GLU A OE1 1 
ATOM   552 O OE2 . GLU A 1 74  ? -2.044  -4.975  -13.149 1.00 47.83  ? 74  GLU A OE2 1 
ATOM   553 N N   . ASP A 1 75  ? -4.735  -4.972  -8.995  1.00 24.35  ? 75  ASP A N   1 
ATOM   554 C CA  . ASP A 1 75  ? -5.855  -4.688  -8.144  1.00 28.20  ? 75  ASP A CA  1 
ATOM   555 C C   . ASP A 1 75  ? -6.929  -3.962  -8.989  1.00 31.79  ? 75  ASP A C   1 
ATOM   556 O O   . ASP A 1 75  ? -6.695  -2.858  -9.496  1.00 26.09  ? 75  ASP A O   1 
ATOM   557 C CB  . ASP A 1 75  ? -5.488  -3.832  -6.984  1.00 28.68  ? 75  ASP A CB  1 
ATOM   558 C CG  . ASP A 1 75  ? -6.605  -3.720  -5.916  1.00 32.61  ? 75  ASP A CG  1 
ATOM   559 O OD1 . ASP A 1 75  ? -7.736  -3.205  -6.142  1.00 35.42  ? 75  ASP A OD1 1 
ATOM   560 O OD2 . ASP A 1 75  ? -6.320  -4.071  -4.728  1.00 44.14  ? 75  ASP A OD2 1 
ATOM   561 N N   A SER A 1 76  ? -8.103  -4.615  -9.103  0.50 29.71  ? 76  SER A N   1 
ATOM   562 N N   B SER A 1 76  ? -8.070  -4.636  -9.172  0.50 29.84  ? 76  SER A N   1 
ATOM   563 C CA  A SER A 1 76  ? -9.234  -4.121  -9.898  0.50 31.23  ? 76  SER A CA  1 
ATOM   564 C CA  B SER A 1 76  ? -9.156  -4.127  -9.991  0.50 31.44  ? 76  SER A CA  1 
ATOM   565 C C   A SER A 1 76  ? -10.153 -3.251  -9.130  0.50 29.61  ? 76  SER A C   1 
ATOM   566 C C   B SER A 1 76  ? -10.123 -3.279  -9.161  0.50 29.43  ? 76  SER A C   1 
ATOM   567 O O   A SER A 1 76  ? -11.096 -2.677  -9.673  0.50 33.66  ? 76  SER A O   1 
ATOM   568 O O   B SER A 1 76  ? -11.060 -2.719  -9.719  0.50 34.52  ? 76  SER A O   1 
ATOM   569 C CB  A SER A 1 76  ? -10.055 -5.316  -10.423 0.50 28.77  ? 76  SER A CB  1 
ATOM   570 C CB  B SER A 1 76  ? -9.907  -5.328  -10.627 0.50 28.41  ? 76  SER A CB  1 
ATOM   571 O OG  A SER A 1 76  ? -9.375  -5.812  -11.499 0.50 26.70  ? 76  SER A OG  1 
ATOM   572 O OG  B SER A 1 76  ? -10.618 -5.949  -9.591  0.50 26.06  ? 76  SER A OG  1 
ATOM   573 N N   . VAL A 1 77  ? -9.930  -3.164  -7.838  1.00 25.43  ? 77  VAL A N   1 
ATOM   574 C CA  . VAL A 1 77  ? -10.783 -2.443  -6.996  1.00 23.17  ? 77  VAL A CA  1 
ATOM   575 C C   . VAL A 1 77  ? -10.451 -0.957  -6.827  1.00 27.11  ? 77  VAL A C   1 
ATOM   576 O O   . VAL A 1 77  ? -11.291 -0.032  -6.818  1.00 29.19  ? 77  VAL A O   1 
ATOM   577 C CB  . VAL A 1 77  ? -10.892 -3.199  -5.686  1.00 30.07  ? 77  VAL A CB  1 
ATOM   578 C CG1 . VAL A 1 77  ? -11.955 -2.551  -4.823  1.00 29.64  ? 77  VAL A CG1 1 
ATOM   579 C CG2 . VAL A 1 77  ? -11.185 -4.710  -5.932  1.00 34.51  ? 77  VAL A CG2 1 
ATOM   580 N N   . ILE A 1 78  ? -9.155  -0.676  -6.622  1.00 24.85  ? 78  ILE A N   1 
ATOM   581 C CA  . ILE A 1 78  ? -8.764  0.752   -6.497  1.00 23.42  ? 78  ILE A CA  1 
ATOM   582 C C   . ILE A 1 78  ? -8.692  1.354   -7.915  1.00 23.37  ? 78  ILE A C   1 
ATOM   583 O O   . ILE A 1 78  ? -8.626  0.631   -8.896  1.00 26.64  ? 78  ILE A O   1 
ATOM   584 C CB  . ILE A 1 78  ? -7.334  0.775   -5.832  1.00 22.56  ? 78  ILE A CB  1 
ATOM   585 C CG1 . ILE A 1 78  ? -6.308  -0.028  -6.641  1.00 23.04  ? 78  ILE A CG1 1 
ATOM   586 C CG2 . ILE A 1 78  ? -7.456  0.203   -4.420  1.00 26.40  ? 78  ILE A CG2 1 
ATOM   587 C CD1 . ILE A 1 78  ? -4.871  0.091   -6.063  1.00 23.93  ? 78  ILE A CD1 1 
ATOM   588 N N   . SER A 1 79  ? -8.545  2.675   -7.949  1.00 23.71  ? 79  SER A N   1 
ATOM   589 C CA  . SER A 1 79  ? -8.369  3.441   -9.157  1.00 24.97  ? 79  SER A CA  1 
ATOM   590 C C   . SER A 1 79  ? -7.503  4.663   -8.883  1.00 23.65  ? 79  SER A C   1 
ATOM   591 O O   . SER A 1 79  ? -7.428  5.127   -7.780  1.00 25.05  ? 79  SER A O   1 
ATOM   592 C CB  . SER A 1 79  ? -9.760  3.969   -9.665  1.00 25.63  ? 79  SER A CB  1 
ATOM   593 O OG  . SER A 1 79  ? -9.583  4.515   -10.930 1.00 26.39  ? 79  SER A OG  1 
ATOM   594 N N   . LEU A 1 80  ? -6.862  5.154   -9.930  1.00 24.29  ? 80  LEU A N   1 
ATOM   595 C CA  . LEU A 1 80  ? -6.052  6.419   -9.847  1.00 23.35  ? 80  LEU A CA  1 
ATOM   596 C C   . LEU A 1 80  ? -6.783  7.581   -10.498 1.00 26.29  ? 80  LEU A C   1 
ATOM   597 O O   . LEU A 1 80  ? -6.223  8.658   -10.730 1.00 25.85  ? 80  LEU A O   1 
ATOM   598 C CB  . LEU A 1 80  ? -4.726  6.202   -10.507 1.00 21.74  ? 80  LEU A CB  1 
ATOM   599 C CG  . LEU A 1 80  ? -3.862  5.034   -10.091 1.00 23.15  ? 80  LEU A CG  1 
ATOM   600 C CD1 . LEU A 1 80  ? -2.527  5.037   -10.845 1.00 23.26  ? 80  LEU A CD1 1 
ATOM   601 C CD2 . LEU A 1 80  ? -3.683  5.077   -8.562  1.00 25.21  ? 80  LEU A CD2 1 
ATOM   602 N N   . SER A 1 81  ? -8.033  7.344   -10.912 1.00 26.61  ? 81  SER A N   1 
ATOM   603 C CA  . SER A 1 81  ? -8.827  8.449   -11.472 1.00 31.12  ? 81  SER A CA  1 
ATOM   604 C C   . SER A 1 81  ? -10.242 8.354   -11.006 1.00 35.84  ? 81  SER A C   1 
ATOM   605 O O   . SER A 1 81  ? -10.662 7.422   -10.257 1.00 29.95  ? 81  SER A O   1 
ATOM   606 C CB  . SER A 1 81  ? -8.817  8.435   -13.009 1.00 36.05  ? 81  SER A CB  1 
ATOM   607 O OG  . SER A 1 81  ? -9.159  7.162   -13.538 1.00 40.33  ? 81  SER A OG  1 
ATOM   608 N N   . GLY A 1 82  ? -10.950 9.427   -11.354 1.00 38.19  ? 82  GLY A N   1 
ATOM   609 C CA  . GLY A 1 82  ? -12.350 9.499   -11.049 1.00 45.30  ? 82  GLY A CA  1 
ATOM   610 C C   . GLY A 1 82  ? -12.636 9.863   -9.618  1.00 47.83  ? 82  GLY A C   1 
ATOM   611 O O   . GLY A 1 82  ? -11.781 10.296  -8.841  1.00 42.44  ? 82  GLY A O   1 
ATOM   612 N N   . ASP A 1 83  ? -13.911 9.701   -9.333  1.00 47.40  ? 83  ASP A N   1 
ATOM   613 C CA  . ASP A 1 83  ? -14.543 9.987   -8.081  1.00 52.43  ? 83  ASP A CA  1 
ATOM   614 C C   . ASP A 1 83  ? -13.915 9.252   -6.826  1.00 54.23  ? 83  ASP A C   1 
ATOM   615 O O   . ASP A 1 83  ? -13.885 9.817   -5.746  1.00 50.53  ? 83  ASP A O   1 
ATOM   616 C CB  . ASP A 1 83  ? -16.063 9.678   -8.266  1.00 61.94  ? 83  ASP A CB  1 
ATOM   617 C CG  . ASP A 1 83  ? -16.328 8.527   -9.309  1.00 74.91  ? 83  ASP A CG  1 
ATOM   618 O OD1 . ASP A 1 83  ? -16.105 8.698   -10.592 1.00 58.97  ? 83  ASP A OD1 1 
ATOM   619 O OD2 . ASP A 1 83  ? -16.724 7.436   -8.801  1.00 80.36  ? 83  ASP A OD2 1 
ATOM   620 N N   . HIS A 1 84  ? -13.421 8.022   -6.985  1.00 45.06  ? 84  HIS A N   1 
ATOM   621 C CA  . HIS A 1 84  ? -12.896 7.229   -5.860  1.00 45.42  ? 84  HIS A CA  1 
ATOM   622 C C   . HIS A 1 84  ? -11.334 7.026   -5.985  1.00 37.06  ? 84  HIS A C   1 
ATOM   623 O O   . HIS A 1 84  ? -10.814 6.046   -5.566  1.00 38.86  ? 84  HIS A O   1 
ATOM   624 C CB  . HIS A 1 84  ? -13.591 5.882   -5.854  1.00 47.89  ? 84  HIS A CB  1 
ATOM   625 C CG  . HIS A 1 84  ? -15.089 5.984   -5.759  1.00 60.08  ? 84  HIS A CG  1 
ATOM   626 N ND1 . HIS A 1 84  ? -15.719 6.823   -4.864  1.00 65.64  ? 84  HIS A ND1 1 
ATOM   627 C CD2 . HIS A 1 84  ? -16.075 5.371   -6.457  1.00 64.51  ? 84  HIS A CD2 1 
ATOM   628 C CE1 . HIS A 1 84  ? -17.028 6.697   -4.994  1.00 71.96  ? 84  HIS A CE1 1 
ATOM   629 N NE2 . HIS A 1 84  ? -17.269 5.813   -5.946  1.00 73.04  ? 84  HIS A NE2 1 
ATOM   630 N N   . SER A 1 85  ? -10.662 7.951   -6.636  1.00 33.17  ? 85  SER A N   1 
ATOM   631 C CA  . SER A 1 85  ? -9.213  7.824   -6.861  1.00 31.89  ? 85  SER A CA  1 
ATOM   632 C C   . SER A 1 85  ? -8.497  7.753   -5.501  1.00 28.42  ? 85  SER A C   1 
ATOM   633 O O   . SER A 1 85  ? -8.833  8.452   -4.536  1.00 26.73  ? 85  SER A O   1 
ATOM   634 C CB  . SER A 1 85  ? -8.737  9.007   -7.625  1.00 31.54  ? 85  SER A CB  1 
ATOM   635 O OG  . SER A 1 85  ? -7.369  9.125   -7.650  1.00 27.33  ? 85  SER A OG  1 
ATOM   636 N N   . ILE A 1 86  ? -7.492  6.912   -5.441  1.00 23.46  ? 86  ILE A N   1 
ATOM   637 C CA  . ILE A 1 86  ? -6.687  6.837   -4.242  1.00 24.95  ? 86  ILE A CA  1 
ATOM   638 C C   . ILE A 1 86  ? -5.577  7.882   -4.183  1.00 23.30  ? 86  ILE A C   1 
ATOM   639 O O   . ILE A 1 86  ? -4.791  7.899   -3.158  1.00 21.78  ? 86  ILE A O   1 
ATOM   640 C CB  . ILE A 1 86  ? -6.121  5.459   -4.055  1.00 23.15  ? 86  ILE A CB  1 
ATOM   641 C CG1 . ILE A 1 86  ? -5.120  5.122   -5.113  1.00 24.55  ? 86  ILE A CG1 1 
ATOM   642 C CG2 . ILE A 1 86  ? -7.259  4.451   -3.982  1.00 25.45  ? 86  ILE A CG2 1 
ATOM   643 C CD1 . ILE A 1 86  ? -4.434  3.767   -4.920  1.00 26.35  ? 86  ILE A CD1 1 
ATOM   644 N N   . ILE A 1 87  ? -5.477  8.703   -5.209  1.00 23.63  ? 87  ILE A N   1 
ATOM   645 C CA  . ILE A 1 87  ? -4.500  9.801   -5.175  1.00 22.41  ? 87  ILE A CA  1 
ATOM   646 C C   . ILE A 1 87  ? -4.659  10.701  -3.987  1.00 25.72  ? 87  ILE A C   1 
ATOM   647 O O   . ILE A 1 87  ? -5.800  11.151  -3.675  1.00 22.62  ? 87  ILE A O   1 
ATOM   648 C CB  . ILE A 1 87  ? -4.555  10.637  -6.464  1.00 25.65  ? 87  ILE A CB  1 
ATOM   649 C CG1 . ILE A 1 87  ? -4.286  9.841   -7.686  1.00 27.81  ? 87  ILE A CG1 1 
ATOM   650 C CG2 . ILE A 1 87  ? -3.550  11.801  -6.375  1.00 25.60  ? 87  ILE A CG2 1 
ATOM   651 C CD1 . ILE A 1 87  ? -2.963  9.193   -7.799  1.00 26.70  ? 87  ILE A CD1 1 
ATOM   652 N N   . GLY A 1 88  ? -3.571  10.938  -3.197  1.00 21.86  ? 88  GLY A N   1 
ATOM   653 C CA  . GLY A 1 88  ? -3.747  11.707  -1.965  1.00 21.31  ? 88  GLY A CA  1 
ATOM   654 C C   . GLY A 1 88  ? -4.052  10.986  -0.699  1.00 19.29  ? 88  GLY A C   1 
ATOM   655 O O   . GLY A 1 88  ? -3.852  11.557  0.371   1.00 23.96  ? 88  GLY A O   1 
ATOM   656 N N   . ARG A 1 89  ? -4.439  9.693   -0.793  1.00 20.05  ? 89  ARG A N   1 
ATOM   657 C CA  . ARG A 1 89  ? -4.687  8.840   0.333   1.00 22.36  ? 89  ARG A CA  1 
ATOM   658 C C   . ARG A 1 89  ? -3.319  8.320   0.911   1.00 21.89  ? 89  ARG A C   1 
ATOM   659 O O   . ARG A 1 89  ? -2.333  8.491   0.269   1.00 18.55  ? 89  ARG A O   1 
ATOM   660 C CB  . ARG A 1 89  ? -5.575  7.659   -0.098  1.00 23.42  ? 89  ARG A CB  1 
ATOM   661 C CG  . ARG A 1 89  ? -6.940  8.188   -0.495  1.00 28.93  ? 89  ARG A CG  1 
ATOM   662 C CD  . ARG A 1 89  ? -8.004  7.087   -0.569  1.00 36.74  ? 89  ARG A CD  1 
ATOM   663 N NE  . ARG A 1 89  ? -9.268  7.552   -1.187  1.00 45.17  ? 89  ARG A NE  1 
ATOM   664 C CZ  . ARG A 1 89  ? -10.283 6.745   -1.571  1.00 49.47  ? 89  ARG A CZ  1 
ATOM   665 N NH1 . ARG A 1 89  ? -11.362 7.284   -2.135  1.00 55.60  ? 89  ARG A NH1 1 
ATOM   666 N NH2 . ARG A 1 89  ? -10.236 5.412   -1.386  1.00 43.49  ? 89  ARG A NH2 1 
ATOM   667 N N   . THR A 1 90  ? -3.322  7.680   2.075   1.00 21.06  ? 90  THR A N   1 
ATOM   668 C CA  . THR A 1 90  ? -2.102  7.224   2.741   1.00 21.52  ? 90  THR A CA  1 
ATOM   669 C C   . THR A 1 90  ? -2.044  5.766   2.662   1.00 19.29  ? 90  THR A C   1 
ATOM   670 O O   . THR A 1 90  ? -3.052  5.090   2.923   1.00 21.80  ? 90  THR A O   1 
ATOM   671 C CB  . THR A 1 90  ? -2.144  7.651   4.152   1.00 24.58  ? 90  THR A CB  1 
ATOM   672 O OG1 . THR A 1 90  ? -2.130  9.053   4.127   1.00 25.75  ? 90  THR A OG1 1 
ATOM   673 C CG2 . THR A 1 90  ? -0.901  7.108   4.928   1.00 24.07  ? 90  THR A CG2 1 
ATOM   674 N N   . LEU A 1 91  ? -0.985  5.264   2.067   1.00 17.32  ? 91  LEU A N   1 
ATOM   675 C CA  . LEU A 1 91  ? -0.680  3.864   2.094   1.00 17.32  ? 91  LEU A CA  1 
ATOM   676 C C   . LEU A 1 91  ? -0.026  3.446   3.389   1.00 19.16  ? 91  LEU A C   1 
ATOM   677 O O   . LEU A 1 91  ? 0.908   4.113   3.856   1.00 17.63  ? 91  LEU A O   1 
ATOM   678 C CB  . LEU A 1 91  ? 0.154   3.529   0.844   1.00 18.25  ? 91  LEU A CB  1 
ATOM   679 C CG  . LEU A 1 91  ? 0.586   2.088   0.641   1.00 18.78  ? 91  LEU A CG  1 
ATOM   680 C CD1 . LEU A 1 91  ? -0.739  1.355   0.217   1.00 22.48  ? 91  LEU A CD1 1 
ATOM   681 C CD2 . LEU A 1 91  ? 1.559   1.994   -0.496  1.00 19.28  ? 91  LEU A CD2 1 
ATOM   682 N N   . VAL A 1 92  ? -0.407  2.322   3.986   1.00 16.80  ? 92  VAL A N   1 
ATOM   683 C CA  . VAL A 1 92  ? 0.075   1.871   5.286   1.00 17.63  ? 92  VAL A CA  1 
ATOM   684 C C   . VAL A 1 92  ? 0.514   0.413   5.274   1.00 17.61  ? 92  VAL A C   1 
ATOM   685 O O   . VAL A 1 92  ? -0.150  -0.485  4.695   1.00 18.15  ? 92  VAL A O   1 
ATOM   686 C CB  . VAL A 1 92  ? -1.034  2.030   6.362   1.00 18.17  ? 92  VAL A CB  1 
ATOM   687 C CG1 . VAL A 1 92  ? -0.517  1.647   7.706   1.00 21.67  ? 92  VAL A CG1 1 
ATOM   688 C CG2 . VAL A 1 92  ? -1.569  3.451   6.332   1.00 21.00  ? 92  VAL A CG2 1 
ATOM   689 N N   A VAL A 1 93  ? 1.664   0.147   5.865   0.50 15.60  ? 93  VAL A N   1 
ATOM   690 N N   B VAL A 1 93  ? 1.659   0.157   5.877   0.50 16.50  ? 93  VAL A N   1 
ATOM   691 C CA  A VAL A 1 93  ? 2.102   -1.210  6.144   0.50 15.67  ? 93  VAL A CA  1 
ATOM   692 C CA  B VAL A 1 93  ? 2.133   -1.182  6.173   0.50 17.19  ? 93  VAL A CA  1 
ATOM   693 C C   A VAL A 1 93  ? 2.058   -1.493  7.642   0.50 18.64  ? 93  VAL A C   1 
ATOM   694 C C   B VAL A 1 93  ? 2.060   -1.490  7.655   0.50 19.58  ? 93  VAL A C   1 
ATOM   695 O O   A VAL A 1 93  ? 2.482   -0.703  8.500   0.50 19.08  ? 93  VAL A O   1 
ATOM   696 O O   B VAL A 1 93  ? 2.535   -0.739  8.513   0.50 19.67  ? 93  VAL A O   1 
ATOM   697 C CB  A VAL A 1 93  ? 3.478   -1.570  5.506   0.50 17.04  ? 93  VAL A CB  1 
ATOM   698 C CB  B VAL A 1 93  ? 3.587   -1.379  5.734   0.50 20.27  ? 93  VAL A CB  1 
ATOM   699 C CG1 A VAL A 1 93  ? 4.612   -0.759  6.108   0.50 16.53  ? 93  VAL A CG1 1 
ATOM   700 C CG1 B VAL A 1 93  ? 4.022   -2.778  6.034   0.50 21.17  ? 93  VAL A CG1 1 
ATOM   701 C CG2 A VAL A 1 93  ? 3.699   -3.079  5.524   0.50 17.10  ? 93  VAL A CG2 1 
ATOM   702 C CG2 B VAL A 1 93  ? 3.667   -1.061  4.260   0.50 21.49  ? 93  VAL A CG2 1 
ATOM   703 N N   . HIS A 1 94  ? 1.484   -2.645  7.963   1.00 17.00  ? 94  HIS A N   1 
ATOM   704 C CA  . HIS A 1 94  ? 1.204   -3.016  9.343   1.00 18.58  ? 94  HIS A CA  1 
ATOM   705 C C   . HIS A 1 94  ? 2.102   -4.048  9.983   1.00 17.47  ? 94  HIS A C   1 
ATOM   706 O O   . HIS A 1 94  ? 2.782   -4.851  9.334   1.00 18.54  ? 94  HIS A O   1 
ATOM   707 C CB  . HIS A 1 94  ? -0.268  -3.564  9.435   1.00 20.93  ? 94  HIS A CB  1 
ATOM   708 C CG  . HIS A 1 94  ? -1.262  -2.461  9.442   1.00 21.69  ? 94  HIS A CG  1 
ATOM   709 N ND1 . HIS A 1 94  ? -1.712  -1.899  10.594  1.00 24.85  ? 94  HIS A ND1 1 
ATOM   710 C CD2 . HIS A 1 94  ? -1.825  -1.756  8.424   1.00 24.19  ? 94  HIS A CD2 1 
ATOM   711 C CE1 . HIS A 1 94  ? -2.522  -0.887  10.305  1.00 26.18  ? 94  HIS A CE1 1 
ATOM   712 N NE2 . HIS A 1 94  ? -2.635  -0.797  8.994   1.00 25.09  ? 94  HIS A NE2 1 
ATOM   713 N N   . GLU A 1 95  ? 2.022   -4.110  11.323  1.00 19.92  ? 95  GLU A N   1 
ATOM   714 C CA  . GLU A 1 95  ? 2.816   -5.078  12.116  1.00 20.11  ? 95  GLU A CA  1 
ATOM   715 C C   . GLU A 1 95  ? 2.527   -6.522  11.967  1.00 21.51  ? 95  GLU A C   1 
ATOM   716 O O   . GLU A 1 95  ? 3.413   -7.343  11.942  1.00 20.29  ? 95  GLU A O   1 
ATOM   717 C CB  . GLU A 1 95  ? 2.641   -4.651  13.586  1.00 23.07  ? 95  GLU A CB  1 
ATOM   718 C CG  . GLU A 1 95  ? 3.436   -5.398  14.639  1.00 27.79  ? 95  GLU A CG  1 
ATOM   719 C CD  . GLU A 1 95  ? 2.891   -5.032  16.082  1.00 37.46  ? 95  GLU A CD  1 
ATOM   720 O OE1 . GLU A 1 95  ? 3.577   -5.413  17.039  1.00 38.60  ? 95  GLU A OE1 1 
ATOM   721 O OE2 . GLU A 1 95  ? 1.754   -4.447  16.260  1.00 39.78  ? 95  GLU A OE2 1 
ATOM   722 N N   . LYS A 1 96  ? 1.249   -6.853  11.832  1.00 21.81  ? 96  LYS A N   1 
ATOM   723 C CA  . LYS A 1 96  ? 0.854   -8.217  11.703  1.00 25.22  ? 96  LYS A CA  1 
ATOM   724 C C   . LYS A 1 96  ? 0.087   -8.391  10.377  1.00 21.72  ? 96  LYS A C   1 
ATOM   725 O O   . LYS A 1 96  ? -0.214  -7.402  9.621   1.00 22.25  ? 96  LYS A O   1 
ATOM   726 C CB  . LYS A 1 96  ? -0.129  -8.523  12.863  1.00 28.07  ? 96  LYS A CB  1 
ATOM   727 C CG  . LYS A 1 96  ? 0.370   -8.268  14.251  1.00 31.87  ? 96  LYS A CG  1 
ATOM   728 C CD  . LYS A 1 96  ? -0.809  -8.532  15.226  1.00 42.39  ? 96  LYS A CD  1 
ATOM   729 C CE  . LYS A 1 96  ? -0.537  -8.142  16.680  1.00 49.70  ? 96  LYS A CE  1 
ATOM   730 N NZ  . LYS A 1 96  ? 0.760   -8.733  17.106  1.00 52.71  ? 96  LYS A NZ  1 
ATOM   731 N N   . ALA A 1 97  ? -0.274  -9.643  10.130  1.00 23.39  ? 97  ALA A N   1 
ATOM   732 C CA  . ALA A 1 97  ? -1.013  -10.010 8.931   1.00 24.73  ? 97  ALA A CA  1 
ATOM   733 C C   . ALA A 1 97  ? -2.392  -9.376  8.960   1.00 28.01  ? 97  ALA A C   1 
ATOM   734 O O   . ALA A 1 97  ? -2.917  -9.113  10.020  1.00 26.58  ? 97  ALA A O   1 
ATOM   735 C CB  . ALA A 1 97  ? -1.138  -11.524 8.837   1.00 30.06  ? 97  ALA A CB  1 
ATOM   736 N N   . ASP A 1 98  ? -2.896  -9.105  7.777   1.00 24.33  ? 98  ASP A N   1 
ATOM   737 C CA  . ASP A 1 98  ? -4.178  -8.444  7.532   1.00 36.12  ? 98  ASP A CA  1 
ATOM   738 C C   . ASP A 1 98  ? -5.258  -9.281  8.245   1.00 44.66  ? 98  ASP A C   1 
ATOM   739 O O   . ASP A 1 98  ? -5.144  -10.530 8.310   1.00 35.65  ? 98  ASP A O   1 
ATOM   740 C CB  . ASP A 1 98  ? -4.397  -8.558  6.051   1.00 39.71  ? 98  ASP A CB  1 
ATOM   741 C CG  . ASP A 1 98  ? -5.363  -7.610  5.517   1.00 45.99  ? 98  ASP A CG  1 
ATOM   742 O OD1 . ASP A 1 98  ? -5.486  -6.532  6.125   1.00 50.32  ? 98  ASP A OD1 1 
ATOM   743 O OD2 . ASP A 1 98  ? -5.932  -7.985  4.440   1.00 39.19  ? 98  ASP A OD2 1 
ATOM   744 N N   . ASP A 1 99  ? -6.239  -8.612  8.829   1.00 55.84  ? 99  ASP A N   1 
ATOM   745 C CA  . ASP A 1 99  ? -7.400  -9.325  9.387   1.00 84.06  ? 99  ASP A CA  1 
ATOM   746 C C   . ASP A 1 99  ? -8.792  -8.879  8.787   1.00 98.15  ? 99  ASP A C   1 
ATOM   747 O O   . ASP A 1 99  ? -9.851  -9.034  9.435   1.00 100.76 ? 99  ASP A O   1 
ATOM   748 C CB  . ASP A 1 99  ? -7.342  -9.216  10.922  1.00 86.88  ? 99  ASP A CB  1 
ATOM   749 C CG  . ASP A 1 99  ? -8.210  -10.254 11.619  1.00 85.32  ? 99  ASP A CG  1 
ATOM   750 O OD1 . ASP A 1 99  ? -8.549  -11.253 10.953  1.00 73.13  ? 99  ASP A OD1 1 
ATOM   751 O OD2 . ASP A 1 99  ? -8.547  -10.050 12.816  1.00 77.08  ? 99  ASP A OD2 1 
ATOM   752 N N   . GLY A 1 100 ? -8.778  -8.350  7.552   1.00 94.12  ? 100 GLY A N   1 
ATOM   753 C CA  . GLY A 1 100 ? -10.004 -7.917  6.851   1.00 104.52 ? 100 GLY A CA  1 
ATOM   754 C C   . GLY A 1 100 ? -10.041 -6.462  6.388   1.00 107.67 ? 100 GLY A C   1 
ATOM   755 O O   . GLY A 1 100 ? -9.061  -5.704  6.566   1.00 80.84  ? 100 GLY A O   1 
ATOM   756 N N   . ALA A 1 101 ? -11.180 -6.090  5.781   1.00 117.69 ? 101 ALA A N   1 
ATOM   757 C CA  . ALA A 1 101 ? -11.480 -4.689  5.415   1.00 124.24 ? 101 ALA A CA  1 
ATOM   758 C C   . ALA A 1 101 ? -11.480 -3.785  6.658   1.00 116.12 ? 101 ALA A C   1 
ATOM   759 O O   . ALA A 1 101 ? -10.987 -2.660  6.586   1.00 105.34 ? 101 ALA A O   1 
ATOM   760 C CB  . ALA A 1 101 ? -12.810 -4.582  4.654   1.00 122.82 ? 101 ALA A CB  1 
ATOM   761 N N   . GLY A 1 102 ? -12.005 -4.303  7.782   1.00 117.76 ? 102 GLY A N   1 
ATOM   762 C CA  . GLY A 1 102 ? -12.046 -3.596  9.086   1.00 116.35 ? 102 GLY A CA  1 
ATOM   763 C C   . GLY A 1 102 ? -11.426 -4.249  10.336  1.00 116.22 ? 102 GLY A C   1 
ATOM   764 O O   . GLY A 1 102 ? -11.555 -3.689  11.429  1.00 109.97 ? 102 GLY A O   1 
ATOM   765 N N   . GLY A 1 103 ? -10.760 -5.407  10.194  1.00 113.25 ? 103 GLY A N   1 
ATOM   766 C CA  . GLY A 1 103 ? -10.065 -6.094  11.313  1.00 100.09 ? 103 GLY A CA  1 
ATOM   767 C C   . GLY A 1 103 ? -8.653  -5.581  11.649  1.00 93.73  ? 103 GLY A C   1 
ATOM   768 O O   . GLY A 1 103 ? -8.091  -4.723  10.944  1.00 90.77  ? 103 GLY A O   1 
ATOM   769 N N   . ASN A 1 104 ? -8.073  -6.123  12.724  1.00 70.17  ? 104 ASN A N   1 
ATOM   770 C CA  . ASN A 1 104 ? -6.868  -5.553  13.311  1.00 65.28  ? 104 ASN A CA  1 
ATOM   771 C C   . ASN A 1 104 ? -5.537  -6.214  12.863  1.00 60.61  ? 104 ASN A C   1 
ATOM   772 O O   . ASN A 1 104 ? -5.150  -7.299  13.368  1.00 55.99  ? 104 ASN A O   1 
ATOM   773 C CB  . ASN A 1 104 ? -6.946  -5.573  14.836  1.00 67.08  ? 104 ASN A CB  1 
ATOM   774 C CG  . ASN A 1 104 ? -5.708  -4.976  15.480  1.00 65.65  ? 104 ASN A CG  1 
ATOM   775 O OD1 . ASN A 1 104 ? -4.853  -5.700  15.998  1.00 64.87  ? 104 ASN A OD1 1 
ATOM   776 N ND2 . ASN A 1 104 ? -5.570  -3.660  15.388  1.00 61.81  ? 104 ASN A ND2 1 
ATOM   777 N N   . ALA A 1 105 ? -4.821  -5.495  11.979  1.00 45.97  ? 105 ALA A N   1 
ATOM   778 C CA  . ALA A 1 105 ? -3.444  -5.845  11.566  1.00 34.61  ? 105 ALA A CA  1 
ATOM   779 C C   . ALA A 1 105 ? -2.357  -5.278  12.464  1.00 32.40  ? 105 ALA A C   1 
ATOM   780 O O   . ALA A 1 105 ? -1.195  -5.220  12.071  1.00 29.97  ? 105 ALA A O   1 
ATOM   781 C CB  . ALA A 1 105 ? -3.239  -5.440  10.115  1.00 33.73  ? 105 ALA A CB  1 
ATOM   782 N N   . GLY A 1 106 ? -2.692  -4.886  13.699  1.00 28.72  ? 106 GLY A N   1 
ATOM   783 C CA  . GLY A 1 106 ? -1.790  -4.305  14.656  1.00 30.66  ? 106 GLY A CA  1 
ATOM   784 C C   . GLY A 1 106 ? -1.351  -2.898  14.258  1.00 28.14  ? 106 GLY A C   1 
ATOM   785 O O   . GLY A 1 106 ? -1.952  -2.233  13.392  1.00 27.04  ? 106 GLY A O   1 
ATOM   786 N N   . SER A 1 107 ? -0.210  -2.494  14.759  1.00 27.21  ? 107 SER A N   1 
ATOM   787 C CA  . SER A 1 107 ? 0.104   -1.093  14.679  1.00 28.16  ? 107 SER A CA  1 
ATOM   788 C C   . SER A 1 107 ? 0.641   -0.789  13.259  1.00 26.43  ? 107 SER A C   1 
ATOM   789 O O   . SER A 1 107 ? 0.974   -1.697  12.473  1.00 23.44  ? 107 SER A O   1 
ATOM   790 C CB  . SER A 1 107 ? 1.208   -0.702  15.679  1.00 31.11  ? 107 SER A CB  1 
ATOM   791 O OG  . SER A 1 107 ? 2.306   -1.449  15.241  1.00 36.38  ? 107 SER A OG  1 
ATOM   792 N N   . ARG A 1 108 ? 0.738   0.486   12.998  1.00 21.91  ? 108 ARG A N   1 
ATOM   793 C CA  . ARG A 1 108 ? 1.257   0.978   11.697  1.00 21.31  ? 108 ARG A CA  1 
ATOM   794 C C   . ARG A 1 108 ? 2.816   1.027   11.820  1.00 20.78  ? 108 ARG A C   1 
ATOM   795 O O   . ARG A 1 108 ? 3.352   1.725   12.675  1.00 24.68  ? 108 ARG A O   1 
ATOM   796 C CB  . ARG A 1 108 ? 0.778   2.361   11.404  1.00 24.89  ? 108 ARG A CB  1 
ATOM   797 C CG  . ARG A 1 108 ? -0.749  2.458   11.225  1.00 29.26  ? 108 ARG A CG  1 
ATOM   798 C CD  . ARG A 1 108 ? -1.068  3.904   10.837  1.00 37.75  ? 108 ARG A CD  1 
ATOM   799 N NE  . ARG A 1 108 ? -2.333  4.053   10.122  1.00 47.24  ? 108 ARG A NE  1 
ATOM   800 C CZ  . ARG A 1 108 ? -3.391  4.799   10.482  1.00 72.28  ? 108 ARG A CZ  1 
ATOM   801 N NH1 . ARG A 1 108 ? -3.437  5.488   11.639  1.00 76.63  ? 108 ARG A NH1 1 
ATOM   802 N NH2 . ARG A 1 108 ? -4.441  4.858   9.648   1.00 73.98  ? 108 ARG A NH2 1 
ATOM   803 N N   . LEU A 1 109 ? 3.485   0.378   10.899  1.00 17.82  ? 109 LEU A N   1 
ATOM   804 C CA  . LEU A 1 109 ? 4.975   0.413   10.854  1.00 15.41  ? 109 LEU A CA  1 
ATOM   805 C C   . LEU A 1 109 ? 5.561   1.513   9.947   1.00 17.53  ? 109 LEU A C   1 
ATOM   806 O O   . LEU A 1 109 ? 6.679   2.020   10.269  1.00 17.86  ? 109 LEU A O   1 
ATOM   807 C CB  . LEU A 1 109 ? 5.549   -0.910  10.418  1.00 15.75  ? 109 LEU A CB  1 
ATOM   808 C CG  . LEU A 1 109 ? 5.198   -2.090  11.320  1.00 19.49  ? 109 LEU A CG  1 
ATOM   809 C CD1 . LEU A 1 109 ? 5.930   -3.281  10.804  1.00 24.72  ? 109 LEU A CD1 1 
ATOM   810 C CD2 . LEU A 1 109 ? 5.399   -1.788  12.767  1.00 21.42  ? 109 LEU A CD2 1 
ATOM   811 N N   . ALA A 1 110 ? 4.872   1.863   8.853   1.00 15.29  ? 110 ALA A N   1 
ATOM   812 C CA  . ALA A 1 110 ? 5.293   2.904   7.933   1.00 14.47  ? 110 ALA A CA  1 
ATOM   813 C C   . ALA A 1 110 ? 4.164   3.318   7.073   1.00 17.20  ? 110 ALA A C   1 
ATOM   814 O O   . ALA A 1 110 ? 3.165   2.508   6.938   1.00 17.53  ? 110 ALA A O   1 
ATOM   815 C CB  . ALA A 1 110 ? 6.464   2.373   7.103   1.00 14.70  ? 110 ALA A CB  1 
ATOM   816 N N   . SER A 1 111 ? 4.184   4.563   6.592   1.00 16.47  ? 111 SER A N   1 
ATOM   817 C CA  . SER A 1 111 ? 3.109   4.996   5.754   1.00 17.31  ? 111 SER A CA  1 
ATOM   818 C C   . SER A 1 111 ? 3.647   6.010   4.784   1.00 15.69  ? 111 SER A C   1 
ATOM   819 O O   . SER A 1 111 ? 4.745   6.553   4.994   1.00 15.69  ? 111 SER A O   1 
ATOM   820 C CB  . SER A 1 111 ? 1.945   5.554   6.586   1.00 21.93  ? 111 SER A CB  1 
ATOM   821 O OG  . SER A 1 111 ? 2.394   6.635   7.295   1.00 19.82  ? 111 SER A OG  1 
ATOM   822 N N   . GLY A 1 112 ? 2.895   6.313   3.766   1.00 16.58  ? 112 GLY A N   1 
ATOM   823 C CA  . GLY A 1 112 ? 3.207   7.419   2.893   1.00 16.91  ? 112 GLY A CA  1 
ATOM   824 C C   . GLY A 1 112 ? 2.066   7.852   1.998   1.00 18.17  ? 112 GLY A C   1 
ATOM   825 O O   . GLY A 1 112 ? 1.141   7.033   1.657   1.00 17.63  ? 112 GLY A O   1 
ATOM   826 N N   . VAL A 1 113 ? 2.097   9.101   1.603   1.00 16.40  ? 113 VAL A N   1 
ATOM   827 C CA  . VAL A 1 113 ? 1.061   9.659   0.726   1.00 18.94  ? 113 VAL A CA  1 
ATOM   828 C C   . VAL A 1 113 ? 1.210   9.121   -0.678  1.00 17.82  ? 113 VAL A C   1 
ATOM   829 O O   . VAL A 1 113 ? 2.325   9.039   -1.265  1.00 16.15  ? 113 VAL A O   1 
ATOM   830 C CB  . VAL A 1 113 ? 1.090   11.213  0.736   1.00 19.63  ? 113 VAL A CB  1 
ATOM   831 C CG1 . VAL A 1 113 ? 0.184   11.802  -0.297  1.00 20.94  ? 113 VAL A CG1 1 
ATOM   832 C CG2 . VAL A 1 113 ? 0.708   11.683  2.098   1.00 21.22  ? 113 VAL A CG2 1 
ATOM   833 N N   . ILE A 1 114 ? 0.098   8.711   -1.237  1.00 17.13  ? 114 ILE A N   1 
ATOM   834 C CA  . ILE A 1 114 ? 0.086   8.250   -2.628  1.00 17.61  ? 114 ILE A CA  1 
ATOM   835 C C   . ILE A 1 114 ? 0.022   9.494   -3.540  1.00 19.13  ? 114 ILE A C   1 
ATOM   836 O O   . ILE A 1 114 ? -1.019  10.126  -3.713  1.00 22.76  ? 114 ILE A O   1 
ATOM   837 C CB  . ILE A 1 114 ? -1.118  7.258   -2.929  1.00 17.28  ? 114 ILE A CB  1 
ATOM   838 C CG1 . ILE A 1 114 ? -1.059  6.059   -2.005  1.00 19.22  ? 114 ILE A CG1 1 
ATOM   839 C CG2 . ILE A 1 114 ? -1.117  6.828   -4.367  1.00 19.05  ? 114 ILE A CG2 1 
ATOM   840 C CD1 . ILE A 1 114 ? -2.316  5.246   -1.910  1.00 21.69  ? 114 ILE A CD1 1 
ATOM   841 N N   . GLY A 1 115 ? 1.123   9.803   -4.187  1.00 18.48  ? 115 GLY A N   1 
ATOM   842 C CA  . GLY A 1 115 ? 1.286   11.045  -4.934  1.00 19.15  ? 115 GLY A CA  1 
ATOM   843 C C   . GLY A 1 115 ? 1.241   10.784  -6.408  1.00 18.95  ? 115 GLY A C   1 
ATOM   844 O O   . GLY A 1 115 ? 1.778   9.778   -6.911  1.00 20.60  ? 115 GLY A O   1 
ATOM   845 N N   . ILE A 1 116 ? 0.629   11.717  -7.111  1.00 21.04  ? 116 ILE A N   1 
ATOM   846 C CA  . ILE A 1 116 ? 0.654   11.647  -8.584  1.00 21.78  ? 116 ILE A CA  1 
ATOM   847 C C   . ILE A 1 116 ? 2.063   11.593  -9.166  1.00 20.99  ? 116 ILE A C   1 
ATOM   848 O O   . ILE A 1 116 ? 2.940   12.327  -8.721  1.00 21.07  ? 116 ILE A O   1 
ATOM   849 C CB  . ILE A 1 116 ? -0.150  12.812  -9.230  1.00 25.82  ? 116 ILE A CB  1 
ATOM   850 C CG1 . ILE A 1 116 ? -0.179  12.633  -10.775 1.00 31.11  ? 116 ILE A CG1 1 
ATOM   851 C CG2 . ILE A 1 116 ? 0.399   14.175  -8.923  1.00 24.82  ? 116 ILE A CG2 1 
ATOM   852 C CD1 . ILE A 1 116 ? -1.388  13.348  -11.367 1.00 40.86  ? 116 ILE A CD1 1 
ATOM   853 N N   . ALA A 1 117 ? 2.301   10.724  -10.141 1.00 19.00  ? 117 ALA A N   1 
ATOM   854 C CA  . ALA A 1 117 ? 3.555   10.656  -10.808 1.00 19.44  ? 117 ALA A CA  1 
ATOM   855 C C   . ALA A 1 117 ? 3.472   10.932  -12.333 1.00 20.55  ? 117 ALA A C   1 
ATOM   856 O O   . ALA A 1 117 ? 4.364   11.542  -12.928 1.00 22.41  ? 117 ALA A O   1 
ATOM   857 C CB  . ALA A 1 117 ? 4.191   9.293   -10.597 1.00 19.22  ? 117 ALA A CB  1 
ATOM   858 N N   . GLN A 1 118 ? 2.325   10.603  -12.911 1.00 21.65  ? 118 GLN A N   1 
ATOM   859 C CA  . GLN A 1 118 ? 2.061   10.863  -14.352 1.00 22.93  ? 118 GLN A CA  1 
ATOM   860 C C   . GLN A 1 118 ? 0.552   10.991  -14.498 1.00 29.42  ? 118 GLN A C   1 
ATOM   861 O O   . GLN A 1 118 ? -0.241  10.271  -13.821 1.00 27.18  ? 118 GLN A O   1 
ATOM   862 C CB  . GLN A 1 118 ? 2.530   9.750   -15.196 1.00 23.63  ? 118 GLN A CB  1 
ATOM   863 C CG  . GLN A 1 118 ? 2.488   10.147  -16.700 1.00 25.37  ? 118 GLN A CG  1 
ATOM   864 C CD  . GLN A 1 118 ? 2.965   9.017   -17.566 1.00 31.78  ? 118 GLN A CD  1 
ATOM   865 O OE1 . GLN A 1 118 ? 3.411   8.003   -17.089 1.00 36.06  ? 118 GLN A OE1 1 
ATOM   866 N NE2 . GLN A 1 118 ? 2.795   9.164   -18.868 1.00 47.95  ? 118 GLN A NE2 1 
ATOM   867 O OXT . GLN A 1 118 ? 0.179   11.922  -15.247 1.00 27.36  ? 118 GLN A OXT 1 
HETATM 868 S S   . SO4 B 2 .   ? -5.030  1.734   8.622   1.00 40.62  ? 201 SO4 A S   1 
HETATM 869 O O1  . SO4 B 2 .   ? -5.967  0.700   9.101   1.00 52.57  ? 201 SO4 A O1  1 
HETATM 870 O O2  . SO4 B 2 .   ? -5.501  2.999   8.157   1.00 41.37  ? 201 SO4 A O2  1 
HETATM 871 O O3  . SO4 B 2 .   ? -4.201  2.068   9.826   1.00 40.63  ? 201 SO4 A O3  1 
HETATM 872 O O4  . SO4 B 2 .   ? -4.352  0.954   7.595   1.00 42.13  ? 201 SO4 A O4  1 
HETATM 873 C C1  . GOL C 3 .   ? 15.010  -11.760 10.723  1.00 42.21  ? 202 GOL A C1  1 
HETATM 874 O O1  . GOL C 3 .   ? 15.370  -12.824 9.730   1.00 44.51  ? 202 GOL A O1  1 
HETATM 875 C C2  . GOL C 3 .   ? 13.670  -11.575 10.116  1.00 27.34  ? 202 GOL A C2  1 
HETATM 876 O O2  . GOL C 3 .   ? 12.393  -11.641 10.856  1.00 20.92  ? 202 GOL A O2  1 
HETATM 877 C C3  . GOL C 3 .   ? 13.894  -10.408 9.139   1.00 21.69  ? 202 GOL A C3  1 
HETATM 878 O O3  . GOL C 3 .   ? 13.483  -9.105  9.560   1.00 18.82  ? 202 GOL A O3  1 
HETATM 879 O O   . HOH D 4 .   ? 16.486  -14.445 9.004   1.00 37.57  ? 301 HOH A O   1 
HETATM 880 O O   . HOH D 4 .   ? -11.692 4.759   -12.532 1.00 39.99  ? 302 HOH A O   1 
HETATM 881 O O   . HOH D 4 .   ? -4.111  -12.016 6.789   1.00 41.60  ? 303 HOH A O   1 
HETATM 882 O O   . HOH D 4 .   ? -10.139 3.697   -5.657  1.00 36.31  ? 304 HOH A O   1 
HETATM 883 O O   . HOH D 4 .   ? -10.280 4.571   3.057   1.00 50.40  ? 305 HOH A O   1 
HETATM 884 O O   . HOH D 4 .   ? 11.497  -13.686 11.919  1.00 39.49  ? 306 HOH A O   1 
HETATM 885 O O   . HOH D 4 .   ? 4.577   13.862  -7.671  0.33 25.03  ? 307 HOH A O   1 
HETATM 886 O O   . HOH D 4 .   ? 18.725  -5.284  2.036   1.00 30.10  ? 308 HOH A O   1 
HETATM 887 O O   . HOH D 4 .   ? 11.356  4.143   8.388   1.00 24.97  ? 309 HOH A O   1 
HETATM 888 O O   . HOH D 4 .   ? -6.544  6.258   -14.312 1.00 39.19  ? 310 HOH A O   1 
HETATM 889 O O   . HOH D 4 .   ? -8.233  -3.420  -3.114  1.00 46.95  ? 311 HOH A O   1 
HETATM 890 O O   . HOH D 4 .   ? 3.430   -11.516 10.404  1.00 37.04  ? 312 HOH A O   1 
HETATM 891 O O   . HOH D 4 .   ? 2.994   -15.105 1.221   1.00 44.14  ? 313 HOH A O   1 
HETATM 892 O O   . HOH D 4 .   ? -12.730 6.273   -9.142  1.00 37.47  ? 314 HOH A O   1 
HETATM 893 O O   . HOH D 4 .   ? -3.298  11.095  2.924   1.00 36.11  ? 315 HOH A O   1 
HETATM 894 O O   . HOH D 4 .   ? 16.336  1.122   0.716   1.00 47.49  ? 316 HOH A O   1 
HETATM 895 O O   . HOH D 4 .   ? 17.698  -12.827 10.995  1.00 44.78  ? 317 HOH A O   1 
HETATM 896 O O   . HOH D 4 .   ? 12.475  -15.398 10.707  1.00 44.94  ? 318 HOH A O   1 
HETATM 897 O O   . HOH D 4 .   ? 15.531  -0.732  7.249   1.00 46.87  ? 319 HOH A O   1 
HETATM 898 O O   . HOH D 4 .   ? -9.155  5.399   -20.375 1.00 57.37  ? 320 HOH A O   1 
HETATM 899 O O   . HOH D 4 .   ? -13.660 -2.960  -10.364 1.00 34.78  ? 321 HOH A O   1 
HETATM 900 O O   . HOH D 4 .   ? -6.682  11.352  2.468   1.00 56.88  ? 322 HOH A O   1 
HETATM 901 O O   . HOH D 4 .   ? 2.966   2.790   15.104  1.00 36.00  ? 323 HOH A O   1 
HETATM 902 O O   . HOH D 4 .   ? 4.892   9.480   -0.608  1.00 19.04  ? 324 HOH A O   1 
HETATM 903 O O   . HOH D 4 .   ? -9.248  4.219   0.810   1.00 46.38  ? 325 HOH A O   1 
HETATM 904 O O   . HOH D 4 .   ? -8.143  11.652  -4.905  1.00 39.12  ? 326 HOH A O   1 
HETATM 905 O O   . HOH D 4 .   ? -3.548  -10.535 12.234  1.00 47.07  ? 327 HOH A O   1 
HETATM 906 O O   . HOH D 4 .   ? 1.978   -11.353 -0.083  1.00 28.78  ? 328 HOH A O   1 
HETATM 907 O O   . HOH D 4 .   ? -13.954 -0.170  -7.331  1.00 38.72  ? 329 HOH A O   1 
HETATM 908 O O   . HOH D 4 .   ? -7.196  11.459  -9.029  1.00 35.48  ? 330 HOH A O   1 
HETATM 909 O O   . HOH D 4 .   ? -5.393  -7.632  -5.890  1.00 27.58  ? 331 HOH A O   1 
HETATM 910 O O   . HOH D 4 .   ? 8.752   -13.580 11.574  1.00 34.95  ? 332 HOH A O   1 
HETATM 911 O O   . HOH D 4 .   ? 11.037  -11.410 -5.209  1.00 37.43  ? 333 HOH A O   1 
HETATM 912 O O   . HOH D 4 .   ? 9.532   4.711   -7.810  1.00 15.73  ? 334 HOH A O   1 
HETATM 913 O O   . HOH D 4 .   ? -1.448  6.381   9.001   1.00 46.95  ? 335 HOH A O   1 
HETATM 914 O O   . HOH D 4 .   ? -9.915  0.174   -11.354 1.00 44.50  ? 336 HOH A O   1 
HETATM 915 O O   . HOH D 4 .   ? -13.249 -5.410  -10.100 1.00 37.18  ? 337 HOH A O   1 
HETATM 916 O O   . HOH D 4 .   ? 10.133  -4.159  11.747  1.00 22.20  ? 338 HOH A O   1 
HETATM 917 O O   . HOH D 4 .   ? 15.172  -5.492  5.849   1.00 19.49  ? 339 HOH A O   1 
HETATM 918 O O   . HOH D 4 .   ? -3.405  -9.635  -8.102  1.00 41.70  ? 340 HOH A O   1 
HETATM 919 O O   . HOH D 4 .   ? -6.337  10.429  -15.138 1.00 47.23  ? 341 HOH A O   1 
HETATM 920 O O   . HOH D 4 .   ? 6.112   8.873   3.954   1.00 31.58  ? 342 HOH A O   1 
HETATM 921 O O   . HOH D 4 .   ? 11.205  -10.251 -1.201  1.00 25.54  ? 343 HOH A O   1 
HETATM 922 O O   . HOH D 4 .   ? 6.039   -6.805  12.678  1.00 19.97  ? 344 HOH A O   1 
HETATM 923 O O   . HOH D 4 .   ? -5.733  -0.247  -16.385 1.00 31.44  ? 345 HOH A O   1 
HETATM 924 O O   . HOH D 4 .   ? 13.587  -8.177  12.205  1.00 26.56  ? 346 HOH A O   1 
HETATM 925 O O   . HOH D 4 .   ? 3.382   -14.500 8.514   1.00 27.22  ? 347 HOH A O   1 
HETATM 926 O O   . HOH D 4 .   ? 7.070   -3.311  -13.413 1.00 51.78  ? 348 HOH A O   1 
HETATM 927 O O   . HOH D 4 .   ? 9.205   1.143   11.238  1.00 17.35  ? 349 HOH A O   1 
HETATM 928 O O   . HOH D 4 .   ? -8.598  -5.453  -3.729  1.00 51.51  ? 350 HOH A O   1 
HETATM 929 O O   . HOH D 4 .   ? 3.325   -9.361  -4.492  1.00 38.94  ? 351 HOH A O   1 
HETATM 930 O O   . HOH D 4 .   ? 13.488  -1.062  -1.082  1.00 40.11  ? 352 HOH A O   1 
HETATM 931 O O   . HOH D 4 .   ? 4.813   -9.237  -1.004  1.00 22.75  ? 353 HOH A O   1 
HETATM 932 O O   . HOH D 4 .   ? 10.488  1.742   -7.436  1.00 38.03  ? 354 HOH A O   1 
HETATM 933 O O   . HOH D 4 .   ? 0.419   -8.994  -2.192  1.00 45.44  ? 355 HOH A O   1 
HETATM 934 O O   . HOH D 4 .   ? 8.082   -5.802  11.063  1.00 16.74  ? 356 HOH A O   1 
HETATM 935 O O   . HOH D 4 .   ? 8.615   -15.224 3.744   1.00 33.92  ? 357 HOH A O   1 
HETATM 936 O O   . HOH D 4 .   ? 2.381   9.164   5.911   1.00 28.28  ? 358 HOH A O   1 
HETATM 937 O O   . HOH D 4 .   ? 18.383  3.676   5.110   0.33 94.14  ? 359 HOH A O   1 
HETATM 938 O O   . HOH D 4 .   ? -5.357  -2.847  10.905  1.00 51.31  ? 360 HOH A O   1 
HETATM 939 O O   . HOH D 4 .   ? 8.779   -10.739 -1.236  1.00 29.97  ? 361 HOH A O   1 
HETATM 940 O O   . HOH D 4 .   ? 8.326   -6.109  -7.434  1.00 44.80  ? 362 HOH A O   1 
HETATM 941 O O   . HOH D 4 .   ? -7.261  11.996  -1.281  1.00 41.02  ? 363 HOH A O   1 
HETATM 942 O O   . HOH D 4 .   ? 13.319  -15.840 2.609   1.00 25.73  ? 364 HOH A O   1 
HETATM 943 O O   . HOH D 4 .   ? 13.764  7.178   0.859   0.33 86.65  ? 365 HOH A O   1 
HETATM 944 O O   . HOH D 4 .   ? -11.192 -3.006  0.774   1.00 41.82  ? 366 HOH A O   1 
HETATM 945 O O   . HOH D 4 .   ? -14.774 0.433   -11.534 1.00 42.33  ? 367 HOH A O   1 
HETATM 946 O O   . HOH D 4 .   ? -0.438  2.445   14.906  1.00 33.94  ? 368 HOH A O   1 
HETATM 947 O O   . HOH D 4 .   ? 0.791   -11.900 11.758  1.00 35.14  ? 369 HOH A O   1 
HETATM 948 O O   . HOH D 4 .   ? -11.018 -4.923  -13.836 1.00 53.80  ? 370 HOH A O   1 
HETATM 949 O O   . HOH D 4 .   ? -17.934 4.806   -9.603  1.00 49.95  ? 371 HOH A O   1 
HETATM 950 O O   . HOH D 4 .   ? 5.182   10.652  -3.329  1.00 36.48  ? 372 HOH A O   1 
HETATM 951 O O   . HOH D 4 .   ? -15.599 10.799  -12.760 1.00 57.48  ? 373 HOH A O   1 
HETATM 952 O O   . HOH D 4 .   ? 6.827   8.542   10.926  1.00 47.92  ? 374 HOH A O   1 
HETATM 953 O O   . HOH D 4 .   ? 9.867   0.479   -11.972 1.00 34.44  ? 375 HOH A O   1 
HETATM 954 O O   . HOH D 4 .   ? 6.260   -10.333 -5.596  1.00 47.99  ? 376 HOH A O   1 
HETATM 955 O O   . HOH D 4 .   ? 6.796   -6.034  -11.323 1.00 50.95  ? 377 HOH A O   1 
HETATM 956 O O   . HOH D 4 .   ? 11.709  -1.038  -5.701  1.00 51.25  ? 378 HOH A O   1 
HETATM 957 O O   . HOH D 4 .   ? -14.388 7.455   -0.885  1.00 52.39  ? 379 HOH A O   1 
HETATM 958 O O   . HOH D 4 .   ? -11.153 1.388   -19.552 1.00 56.55  ? 380 HOH A O   1 
HETATM 959 O O   . HOH D 4 .   ? -11.692 -7.162  2.596   1.00 57.04  ? 381 HOH A O   1 
HETATM 960 O O   . HOH D 4 .   ? -2.284  -1.283  -15.674 1.00 53.02  ? 382 HOH A O   1 
HETATM 961 O O   . HOH D 4 .   ? -0.073  -11.717 18.645  1.00 61.99  ? 383 HOH A O   1 
HETATM 962 O O   . HOH D 4 .   ? -2.038  -10.452 -9.457  1.00 50.02  ? 384 HOH A O   1 
HETATM 963 O O   . HOH D 4 .   ? -3.870  8.636   7.658   1.00 44.93  ? 385 HOH A O   1 
HETATM 964 O O   . HOH D 4 .   ? -9.085  12.276  -12.360 1.00 53.36  ? 386 HOH A O   1 
HETATM 965 O O   . HOH D 4 .   ? 15.825  1.862   12.548  1.00 34.76  ? 387 HOH A O   1 
HETATM 966 O O   . HOH D 4 .   ? 19.636  -0.745  3.781   1.00 46.76  ? 388 HOH A O   1 
HETATM 967 O O   . HOH D 4 .   ? -9.222  -1.414  -1.837  1.00 45.96  ? 389 HOH A O   1 
HETATM 968 O O   . HOH D 4 .   ? 0.773   7.726   -21.551 1.00 55.93  ? 390 HOH A O   1 
HETATM 969 O O   . HOH D 4 .   ? 18.606  -5.791  3.858   0.50 59.09  ? 391 HOH A O   1 
HETATM 970 O O   . HOH D 4 .   ? -14.014 4.764   -1.556  1.00 63.29  ? 392 HOH A O   1 
HETATM 971 O O   . HOH D 4 .   ? 3.615   5.200   10.713  1.00 45.75  ? 393 HOH A O   1 
HETATM 972 O O   . HOH D 4 .   ? 19.889  1.641   8.086   1.00 83.75  ? 394 HOH A O   1 
# 
